data_3Q7H
#
_entry.id   3Q7H
#
_cell.length_a   101.912
_cell.length_b   137.469
_cell.length_c   127.784
_cell.angle_alpha   90.0
_cell.angle_beta   109.03
_cell.angle_gamma   90.0
#
_symmetry.space_group_name_H-M   'P 1 21 1'
#
loop_
_entity.id
_entity.type
_entity.pdbx_description
1 polymer 'ATP-dependent Clp protease proteolytic subunit'
2 non-polymer DI(HYDROXYETHYL)ETHER
3 non-polymer 'CALCIUM ION'
4 water water
#
_entity_poly.entity_id   1
_entity_poly.type   'polypeptide(L)'
_entity_poly.pdbx_seq_one_letter_code
;(MSE)SVLVP(MSE)VVEQTSRGERAYDIYSRLLKDRVIFLVGQVEDH(MSE)ANLAIAQ(MSE)LFLESENPNKDINLY
INSPGGAVTSA(MSE)AIYDT(MSE)QFVKPDVRTLCIGQAASAGALLLAGGAKGKRHCLPHSSV(MSE)IHQVLGGYQG
QGTDIQIHAKQTQRVSDQLNQILAKHTGKDIERVEKDTNRDYFLTPEEAVEYGLIDSIFKERP
;
_entity_poly.pdbx_strand_id   A,B,C,D,E,F,G,H,I,J,K,L,M,N
#
# COMPACT_ATOMS: atom_id res chain seq x y z
N LEU A 4 44.25 -12.40 -4.25
CA LEU A 4 43.11 -13.16 -4.76
C LEU A 4 41.75 -12.49 -4.55
N VAL A 5 41.74 -11.28 -3.98
CA VAL A 5 40.49 -10.56 -3.73
C VAL A 5 39.91 -9.99 -5.02
N PRO A 6 38.58 -10.10 -5.22
CA PRO A 6 37.94 -9.60 -6.44
C PRO A 6 38.11 -8.09 -6.64
N VAL A 8 36.31 -4.74 -8.13
CA VAL A 8 35.11 -4.10 -8.68
C VAL A 8 35.21 -2.58 -8.63
N VAL A 9 34.45 -1.91 -9.48
CA VAL A 9 34.27 -0.48 -9.39
C VAL A 9 33.33 -0.23 -8.22
N GLU A 10 32.24 -0.98 -8.20
CA GLU A 10 31.26 -0.81 -7.15
C GLU A 10 30.64 -2.15 -6.72
N GLN A 11 30.28 -2.26 -5.45
CA GLN A 11 29.61 -3.45 -4.95
C GLN A 11 28.22 -3.09 -4.43
N ALA A 18 35.40 -7.99 -3.18
CA ALA A 18 34.71 -6.84 -2.61
C ALA A 18 35.61 -5.60 -2.57
N TYR A 19 36.69 -5.61 -3.36
CA TYR A 19 37.69 -4.53 -3.39
C TYR A 19 37.31 -3.43 -4.39
N ASP A 20 36.51 -2.49 -3.92
CA ASP A 20 35.89 -1.50 -4.79
C ASP A 20 36.80 -0.29 -5.04
N ILE A 21 36.33 0.63 -5.88
CA ILE A 21 37.12 1.78 -6.27
C ILE A 21 37.49 2.64 -5.06
N TYR A 22 36.56 2.79 -4.11
CA TYR A 22 36.83 3.57 -2.90
C TYR A 22 37.87 2.98 -1.98
N SER A 23 37.96 1.65 -1.95
CA SER A 23 38.94 0.99 -1.10
C SER A 23 40.30 1.15 -1.73
N ARG A 24 40.35 1.11 -3.06
CA ARG A 24 41.59 1.39 -3.77
C ARG A 24 42.11 2.80 -3.51
N LEU A 25 41.23 3.80 -3.46
CA LEU A 25 41.66 5.15 -3.19
C LEU A 25 42.05 5.33 -1.73
N LEU A 26 41.50 4.49 -0.87
CA LEU A 26 41.80 4.57 0.56
C LEU A 26 43.26 4.23 0.83
N LYS A 27 43.81 3.39 -0.04
CA LYS A 27 45.23 3.06 -0.03
C LYS A 27 46.10 4.29 -0.25
N ASP A 28 45.55 5.27 -0.97
CA ASP A 28 46.24 6.55 -1.18
C ASP A 28 45.82 7.60 -0.16
N ARG A 29 45.23 7.16 0.95
CA ARG A 29 44.77 8.06 2.01
C ARG A 29 43.71 9.05 1.53
N VAL A 30 42.87 8.60 0.61
CA VAL A 30 41.72 9.40 0.21
C VAL A 30 40.45 8.79 0.77
N ILE A 31 39.67 9.63 1.45
CA ILE A 31 38.37 9.25 1.95
C ILE A 31 37.31 10.08 1.24
N PHE A 32 36.23 9.42 0.83
CA PHE A 32 35.09 10.11 0.21
C PHE A 32 33.96 10.31 1.21
N LEU A 33 33.46 11.53 1.26
CA LEU A 33 32.35 11.87 2.12
C LEU A 33 31.26 12.40 1.20
N VAL A 34 30.31 11.53 0.86
CA VAL A 34 29.37 11.87 -0.19
C VAL A 34 27.97 11.50 0.21
N GLY A 35 26.99 12.16 -0.41
CA GLY A 35 25.60 11.91 -0.09
C GLY A 35 25.16 12.67 1.15
N GLN A 36 24.00 12.31 1.68
CA GLN A 36 23.52 12.91 2.93
C GLN A 36 24.44 12.52 4.06
N VAL A 37 24.90 13.52 4.81
CA VAL A 37 25.66 13.25 6.03
C VAL A 37 24.74 12.74 7.12
N GLU A 38 24.78 11.44 7.38
CA GLU A 38 23.95 10.81 8.39
C GLU A 38 24.81 9.81 9.13
N ASP A 39 24.32 9.30 10.26
CA ASP A 39 25.15 8.49 11.15
C ASP A 39 25.92 7.32 10.51
N HIS A 40 25.24 6.54 9.68
CA HIS A 40 25.86 5.35 9.11
C HIS A 40 27.15 5.75 8.37
N ALA A 42 28.66 8.46 8.54
CA ALA A 42 29.52 9.26 9.41
C ALA A 42 30.52 8.34 10.09
N ASN A 43 30.02 7.26 10.68
CA ASN A 43 30.88 6.32 11.37
C ASN A 43 31.85 5.59 10.47
N LEU A 44 31.43 5.34 9.22
CA LEU A 44 32.33 4.69 8.28
C LEU A 44 33.47 5.63 7.96
N ALA A 45 33.18 6.92 7.83
CA ALA A 45 34.21 7.90 7.51
C ALA A 45 35.19 7.97 8.68
N ILE A 46 34.65 8.05 9.89
CA ILE A 46 35.47 8.09 11.08
C ILE A 46 36.36 6.83 11.16
N ALA A 47 35.82 5.67 10.79
CA ALA A 47 36.58 4.44 10.86
C ALA A 47 37.79 4.46 9.93
N GLN A 48 37.61 5.01 8.74
CA GLN A 48 38.70 5.13 7.75
C GLN A 48 39.78 6.08 8.24
N LEU A 50 40.52 6.62 11.44
CA LEU A 50 41.25 5.87 12.46
C LEU A 50 42.11 4.81 11.80
N PHE A 51 41.59 4.15 10.78
CA PHE A 51 42.43 3.21 10.05
C PHE A 51 43.66 3.91 9.44
N LEU A 52 43.46 5.06 8.83
CA LEU A 52 44.55 5.74 8.15
C LEU A 52 45.60 6.23 9.14
N GLU A 53 45.11 6.70 10.28
CA GLU A 53 45.97 7.09 11.40
C GLU A 53 46.81 5.92 11.87
N SER A 54 46.18 4.75 11.94
CA SER A 54 46.84 3.55 12.42
C SER A 54 47.97 3.13 11.49
N GLU A 55 47.77 3.27 10.18
CA GLU A 55 48.79 2.93 9.19
C GLU A 55 49.98 3.86 9.26
N ASN A 56 49.69 5.15 9.33
CA ASN A 56 50.71 6.19 9.36
C ASN A 56 50.15 7.47 9.99
N PRO A 57 50.52 7.73 11.24
CA PRO A 57 49.93 8.88 11.94
C PRO A 57 50.55 10.18 11.48
N ASN A 58 51.45 10.12 10.51
CA ASN A 58 52.15 11.31 10.10
C ASN A 58 51.81 11.86 8.74
N LYS A 59 51.32 11.00 7.85
CA LYS A 59 50.94 11.48 6.53
C LYS A 59 49.52 12.05 6.50
N ASP A 60 49.35 13.11 5.75
CA ASP A 60 48.04 13.72 5.55
C ASP A 60 46.96 12.70 5.17
N ILE A 61 45.72 13.00 5.59
CA ILE A 61 44.54 12.25 5.19
C ILE A 61 43.77 13.15 4.27
N ASN A 62 43.26 12.61 3.16
CA ASN A 62 42.56 13.42 2.18
C ASN A 62 41.05 13.20 2.14
N LEU A 63 40.30 14.20 2.59
CA LEU A 63 38.86 14.09 2.69
C LEU A 63 38.23 14.79 1.48
N TYR A 64 37.66 14.00 0.56
CA TYR A 64 36.96 14.59 -0.58
C TYR A 64 35.46 14.68 -0.30
N ILE A 65 34.91 15.89 -0.39
CA ILE A 65 33.52 16.13 0.01
C ILE A 65 32.56 16.45 -1.15
N ASN A 66 31.47 15.72 -1.20
CA ASN A 66 30.39 16.02 -2.15
C ASN A 66 29.05 15.66 -1.53
N SER A 67 28.55 16.56 -0.68
CA SER A 67 27.37 16.31 0.13
C SER A 67 26.37 17.48 0.09
N PRO A 68 25.17 17.24 -0.47
CA PRO A 68 24.16 18.29 -0.67
C PRO A 68 23.21 18.41 0.51
N GLY A 69 23.52 17.76 1.63
CA GLY A 69 22.66 17.85 2.81
C GLY A 69 22.97 16.89 3.94
N GLY A 70 22.10 16.86 4.94
CA GLY A 70 22.28 16.00 6.10
C GLY A 70 22.45 16.77 7.40
N ALA A 71 22.42 16.05 8.51
CA ALA A 71 22.32 16.67 9.83
C ALA A 71 23.65 17.05 10.49
N VAL A 72 23.73 18.31 10.90
CA VAL A 72 24.89 18.81 11.63
C VAL A 72 25.28 17.97 12.85
N THR A 73 24.31 17.50 13.64
CA THR A 73 24.65 16.57 14.72
C THR A 73 25.48 15.37 14.24
N SER A 74 25.24 14.88 13.03
CA SER A 74 26.05 13.77 12.54
C SER A 74 27.46 14.25 12.18
N ALA A 75 27.53 15.34 11.44
CA ALA A 75 28.82 15.88 11.03
C ALA A 75 29.70 16.11 12.24
N ALA A 77 30.35 14.43 14.93
CA ALA A 77 31.24 13.34 15.25
C ALA A 77 32.42 13.29 14.26
N ILE A 78 32.14 13.50 12.97
CA ILE A 78 33.23 13.47 11.98
C ILE A 78 34.22 14.60 12.26
N TYR A 79 33.69 15.77 12.57
CA TYR A 79 34.52 16.93 12.87
C TYR A 79 35.49 16.62 13.99
N ASP A 80 34.95 16.17 15.12
CA ASP A 80 35.74 15.86 16.30
C ASP A 80 36.79 14.80 15.99
N THR A 81 36.41 13.82 15.19
CA THR A 81 37.34 12.78 14.81
C THR A 81 38.51 13.42 14.06
N GLN A 83 39.79 16.36 14.36
CA GLN A 83 40.72 17.04 15.24
C GLN A 83 41.44 16.03 16.16
N PHE A 84 40.76 14.93 16.43
CA PHE A 84 41.30 13.87 17.28
C PHE A 84 42.50 13.14 16.65
N VAL A 85 42.34 12.65 15.42
CA VAL A 85 43.43 11.88 14.79
C VAL A 85 44.69 12.73 14.53
N LYS A 86 45.84 12.11 14.65
CA LYS A 86 47.09 12.83 14.49
C LYS A 86 47.27 13.47 13.10
N PRO A 87 47.01 12.71 12.03
CA PRO A 87 47.36 13.27 10.73
C PRO A 87 46.56 14.53 10.42
N ASP A 88 47.20 15.51 9.77
CA ASP A 88 46.51 16.63 9.16
C ASP A 88 45.45 16.11 8.19
N VAL A 89 44.23 16.63 8.30
CA VAL A 89 43.20 16.29 7.34
C VAL A 89 43.02 17.42 6.34
N ARG A 90 43.38 17.17 5.09
CA ARG A 90 43.15 18.13 4.03
C ARG A 90 41.73 17.93 3.46
N THR A 91 41.01 19.02 3.24
CA THR A 91 39.65 18.91 2.75
C THR A 91 39.48 19.56 1.37
N LEU A 92 38.85 18.83 0.46
CA LEU A 92 38.52 19.39 -0.82
C LEU A 92 37.04 19.19 -1.12
N CYS A 93 36.36 20.26 -1.49
CA CYS A 93 34.99 20.13 -1.92
C CYS A 93 34.99 19.98 -3.43
N ILE A 94 34.77 18.76 -3.89
CA ILE A 94 34.63 18.46 -5.30
C ILE A 94 33.37 18.98 -5.98
N GLY A 95 32.24 18.94 -5.27
CA GLY A 95 31.01 19.46 -5.85
C GLY A 95 30.16 20.29 -4.92
N GLN A 96 29.59 19.65 -3.92
CA GLN A 96 28.67 20.31 -3.03
C GLN A 96 29.10 20.16 -1.60
N ALA A 97 28.93 21.22 -0.84
CA ALA A 97 29.09 21.16 0.58
C ALA A 97 27.96 21.96 1.18
N ALA A 98 26.90 21.28 1.57
CA ALA A 98 25.77 21.90 2.21
C ALA A 98 26.18 22.00 3.66
N SER A 99 25.28 22.34 4.54
CA SER A 99 25.73 22.74 5.84
C SER A 99 26.54 21.76 6.68
N ALA A 100 26.15 20.51 6.80
CA ALA A 100 27.01 19.60 7.54
C ALA A 100 28.34 19.40 6.82
N GLY A 101 28.28 19.25 5.50
CA GLY A 101 29.48 19.07 4.70
C GLY A 101 30.40 20.28 4.72
N ALA A 102 29.84 21.47 4.87
CA ALA A 102 30.60 22.71 4.90
C ALA A 102 31.35 22.86 6.21
N LEU A 103 30.75 22.33 7.26
CA LEU A 103 31.39 22.28 8.56
C LEU A 103 32.67 21.45 8.45
N LEU A 104 32.59 20.30 7.81
CA LEU A 104 33.77 19.43 7.67
C LEU A 104 34.80 20.03 6.72
N LEU A 105 34.31 20.59 5.61
CA LEU A 105 35.14 21.40 4.73
C LEU A 105 35.95 22.42 5.54
N ALA A 106 35.23 23.31 6.23
CA ALA A 106 35.89 24.37 7.02
C ALA A 106 36.83 23.84 8.10
N GLY A 107 36.51 22.67 8.66
CA GLY A 107 37.25 22.16 9.79
C GLY A 107 38.53 21.40 9.45
N GLY A 108 38.89 21.35 8.17
CA GLY A 108 40.16 20.74 7.78
C GLY A 108 41.36 21.51 8.34
N ALA A 109 42.56 21.02 8.06
CA ALA A 109 43.78 21.65 8.58
C ALA A 109 44.06 23.00 7.96
N LYS A 110 44.54 23.93 8.78
CA LYS A 110 44.98 25.25 8.30
C LYS A 110 45.79 25.19 7.02
N GLY A 111 45.28 25.84 5.98
CA GLY A 111 45.99 25.96 4.73
C GLY A 111 45.62 24.87 3.75
N LYS A 112 44.84 23.90 4.21
CA LYS A 112 44.61 22.68 3.44
C LYS A 112 43.13 22.39 3.16
N ARG A 113 42.37 23.46 2.91
CA ARG A 113 40.94 23.38 2.64
C ARG A 113 40.72 24.04 1.28
N HIS A 114 40.06 23.33 0.37
CA HIS A 114 40.00 23.80 -1.01
C HIS A 114 38.66 23.49 -1.64
N CYS A 115 38.38 24.10 -2.78
CA CYS A 115 37.25 23.64 -3.57
C CYS A 115 37.56 23.75 -5.05
N LEU A 116 36.73 23.13 -5.87
CA LEU A 116 36.87 23.25 -7.31
C LEU A 116 36.05 24.44 -7.80
N PRO A 117 36.31 24.93 -9.02
CA PRO A 117 35.71 26.21 -9.43
C PRO A 117 34.19 26.26 -9.52
N HIS A 118 33.51 25.15 -9.73
CA HIS A 118 32.04 25.19 -9.75
C HIS A 118 31.42 24.57 -8.52
N SER A 119 32.24 24.44 -7.47
CA SER A 119 31.75 23.97 -6.19
C SER A 119 30.69 24.89 -5.62
N SER A 120 29.81 24.30 -4.83
CA SER A 120 28.75 25.05 -4.20
C SER A 120 28.91 24.85 -2.70
N VAL A 121 29.26 25.92 -1.99
CA VAL A 121 29.26 25.84 -0.55
C VAL A 121 28.07 26.60 0.02
N ILE A 123 25.99 27.33 3.95
CA ILE A 123 25.82 27.17 5.40
C ILE A 123 24.44 27.66 5.87
N HIS A 124 23.96 27.10 6.98
CA HIS A 124 22.72 27.53 7.64
C HIS A 124 22.69 26.97 9.05
N GLN A 125 21.83 27.52 9.90
CA GLN A 125 21.71 27.09 11.29
C GLN A 125 21.21 25.65 11.43
N VAL A 126 21.40 25.05 12.61
CA VAL A 126 20.93 23.69 12.85
C VAL A 126 19.40 23.55 12.72
N LEU A 127 18.98 22.39 12.23
CA LEU A 127 17.59 22.02 12.19
C LEU A 127 17.32 21.07 13.35
N GLY A 128 16.07 21.03 13.80
CA GLY A 128 15.71 20.14 14.87
C GLY A 128 14.23 19.85 14.90
N GLY A 129 13.82 19.14 15.94
CA GLY A 129 12.41 18.88 16.14
C GLY A 129 12.19 18.00 17.34
N TYR A 130 11.08 18.24 18.03
CA TYR A 130 10.68 17.34 19.09
C TYR A 130 9.17 17.31 19.20
N GLN A 131 8.65 16.26 19.81
CA GLN A 131 7.23 16.13 20.01
C GLN A 131 6.95 15.44 21.32
N GLY A 132 6.17 16.07 22.17
CA GLY A 132 5.76 15.45 23.42
C GLY A 132 5.27 16.49 24.39
N GLN A 133 5.53 16.25 25.67
CA GLN A 133 5.10 17.13 26.74
C GLN A 133 5.89 18.43 26.73
N GLY A 134 5.22 19.51 27.11
CA GLY A 134 5.83 20.82 27.24
C GLY A 134 7.21 20.84 27.90
N THR A 135 7.29 20.27 29.09
CA THR A 135 8.55 20.12 29.82
C THR A 135 9.66 19.54 28.96
N ASP A 136 9.36 18.46 28.22
CA ASP A 136 10.37 17.86 27.35
C ASP A 136 10.67 18.71 26.13
N ILE A 137 9.67 19.44 25.65
CA ILE A 137 9.92 20.34 24.54
C ILE A 137 10.98 21.36 24.96
N GLN A 138 10.88 21.85 26.19
CA GLN A 138 11.80 22.87 26.65
C GLN A 138 13.18 22.26 26.76
N ILE A 139 13.25 21.06 27.31
CA ILE A 139 14.52 20.38 27.49
C ILE A 139 15.21 20.22 26.15
N HIS A 140 14.44 19.86 25.12
CA HIS A 140 15.04 19.61 23.82
C HIS A 140 15.31 20.91 23.05
N ALA A 141 14.46 21.91 23.23
CA ALA A 141 14.73 23.23 22.70
C ALA A 141 16.04 23.79 23.26
N LYS A 142 16.31 23.55 24.55
CA LYS A 142 17.58 24.04 25.12
C LYS A 142 18.78 23.37 24.48
N GLN A 143 18.65 22.07 24.18
CA GLN A 143 19.79 21.33 23.67
C GLN A 143 20.03 21.72 22.21
N THR A 144 18.96 22.00 21.49
CA THR A 144 19.08 22.50 20.13
C THR A 144 19.82 23.84 20.08
N GLN A 145 19.58 24.69 21.08
CA GLN A 145 20.25 25.97 21.14
C GLN A 145 21.74 25.76 21.42
N ARG A 146 22.06 24.78 22.26
CA ARG A 146 23.47 24.48 22.53
C ARG A 146 24.20 23.95 21.28
N VAL A 147 23.53 23.07 20.55
CA VAL A 147 24.11 22.52 19.32
C VAL A 147 24.30 23.65 18.33
N SER A 148 23.31 24.52 18.26
CA SER A 148 23.39 25.69 17.40
C SER A 148 24.55 26.62 17.77
N ASP A 149 24.75 26.87 19.06
CA ASP A 149 25.92 27.66 19.47
C ASP A 149 27.22 26.93 19.13
N GLN A 150 27.25 25.61 19.29
CA GLN A 150 28.45 24.86 18.96
C GLN A 150 28.82 25.02 17.48
N LEU A 151 27.83 24.96 16.60
CA LEU A 151 28.09 25.12 15.17
C LEU A 151 28.71 26.49 14.89
N ASN A 152 28.12 27.53 15.45
CA ASN A 152 28.65 28.88 15.31
C ASN A 152 30.09 29.00 15.79
N GLN A 153 30.37 28.41 16.95
CA GLN A 153 31.69 28.53 17.54
C GLN A 153 32.74 27.89 16.65
N ILE A 154 32.42 26.73 16.10
CA ILE A 154 33.35 25.99 15.27
C ILE A 154 33.64 26.73 13.97
N LEU A 155 32.57 27.17 13.31
CA LEU A 155 32.74 27.97 12.10
C LEU A 155 33.56 29.23 12.37
N ALA A 156 33.28 29.89 13.49
CA ALA A 156 34.02 31.06 13.89
C ALA A 156 35.51 30.75 14.03
N LYS A 157 35.79 29.69 14.79
CA LYS A 157 37.17 29.31 15.04
C LYS A 157 37.91 29.10 13.72
N HIS A 158 37.32 28.35 12.80
CA HIS A 158 38.02 27.99 11.58
C HIS A 158 38.04 29.07 10.48
N THR A 159 37.09 30.00 10.53
CA THR A 159 37.03 31.07 9.51
C THR A 159 37.67 32.38 9.96
N GLY A 160 37.69 32.62 11.28
CA GLY A 160 38.18 33.88 11.81
C GLY A 160 37.10 34.92 11.98
N LYS A 161 35.88 34.57 11.62
CA LYS A 161 34.76 35.48 11.81
C LYS A 161 34.35 35.51 13.28
N ASP A 162 33.57 36.52 13.65
CA ASP A 162 32.97 36.58 14.98
C ASP A 162 31.79 35.62 15.06
N ILE A 163 31.63 34.98 16.21
CA ILE A 163 30.48 34.14 16.47
C ILE A 163 29.16 34.82 16.08
N GLU A 164 29.00 36.10 16.41
CA GLU A 164 27.75 36.78 16.14
C GLU A 164 27.53 36.90 14.64
N ARG A 165 28.61 37.10 13.92
CA ARG A 165 28.56 37.33 12.48
C ARG A 165 28.13 36.05 11.77
N VAL A 166 28.81 34.95 12.11
CA VAL A 166 28.40 33.62 11.69
C VAL A 166 26.93 33.34 12.02
N GLU A 167 26.53 33.63 13.25
CA GLU A 167 25.17 33.42 13.70
C GLU A 167 24.22 34.14 12.75
N LYS A 168 24.49 35.42 12.51
CA LYS A 168 23.65 36.20 11.62
C LYS A 168 23.62 35.65 10.19
N ASP A 169 24.77 35.19 9.70
CA ASP A 169 24.84 34.74 8.31
C ASP A 169 24.16 33.40 8.05
N THR A 170 24.10 32.55 9.08
CA THR A 170 23.54 31.22 8.95
C THR A 170 22.08 31.18 9.36
N ASN A 171 21.55 32.32 9.74
CA ASN A 171 20.14 32.40 10.04
C ASN A 171 19.30 31.79 8.92
N ARG A 172 19.65 32.08 7.67
CA ARG A 172 19.00 31.42 6.54
C ARG A 172 20.02 30.81 5.60
N ASP A 173 19.58 29.91 4.72
CA ASP A 173 20.50 29.34 3.75
C ASP A 173 21.41 30.42 3.15
N TYR A 174 22.70 30.23 3.32
CA TYR A 174 23.68 31.19 2.86
C TYR A 174 24.62 30.48 1.88
N PHE A 175 24.44 30.74 0.59
CA PHE A 175 25.27 30.16 -0.45
C PHE A 175 26.49 31.03 -0.67
N LEU A 176 27.63 30.38 -0.90
CA LEU A 176 28.88 31.07 -1.14
C LEU A 176 29.55 30.53 -2.39
N THR A 177 29.93 31.43 -3.29
CA THR A 177 30.71 31.01 -4.46
C THR A 177 32.09 30.58 -3.96
N PRO A 178 32.85 29.87 -4.78
CA PRO A 178 34.20 29.55 -4.27
C PRO A 178 34.96 30.80 -3.78
N GLU A 179 34.93 31.88 -4.56
CA GLU A 179 35.67 33.09 -4.19
C GLU A 179 35.17 33.69 -2.89
N GLU A 180 33.86 33.71 -2.72
CA GLU A 180 33.27 34.21 -1.48
C GLU A 180 33.67 33.34 -0.29
N ALA A 181 33.86 32.06 -0.55
CA ALA A 181 34.21 31.11 0.49
C ALA A 181 35.67 31.28 0.92
N VAL A 182 36.54 31.70 -0.01
CA VAL A 182 37.92 32.00 0.34
C VAL A 182 37.92 33.25 1.19
N GLU A 183 37.18 34.24 0.71
CA GLU A 183 37.05 35.53 1.39
C GLU A 183 36.43 35.35 2.78
N TYR A 184 35.44 34.47 2.88
CA TYR A 184 34.80 34.21 4.15
C TYR A 184 35.71 33.48 5.15
N GLY A 185 36.62 32.66 4.65
CA GLY A 185 37.53 31.89 5.50
C GLY A 185 37.17 30.40 5.64
N LEU A 186 36.17 29.96 4.88
CA LEU A 186 35.72 28.57 4.93
C LEU A 186 36.73 27.63 4.28
N ILE A 187 37.31 28.07 3.17
CA ILE A 187 38.38 27.35 2.51
C ILE A 187 39.55 28.31 2.34
N ASP A 188 40.71 27.76 2.02
CA ASP A 188 41.92 28.56 1.85
C ASP A 188 42.24 28.91 0.39
N SER A 189 41.84 28.06 -0.55
CA SER A 189 42.06 28.34 -1.97
C SER A 189 41.22 27.48 -2.90
N ILE A 190 41.07 27.97 -4.13
CA ILE A 190 40.41 27.22 -5.19
C ILE A 190 41.43 26.60 -6.14
N PHE A 191 41.12 25.43 -6.68
CA PHE A 191 41.95 24.77 -7.68
C PHE A 191 41.25 24.79 -9.02
N LYS A 192 41.89 25.39 -10.03
CA LYS A 192 41.41 25.22 -11.41
C LYS A 192 41.74 23.80 -11.82
N GLU A 193 43.03 23.52 -11.90
CA GLU A 193 43.54 22.17 -12.12
C GLU A 193 44.49 21.83 -10.97
N ARG A 194 44.81 20.55 -10.79
CA ARG A 194 45.63 20.19 -9.63
C ARG A 194 47.08 20.68 -9.73
N PRO A 195 47.51 21.40 -8.69
CA PRO A 195 48.88 21.91 -8.59
C PRO A 195 49.87 20.75 -8.57
N VAL B 3 -22.26 2.78 15.88
CA VAL B 3 -23.39 2.45 15.01
C VAL B 3 -23.80 3.64 14.15
N LEU B 4 -24.82 3.47 13.33
CA LEU B 4 -25.38 4.58 12.57
C LEU B 4 -26.29 5.38 13.51
N VAL B 5 -26.59 6.63 13.15
CA VAL B 5 -27.21 7.57 14.09
C VAL B 5 -28.74 7.53 14.10
N PRO B 6 -29.34 7.11 15.22
CA PRO B 6 -30.79 6.90 15.26
C PRO B 6 -31.58 8.17 15.05
N VAL B 8 -35.33 10.33 15.44
CA VAL B 8 -36.57 10.47 16.20
C VAL B 8 -37.56 11.21 15.30
N VAL B 9 -38.68 10.58 14.99
CA VAL B 9 -39.70 11.25 14.18
C VAL B 9 -40.88 11.65 15.07
N GLU B 10 -41.13 12.95 15.17
CA GLU B 10 -42.30 13.40 15.89
C GLU B 10 -43.45 13.63 14.94
N GLN B 11 -44.47 12.79 15.05
CA GLN B 11 -45.68 12.90 14.26
C GLN B 11 -46.47 14.08 14.78
N THR B 12 -47.08 14.84 13.90
CA THR B 12 -47.92 15.95 14.33
C THR B 12 -49.14 16.12 13.43
N SER B 13 -50.22 16.69 13.97
CA SER B 13 -51.40 16.99 13.16
C SER B 13 -50.97 17.84 11.97
N ARG B 14 -49.95 18.67 12.20
CA ARG B 14 -49.39 19.52 11.16
C ARG B 14 -48.70 18.68 10.09
N GLY B 15 -48.02 17.63 10.51
CA GLY B 15 -47.26 16.77 9.62
C GLY B 15 -46.36 15.87 10.43
N GLU B 16 -45.09 15.75 10.01
CA GLU B 16 -44.09 15.09 10.85
C GLU B 16 -42.65 15.57 10.59
N ARG B 17 -41.86 15.64 11.66
CA ARG B 17 -40.50 16.17 11.58
C ARG B 17 -39.48 15.12 12.01
N ALA B 18 -38.27 15.20 11.44
CA ALA B 18 -37.23 14.22 11.72
C ALA B 18 -35.94 14.81 12.30
N TYR B 19 -35.48 14.24 13.41
CA TYR B 19 -34.27 14.66 14.10
C TYR B 19 -33.31 13.48 14.28
N ASP B 20 -32.00 13.71 14.11
CA ASP B 20 -31.06 12.73 14.63
C ASP B 20 -31.12 12.85 16.14
N ILE B 21 -30.57 11.88 16.84
CA ILE B 21 -30.78 11.79 18.29
C ILE B 21 -30.17 13.00 19.01
N TYR B 22 -28.99 13.42 18.56
CA TYR B 22 -28.29 14.58 19.09
C TYR B 22 -29.01 15.92 18.91
N SER B 23 -29.63 16.12 17.76
CA SER B 23 -30.41 17.32 17.51
C SER B 23 -31.66 17.32 18.36
N ARG B 24 -32.20 16.14 18.62
CA ARG B 24 -33.37 16.03 19.48
C ARG B 24 -32.99 16.42 20.89
N LEU B 25 -31.83 15.97 21.37
CA LEU B 25 -31.36 16.38 22.70
C LEU B 25 -30.93 17.85 22.76
N LEU B 26 -30.54 18.42 21.62
CA LEU B 26 -30.24 19.84 21.55
C LEU B 26 -31.50 20.63 21.95
N LYS B 27 -32.66 20.15 21.50
CA LYS B 27 -33.93 20.77 21.85
C LYS B 27 -34.06 20.93 23.36
N ASP B 28 -33.41 20.05 24.12
CA ASP B 28 -33.49 20.10 25.57
C ASP B 28 -32.24 20.78 26.17
N ARG B 29 -31.51 21.50 25.32
CA ARG B 29 -30.33 22.25 25.72
C ARG B 29 -29.21 21.36 26.25
N VAL B 30 -29.17 20.13 25.74
CA VAL B 30 -28.07 19.21 26.00
C VAL B 30 -27.14 19.13 24.77
N ILE B 31 -25.85 19.29 25.01
CA ILE B 31 -24.83 19.17 23.98
C ILE B 31 -23.87 18.05 24.38
N PHE B 32 -23.52 17.20 23.42
CA PHE B 32 -22.55 16.15 23.68
C PHE B 32 -21.18 16.54 23.20
N LEU B 33 -20.21 16.38 24.10
CA LEU B 33 -18.81 16.60 23.79
C LEU B 33 -18.09 15.25 23.92
N VAL B 34 -17.93 14.54 22.82
CA VAL B 34 -17.49 13.17 22.91
C VAL B 34 -16.39 12.88 21.90
N GLY B 35 -15.65 11.81 22.13
CA GLY B 35 -14.51 11.49 21.31
C GLY B 35 -13.28 12.33 21.64
N GLN B 36 -12.28 12.26 20.77
CA GLN B 36 -11.12 13.15 20.86
C GLN B 36 -11.56 14.59 20.68
N VAL B 37 -11.16 15.46 21.59
CA VAL B 37 -11.38 16.86 21.38
C VAL B 37 -10.45 17.35 20.29
N GLU B 38 -11.01 17.73 19.15
CA GLU B 38 -10.19 18.30 18.08
C GLU B 38 -10.95 19.41 17.40
N ASP B 39 -10.34 20.09 16.44
CA ASP B 39 -10.94 21.32 15.94
C ASP B 39 -12.32 21.15 15.35
N HIS B 40 -12.55 20.06 14.63
CA HIS B 40 -13.83 19.86 13.93
C HIS B 40 -15.00 19.80 14.90
N ALA B 42 -14.87 20.59 17.95
CA ALA B 42 -14.84 21.73 18.86
C ALA B 42 -15.77 22.78 18.30
N ASN B 43 -15.59 23.08 17.03
CA ASN B 43 -16.39 24.09 16.36
C ASN B 43 -17.88 23.77 16.33
N LEU B 44 -18.23 22.51 16.10
CA LEU B 44 -19.63 22.10 16.18
C LEU B 44 -20.21 22.34 17.57
N ALA B 45 -19.42 22.09 18.60
CA ALA B 45 -19.87 22.32 19.97
C ALA B 45 -20.04 23.81 20.24
N ILE B 46 -19.12 24.62 19.71
CA ILE B 46 -19.22 26.07 19.89
C ILE B 46 -20.45 26.60 19.16
N ALA B 47 -20.67 26.15 17.93
CA ALA B 47 -21.88 26.52 17.19
C ALA B 47 -23.13 26.19 17.98
N GLN B 48 -23.18 24.99 18.56
CA GLN B 48 -24.35 24.57 19.31
C GLN B 48 -24.61 25.46 20.52
N LEU B 50 -23.73 28.65 20.75
CA LEU B 50 -24.20 29.92 20.18
C LEU B 50 -25.65 29.83 19.78
N PHE B 51 -26.04 28.74 19.14
CA PHE B 51 -27.44 28.50 18.81
C PHE B 51 -28.35 28.50 20.06
N LEU B 52 -28.01 27.71 21.07
CA LEU B 52 -28.80 27.67 22.31
C LEU B 52 -28.90 29.05 22.99
N GLU B 53 -27.84 29.83 22.88
CA GLU B 53 -27.83 31.17 23.47
C GLU B 53 -28.84 32.04 22.73
N SER B 54 -28.79 31.93 21.41
CA SER B 54 -29.73 32.58 20.52
C SER B 54 -31.19 32.25 20.88
N GLU B 55 -31.48 30.98 21.12
CA GLU B 55 -32.83 30.55 21.46
C GLU B 55 -33.29 31.12 22.79
N ASN B 56 -32.45 31.04 23.81
CA ASN B 56 -32.76 31.60 25.11
C ASN B 56 -31.48 31.89 25.87
N PRO B 57 -31.15 33.16 26.04
CA PRO B 57 -29.87 33.49 26.66
C PRO B 57 -29.87 33.27 28.16
N ASN B 58 -31.01 32.95 28.75
CA ASN B 58 -31.08 32.80 30.20
C ASN B 58 -31.21 31.38 30.77
N LYS B 59 -31.57 30.38 29.96
CA LYS B 59 -31.67 29.00 30.45
C LYS B 59 -30.33 28.30 30.40
N ASP B 60 -30.03 27.48 31.40
CA ASP B 60 -28.79 26.71 31.40
C ASP B 60 -28.60 25.92 30.09
N ILE B 61 -27.36 25.80 29.68
CA ILE B 61 -26.94 24.88 28.62
C ILE B 61 -26.31 23.68 29.33
N ASN B 62 -26.61 22.47 28.89
CA ASN B 62 -26.00 21.30 29.53
C ASN B 62 -24.98 20.63 28.64
N LEU B 63 -23.75 20.55 29.12
CA LEU B 63 -22.66 19.98 28.35
C LEU B 63 -22.29 18.60 28.91
N TYR B 64 -22.67 17.55 28.21
CA TYR B 64 -22.31 16.19 28.64
C TYR B 64 -20.97 15.77 28.01
N ILE B 65 -20.03 15.36 28.85
CA ILE B 65 -18.66 15.14 28.39
C ILE B 65 -18.22 13.67 28.49
N ASN B 66 -17.78 13.11 27.37
CA ASN B 66 -17.17 11.77 27.38
C ASN B 66 -16.02 11.74 26.40
N SER B 67 -14.87 12.19 26.85
CA SER B 67 -13.78 12.38 25.93
C SER B 67 -12.52 11.82 26.55
N PRO B 68 -11.93 10.82 25.89
CA PRO B 68 -10.78 10.14 26.49
C PRO B 68 -9.46 10.79 26.08
N GLY B 69 -9.50 11.85 25.27
CA GLY B 69 -8.28 12.57 24.89
C GLY B 69 -8.49 13.72 23.90
N GLY B 70 -7.37 14.25 23.39
CA GLY B 70 -7.38 15.32 22.41
C GLY B 70 -6.58 16.55 22.84
N ALA B 71 -6.45 17.52 21.96
CA ALA B 71 -5.51 18.63 22.20
C ALA B 71 -6.12 19.77 23.02
N VAL B 72 -5.36 20.26 24.00
CA VAL B 72 -5.78 21.40 24.82
C VAL B 72 -5.97 22.69 24.02
N THR B 73 -5.18 22.91 22.96
CA THR B 73 -5.42 24.07 22.11
C THR B 73 -6.81 24.06 21.44
N SER B 74 -7.30 22.88 21.07
CA SER B 74 -8.64 22.77 20.51
C SER B 74 -9.73 23.02 21.56
N ALA B 75 -9.48 22.62 22.80
CA ALA B 75 -10.44 22.81 23.89
C ALA B 75 -10.55 24.29 24.32
N ALA B 77 -10.74 26.98 22.65
CA ALA B 77 -11.79 27.66 21.91
C ALA B 77 -13.14 27.33 22.55
N ILE B 78 -13.33 26.08 22.95
CA ILE B 78 -14.60 25.70 23.58
C ILE B 78 -14.72 26.35 24.96
N TYR B 79 -13.64 26.31 25.74
CA TYR B 79 -13.61 26.96 27.05
C TYR B 79 -14.00 28.44 26.94
N ASP B 80 -13.41 29.15 26.00
CA ASP B 80 -13.70 30.57 25.85
C ASP B 80 -15.15 30.79 25.44
N THR B 81 -15.65 29.93 24.56
CA THR B 81 -17.05 30.02 24.17
C THR B 81 -17.97 29.84 25.38
N GLN B 83 -17.47 30.63 28.56
CA GLN B 83 -17.52 31.87 29.35
C GLN B 83 -18.17 33.00 28.59
N PHE B 84 -18.06 32.97 27.26
CA PHE B 84 -18.56 34.05 26.40
C PHE B 84 -20.08 34.06 26.28
N VAL B 85 -20.71 32.89 26.11
CA VAL B 85 -22.16 32.86 25.97
C VAL B 85 -22.84 33.20 27.30
N LYS B 86 -24.01 33.81 27.23
CA LYS B 86 -24.71 34.23 28.44
C LYS B 86 -25.11 33.07 29.39
N PRO B 87 -25.74 32.02 28.84
CA PRO B 87 -26.26 30.95 29.70
C PRO B 87 -25.17 30.35 30.58
N ASP B 88 -25.51 29.95 31.80
CA ASP B 88 -24.63 29.16 32.65
C ASP B 88 -24.40 27.86 31.94
N VAL B 89 -23.18 27.35 31.93
CA VAL B 89 -22.96 26.02 31.39
C VAL B 89 -22.70 25.00 32.46
N ARG B 90 -23.68 24.11 32.63
CA ARG B 90 -23.56 22.96 33.51
C ARG B 90 -22.78 21.87 32.79
N THR B 91 -21.82 21.27 33.48
CA THR B 91 -21.04 20.19 32.91
C THR B 91 -21.17 18.88 33.68
N LEU B 92 -21.44 17.81 32.95
CA LEU B 92 -21.44 16.49 33.52
C LEU B 92 -20.50 15.56 32.76
N CYS B 93 -19.61 14.91 33.49
CA CYS B 93 -18.75 13.92 32.87
C CYS B 93 -19.46 12.58 32.98
N ILE B 94 -20.00 12.12 31.86
CA ILE B 94 -20.64 10.82 31.79
C ILE B 94 -19.68 9.62 31.90
N GLY B 95 -18.52 9.71 31.25
CA GLY B 95 -17.55 8.63 31.32
C GLY B 95 -16.10 9.00 31.51
N GLN B 96 -15.50 9.58 30.49
CA GLN B 96 -14.10 9.95 30.53
C GLN B 96 -13.94 11.44 30.33
N ALA B 97 -13.09 12.05 31.13
CA ALA B 97 -12.58 13.35 30.80
C ALA B 97 -11.06 13.37 30.94
N ALA B 98 -10.35 13.24 29.84
CA ALA B 98 -8.91 13.41 29.84
C ALA B 98 -8.59 14.89 29.85
N SER B 99 -7.31 15.23 29.75
CA SER B 99 -6.86 16.61 29.94
C SER B 99 -7.74 17.68 29.29
N ALA B 100 -7.94 17.62 27.97
CA ALA B 100 -8.76 18.63 27.32
C ALA B 100 -10.19 18.64 27.88
N GLY B 101 -10.81 17.47 27.96
CA GLY B 101 -12.14 17.35 28.51
C GLY B 101 -12.24 17.79 29.97
N ALA B 102 -11.22 17.46 30.74
CA ALA B 102 -11.13 17.87 32.15
C ALA B 102 -11.17 19.39 32.24
N LEU B 103 -10.53 20.04 31.28
CA LEU B 103 -10.51 21.48 31.24
C LEU B 103 -11.93 22.06 31.05
N LEU B 104 -12.68 21.50 30.10
CA LEU B 104 -14.04 21.96 29.90
C LEU B 104 -14.95 21.59 31.08
N LEU B 105 -14.75 20.41 31.66
CA LEU B 105 -15.52 19.98 32.82
C LEU B 105 -15.35 20.98 33.95
N ALA B 106 -14.10 21.33 34.23
CA ALA B 106 -13.81 22.19 35.36
C ALA B 106 -14.24 23.61 35.05
N GLY B 107 -14.33 23.91 33.76
CA GLY B 107 -14.68 25.26 33.31
C GLY B 107 -16.16 25.55 33.30
N GLY B 108 -16.97 24.61 33.81
CA GLY B 108 -18.40 24.82 33.90
C GLY B 108 -18.78 25.85 34.94
N ALA B 109 -20.02 26.33 34.91
CA ALA B 109 -20.42 27.38 35.84
C ALA B 109 -20.37 26.88 37.28
N LYS B 110 -19.99 27.77 38.19
CA LYS B 110 -19.81 27.42 39.60
C LYS B 110 -20.98 26.63 40.19
N GLY B 111 -20.66 25.53 40.84
CA GLY B 111 -21.68 24.70 41.48
C GLY B 111 -22.43 23.80 40.53
N LYS B 112 -22.08 23.86 39.24
CA LYS B 112 -22.83 23.11 38.22
C LYS B 112 -21.95 22.19 37.42
N ARG B 113 -20.95 21.62 38.09
CA ARG B 113 -20.00 20.71 37.49
C ARG B 113 -20.06 19.37 38.24
N HIS B 114 -20.26 18.28 37.50
CA HIS B 114 -20.53 16.98 38.11
C HIS B 114 -19.90 15.84 37.35
N CYS B 115 -19.92 14.66 37.96
CA CYS B 115 -19.62 13.43 37.23
C CYS B 115 -20.40 12.26 37.85
N LEU B 116 -20.37 11.12 37.17
CA LEU B 116 -21.03 9.89 37.61
C LEU B 116 -20.05 9.02 38.41
N PRO B 117 -20.56 7.99 39.13
CA PRO B 117 -19.72 7.30 40.13
C PRO B 117 -18.48 6.58 39.58
N HIS B 118 -18.48 6.20 38.30
CA HIS B 118 -17.33 5.53 37.70
C HIS B 118 -16.63 6.34 36.62
N SER B 119 -16.94 7.63 36.58
CA SER B 119 -16.25 8.52 35.68
C SER B 119 -14.75 8.52 35.99
N SER B 120 -13.97 8.85 34.98
CA SER B 120 -12.54 8.93 35.13
C SER B 120 -12.11 10.31 34.68
N VAL B 121 -11.52 11.05 35.60
CA VAL B 121 -11.04 12.37 35.31
C VAL B 121 -9.51 12.34 35.31
N ILE B 123 -5.91 14.81 34.33
CA ILE B 123 -5.28 16.04 33.85
C ILE B 123 -3.76 15.88 33.62
N HIS B 124 -3.25 16.60 32.63
CA HIS B 124 -1.82 16.64 32.35
C HIS B 124 -1.45 17.93 31.60
N GLN B 125 -0.16 18.27 31.60
CA GLN B 125 0.35 19.44 30.89
C GLN B 125 0.15 19.32 29.38
N VAL B 126 0.22 20.43 28.67
CA VAL B 126 0.01 20.41 27.22
C VAL B 126 1.09 19.64 26.50
N LEU B 127 0.69 19.05 25.37
CA LEU B 127 1.64 18.40 24.50
C LEU B 127 1.90 19.35 23.35
N GLY B 128 3.02 19.19 22.66
CA GLY B 128 3.30 20.07 21.54
C GLY B 128 4.34 19.46 20.64
N GLY B 129 4.79 20.24 19.66
CA GLY B 129 5.81 19.73 18.77
C GLY B 129 6.04 20.64 17.60
N TYR B 130 7.30 20.79 17.23
CA TYR B 130 7.67 21.53 16.06
C TYR B 130 8.89 20.91 15.41
N GLN B 131 9.08 21.17 14.14
CA GLN B 131 10.25 20.70 13.43
C GLN B 131 10.67 21.78 12.47
N GLY B 132 11.95 22.12 12.49
CA GLY B 132 12.46 23.14 11.60
C GLY B 132 13.74 23.77 12.11
N GLN B 133 14.00 25.02 11.70
CA GLN B 133 15.24 25.66 12.07
C GLN B 133 15.20 25.96 13.56
N GLY B 134 16.38 25.99 14.17
CA GLY B 134 16.51 26.32 15.57
C GLY B 134 15.70 27.54 15.95
N THR B 135 15.88 28.63 15.20
CA THR B 135 15.13 29.86 15.47
C THR B 135 13.62 29.62 15.60
N ASP B 136 13.07 28.82 14.69
CA ASP B 136 11.65 28.56 14.71
C ASP B 136 11.27 27.62 15.84
N ILE B 137 12.15 26.69 16.18
CA ILE B 137 11.93 25.82 17.32
C ILE B 137 11.81 26.64 18.62
N GLN B 138 12.69 27.63 18.76
CA GLN B 138 12.63 28.54 19.91
C GLN B 138 11.31 29.33 19.94
N ILE B 139 10.90 29.84 18.78
CA ILE B 139 9.63 30.55 18.67
C ILE B 139 8.43 29.69 19.11
N HIS B 140 8.39 28.44 18.64
CA HIS B 140 7.24 27.60 18.97
C HIS B 140 7.32 27.05 20.39
N ALA B 141 8.54 26.89 20.92
CA ALA B 141 8.71 26.47 22.32
C ALA B 141 8.15 27.51 23.29
N LYS B 142 8.41 28.78 23.00
CA LYS B 142 7.90 29.86 23.83
C LYS B 142 6.38 29.84 23.79
N GLN B 143 5.82 29.65 22.60
CA GLN B 143 4.36 29.65 22.51
C GLN B 143 3.78 28.50 23.31
N THR B 144 4.48 27.38 23.30
CA THR B 144 4.03 26.20 24.04
C THR B 144 4.07 26.48 25.55
N GLN B 145 5.13 27.15 25.98
CA GLN B 145 5.24 27.54 27.37
C GLN B 145 4.04 28.41 27.76
N ARG B 146 3.64 29.33 26.88
CA ARG B 146 2.49 30.19 27.17
C ARG B 146 1.18 29.41 27.26
N VAL B 147 0.96 28.47 26.33
CA VAL B 147 -0.28 27.71 26.36
C VAL B 147 -0.32 26.84 27.62
N SER B 148 0.86 26.36 28.00
CA SER B 148 0.99 25.52 29.17
C SER B 148 0.63 26.31 30.44
N ASP B 149 1.10 27.55 30.52
CA ASP B 149 0.76 28.45 31.62
C ASP B 149 -0.72 28.74 31.61
N GLN B 150 -1.26 29.09 30.45
CA GLN B 150 -2.68 29.36 30.31
C GLN B 150 -3.52 28.24 30.91
N LEU B 151 -3.19 26.98 30.59
CA LEU B 151 -3.93 25.83 31.09
C LEU B 151 -3.89 25.80 32.60
N ASN B 152 -2.69 25.93 33.16
CA ASN B 152 -2.50 26.02 34.61
C ASN B 152 -3.34 27.13 35.25
N GLN B 153 -3.37 28.32 34.64
CA GLN B 153 -4.13 29.45 35.18
C GLN B 153 -5.62 29.16 35.19
N ILE B 154 -6.12 28.54 34.13
CA ILE B 154 -7.53 28.22 34.06
C ILE B 154 -7.93 27.18 35.11
N LEU B 155 -7.08 26.19 35.30
CA LEU B 155 -7.37 25.15 36.28
C LEU B 155 -7.30 25.74 37.68
N ALA B 156 -6.28 26.55 37.92
CA ALA B 156 -6.15 27.25 39.20
C ALA B 156 -7.38 28.09 39.48
N LYS B 157 -7.78 28.89 38.49
CA LYS B 157 -8.96 29.73 38.62
C LYS B 157 -10.20 28.97 39.09
N HIS B 158 -10.55 27.88 38.41
CA HIS B 158 -11.80 27.16 38.69
C HIS B 158 -11.72 26.16 39.85
N THR B 159 -10.53 25.70 40.20
CA THR B 159 -10.40 24.72 41.30
C THR B 159 -10.16 25.36 42.67
N GLY B 160 -9.61 26.57 42.68
CA GLY B 160 -9.19 27.19 43.92
C GLY B 160 -7.75 26.90 44.31
N LYS B 161 -7.06 26.13 43.49
CA LYS B 161 -5.68 25.74 43.82
C LYS B 161 -4.69 26.77 43.32
N ASP B 162 -3.52 26.80 43.95
CA ASP B 162 -2.41 27.64 43.47
C ASP B 162 -1.87 27.17 42.12
N ILE B 163 -1.55 28.10 41.24
CA ILE B 163 -0.98 27.76 39.94
C ILE B 163 0.23 26.83 40.08
N GLU B 164 1.09 27.09 41.05
CA GLU B 164 2.26 26.23 41.23
C GLU B 164 1.82 24.82 41.63
N ARG B 165 0.80 24.73 42.48
CA ARG B 165 0.24 23.44 42.85
C ARG B 165 -0.25 22.68 41.60
N VAL B 166 -0.98 23.37 40.72
CA VAL B 166 -1.53 22.74 39.52
C VAL B 166 -0.43 22.36 38.55
N GLU B 167 0.60 23.21 38.47
CA GLU B 167 1.71 22.95 37.56
C GLU B 167 2.46 21.68 37.96
N LYS B 168 2.55 21.45 39.27
CA LYS B 168 3.21 20.26 39.80
C LYS B 168 2.36 19.02 39.57
N ASP B 169 1.04 19.15 39.77
CA ASP B 169 0.12 18.01 39.58
C ASP B 169 -0.01 17.53 38.13
N THR B 170 0.06 18.48 37.19
CA THR B 170 -0.11 18.13 35.78
C THR B 170 1.21 17.80 35.07
N ASN B 171 2.31 17.77 35.81
CA ASN B 171 3.59 17.44 35.21
C ASN B 171 3.54 16.07 34.51
N ARG B 172 2.86 15.12 35.15
CA ARG B 172 2.62 13.82 34.53
C ARG B 172 1.16 13.51 34.64
N ASP B 173 0.70 12.48 33.92
CA ASP B 173 -0.70 12.14 33.95
C ASP B 173 -1.17 11.97 35.39
N TYR B 174 -2.28 12.62 35.71
CA TYR B 174 -2.78 12.69 37.06
C TYR B 174 -4.24 12.27 37.04
N PHE B 175 -4.51 11.02 37.39
CA PHE B 175 -5.86 10.50 37.48
C PHE B 175 -6.54 10.88 38.81
N LEU B 176 -7.81 11.26 38.73
CA LEU B 176 -8.59 11.52 39.91
C LEU B 176 -9.88 10.71 39.92
N THR B 177 -10.14 10.04 41.04
CA THR B 177 -11.44 9.42 41.29
C THR B 177 -12.44 10.56 41.42
N PRO B 178 -13.75 10.27 41.21
CA PRO B 178 -14.74 11.32 41.44
C PRO B 178 -14.56 12.01 42.79
N GLU B 179 -14.34 11.25 43.85
CA GLU B 179 -14.22 11.87 45.17
C GLU B 179 -13.04 12.84 45.21
N GLU B 180 -11.89 12.38 44.71
CA GLU B 180 -10.71 13.24 44.63
C GLU B 180 -10.92 14.47 43.75
N ALA B 181 -11.75 14.33 42.72
CA ALA B 181 -12.00 15.45 41.81
C ALA B 181 -12.85 16.53 42.51
N VAL B 182 -13.77 16.08 43.37
CA VAL B 182 -14.53 17.02 44.17
C VAL B 182 -13.60 17.74 45.13
N GLU B 183 -12.84 16.95 45.89
CA GLU B 183 -11.84 17.45 46.82
C GLU B 183 -10.84 18.41 46.16
N TYR B 184 -10.39 18.08 44.94
CA TYR B 184 -9.47 18.93 44.19
C TYR B 184 -10.14 20.23 43.77
N GLY B 185 -11.45 20.18 43.56
CA GLY B 185 -12.20 21.34 43.12
C GLY B 185 -12.46 21.39 41.62
N LEU B 186 -12.27 20.27 40.91
CA LEU B 186 -12.53 20.18 39.46
C LEU B 186 -14.01 20.03 39.19
N ILE B 187 -14.73 19.44 40.14
CA ILE B 187 -16.17 19.32 40.04
C ILE B 187 -16.76 19.65 41.41
N ASP B 188 -18.07 19.81 41.46
CA ASP B 188 -18.74 20.22 42.68
C ASP B 188 -19.46 19.06 43.39
N SER B 189 -19.86 18.04 42.65
CA SER B 189 -20.51 16.90 43.27
C SER B 189 -20.62 15.73 42.32
N ILE B 190 -20.86 14.54 42.89
CA ILE B 190 -21.05 13.32 42.13
C ILE B 190 -22.53 12.95 42.17
N PHE B 191 -23.10 12.53 41.05
CA PHE B 191 -24.46 12.06 41.07
C PHE B 191 -24.49 10.56 41.02
N LYS B 192 -25.02 9.90 42.04
CA LYS B 192 -25.28 8.48 41.89
C LYS B 192 -26.40 8.21 40.89
N GLU B 193 -27.53 8.89 41.09
CA GLU B 193 -28.71 8.78 40.24
C GLU B 193 -29.15 10.20 39.95
N ARG B 194 -29.91 10.39 38.89
CA ARG B 194 -30.32 11.74 38.59
C ARG B 194 -31.08 12.22 39.81
N PRO B 195 -30.73 13.41 40.27
CA PRO B 195 -31.37 14.05 41.42
C PRO B 195 -32.89 14.17 41.25
N VAL C 5 25.85 -8.77 -14.29
CA VAL C 5 27.16 -8.13 -14.36
C VAL C 5 28.33 -9.13 -14.44
N PRO C 6 28.90 -9.31 -15.64
CA PRO C 6 29.85 -10.39 -15.94
C PRO C 6 31.20 -10.21 -15.29
N VAL C 8 35.45 -11.14 -15.36
CA VAL C 8 36.58 -11.59 -16.16
C VAL C 8 37.65 -12.11 -15.21
N VAL C 9 38.28 -13.24 -15.53
CA VAL C 9 39.34 -13.73 -14.66
C VAL C 9 40.70 -13.64 -15.33
N GLU C 10 41.71 -13.23 -14.58
CA GLU C 10 43.05 -13.13 -15.13
C GLU C 10 44.06 -13.89 -14.30
N GLN C 11 45.09 -14.39 -14.98
CA GLN C 11 46.14 -15.16 -14.35
C GLN C 11 47.22 -14.26 -13.78
N THR C 12 47.58 -14.49 -12.53
CA THR C 12 48.69 -13.77 -11.92
C THR C 12 49.75 -14.76 -11.43
N SER C 13 50.89 -14.22 -11.02
CA SER C 13 51.92 -15.01 -10.39
C SER C 13 51.31 -15.67 -9.16
N ARG C 14 50.46 -14.93 -8.47
CA ARG C 14 49.88 -15.37 -7.20
C ARG C 14 48.48 -15.97 -7.29
N GLY C 15 48.04 -16.35 -8.48
CA GLY C 15 46.76 -17.02 -8.64
C GLY C 15 45.80 -16.35 -9.59
N GLU C 16 44.54 -16.76 -9.55
CA GLU C 16 43.52 -16.13 -10.38
C GLU C 16 42.95 -14.89 -9.70
N ARG C 17 42.82 -13.81 -10.45
CA ARG C 17 42.22 -12.60 -9.92
C ARG C 17 40.98 -12.30 -10.75
N ALA C 18 39.87 -12.02 -10.07
CA ALA C 18 38.60 -11.80 -10.75
C ALA C 18 38.25 -10.31 -10.82
N TYR C 19 37.66 -9.90 -11.94
CA TYR C 19 37.26 -8.53 -12.19
C TYR C 19 35.83 -8.49 -12.72
N ASP C 20 35.02 -7.53 -12.27
CA ASP C 20 33.77 -7.25 -12.99
C ASP C 20 34.21 -6.60 -14.30
N ILE C 21 33.29 -6.50 -15.26
CA ILE C 21 33.62 -6.06 -16.60
C ILE C 21 34.18 -4.62 -16.61
N TYR C 22 33.56 -3.73 -15.84
CA TYR C 22 34.00 -2.34 -15.81
C TYR C 22 35.39 -2.19 -15.16
N SER C 23 35.68 -2.98 -14.13
CA SER C 23 37.01 -2.92 -13.54
C SER C 23 38.05 -3.33 -14.56
N ARG C 24 37.68 -4.26 -15.43
CA ARG C 24 38.58 -4.76 -16.48
C ARG C 24 38.77 -3.70 -17.54
N LEU C 25 37.69 -3.02 -17.90
CA LEU C 25 37.75 -1.93 -18.86
C LEU C 25 38.50 -0.74 -18.28
N LEU C 26 38.44 -0.60 -16.96
CA LEU C 26 39.23 0.42 -16.26
C LEU C 26 40.72 0.18 -16.53
N LYS C 27 41.07 -1.08 -16.69
CA LYS C 27 42.46 -1.44 -16.94
C LYS C 27 42.91 -0.85 -18.27
N ASP C 28 41.97 -0.40 -19.07
CA ASP C 28 42.26 0.23 -20.35
C ASP C 28 41.93 1.72 -20.28
N ARG C 29 41.82 2.22 -19.06
CA ARG C 29 41.53 3.64 -18.84
C ARG C 29 40.23 4.05 -19.53
N VAL C 30 39.27 3.13 -19.56
CA VAL C 30 37.91 3.46 -19.99
C VAL C 30 37.00 3.56 -18.77
N ILE C 31 36.24 4.65 -18.69
CA ILE C 31 35.22 4.82 -17.67
C ILE C 31 33.85 4.96 -18.34
N PHE C 32 32.86 4.23 -17.82
CA PHE C 32 31.50 4.32 -18.33
C PHE C 32 30.62 5.27 -17.53
N LEU C 33 30.09 6.27 -18.22
CA LEU C 33 29.11 7.17 -17.62
C LEU C 33 27.72 6.91 -18.24
N VAL C 34 26.90 6.13 -17.55
CA VAL C 34 25.63 5.67 -18.10
C VAL C 34 24.48 5.78 -17.12
N GLY C 35 23.26 5.71 -17.65
CA GLY C 35 22.07 5.92 -16.83
C GLY C 35 21.87 7.39 -16.46
N GLN C 36 21.03 7.62 -15.45
CA GLN C 36 20.79 8.97 -14.94
C GLN C 36 22.01 9.51 -14.24
N VAL C 37 22.38 10.73 -14.57
CA VAL C 37 23.46 11.35 -13.84
C VAL C 37 22.87 11.82 -12.54
N GLU C 38 23.25 11.17 -11.45
CA GLU C 38 22.90 11.63 -10.12
C GLU C 38 24.12 11.44 -9.24
N ASP C 39 24.03 11.84 -7.98
CA ASP C 39 25.24 11.89 -7.13
C ASP C 39 25.99 10.56 -6.98
N HIS C 40 25.25 9.47 -6.78
CA HIS C 40 25.90 8.20 -6.49
C HIS C 40 26.85 7.81 -7.62
N ALA C 42 27.81 9.70 -10.09
CA ALA C 42 28.75 10.79 -10.35
C ALA C 42 30.03 10.62 -9.53
N ASN C 43 29.87 10.37 -8.24
CA ASN C 43 31.01 10.18 -7.37
C ASN C 43 31.85 8.96 -7.75
N LEU C 44 31.18 7.89 -8.15
CA LEU C 44 31.89 6.71 -8.60
C LEU C 44 32.76 7.04 -9.80
N ALA C 45 32.25 7.91 -10.66
CA ALA C 45 32.95 8.28 -11.88
C ALA C 45 34.14 9.15 -11.53
N ILE C 46 33.94 10.08 -10.59
CA ILE C 46 35.03 10.93 -10.13
C ILE C 46 36.12 10.06 -9.50
N ALA C 47 35.70 9.07 -8.73
CA ALA C 47 36.63 8.15 -8.07
C ALA C 47 37.47 7.39 -9.10
N GLN C 48 36.84 6.96 -10.19
CA GLN C 48 37.57 6.30 -11.26
C GLN C 48 38.63 7.19 -11.93
N LEU C 50 40.16 9.81 -10.51
CA LEU C 50 41.24 9.97 -9.54
C LEU C 50 42.14 8.74 -9.52
N PHE C 51 41.54 7.56 -9.66
CA PHE C 51 42.32 6.33 -9.65
C PHE C 51 43.20 6.27 -10.89
N LEU C 52 42.62 6.54 -12.06
CA LEU C 52 43.39 6.46 -13.29
C LEU C 52 44.50 7.50 -13.33
N GLU C 53 44.24 8.68 -12.78
CA GLU C 53 45.28 9.71 -12.68
C GLU C 53 46.45 9.24 -11.81
N SER C 54 46.11 8.61 -10.69
CA SER C 54 47.05 7.98 -9.79
C SER C 54 47.89 6.90 -10.48
N GLU C 55 47.27 6.07 -11.29
CA GLU C 55 48.02 5.07 -12.03
C GLU C 55 48.98 5.65 -13.06
N ASN C 56 48.52 6.62 -13.83
CA ASN C 56 49.36 7.28 -14.79
C ASN C 56 48.78 8.64 -15.08
N PRO C 57 49.40 9.69 -14.56
CA PRO C 57 48.88 11.04 -14.74
C PRO C 57 49.06 11.55 -16.15
N ASN C 58 49.72 10.79 -17.02
CA ASN C 58 49.97 11.30 -18.38
C ASN C 58 49.22 10.65 -19.54
N LYS C 59 48.72 9.42 -19.35
CA LYS C 59 47.93 8.80 -20.41
C LYS C 59 46.47 9.28 -20.37
N ASP C 60 45.86 9.37 -21.54
CA ASP C 60 44.47 9.78 -21.64
C ASP C 60 43.56 8.91 -20.78
N ILE C 61 42.46 9.51 -20.34
CA ILE C 61 41.34 8.78 -19.78
C ILE C 61 40.18 8.83 -20.80
N ASN C 62 39.52 7.69 -20.99
CA ASN C 62 38.41 7.59 -21.93
C ASN C 62 37.04 7.51 -21.25
N LEU C 63 36.22 8.54 -21.47
CA LEU C 63 34.89 8.60 -20.88
C LEU C 63 33.82 8.24 -21.91
N TYR C 64 33.18 7.10 -21.73
CA TYR C 64 32.11 6.67 -22.63
C TYR C 64 30.80 7.02 -21.97
N ILE C 65 29.93 7.68 -22.74
CA ILE C 65 28.76 8.32 -22.19
C ILE C 65 27.48 7.77 -22.85
N ASN C 66 26.53 7.36 -22.03
CA ASN C 66 25.23 6.95 -22.51
C ASN C 66 24.19 7.29 -21.45
N SER C 67 23.73 8.53 -21.48
CA SER C 67 22.94 9.06 -20.37
C SER C 67 21.77 9.84 -20.93
N PRO C 68 20.55 9.31 -20.73
CA PRO C 68 19.34 9.94 -21.27
C PRO C 68 18.76 11.02 -20.35
N GLY C 69 19.36 11.22 -19.18
CA GLY C 69 18.82 12.15 -18.22
C GLY C 69 19.65 12.38 -16.98
N GLY C 70 19.15 13.23 -16.09
CA GLY C 70 19.84 13.49 -14.85
C GLY C 70 20.08 14.96 -14.59
N ALA C 71 20.57 15.27 -13.41
CA ALA C 71 20.66 16.66 -12.94
C ALA C 71 22.01 17.31 -13.28
N VAL C 72 21.94 18.55 -13.74
CA VAL C 72 23.14 19.31 -14.09
C VAL C 72 24.04 19.58 -12.90
N THR C 73 23.45 19.73 -11.72
CA THR C 73 24.28 19.93 -10.53
C THR C 73 25.18 18.70 -10.28
N SER C 74 24.65 17.51 -10.57
CA SER C 74 25.47 16.31 -10.41
C SER C 74 26.57 16.27 -11.45
N ALA C 75 26.24 16.64 -12.69
CA ALA C 75 27.24 16.69 -13.76
C ALA C 75 28.35 17.68 -13.44
N ALA C 77 30.01 18.31 -10.68
CA ALA C 77 31.12 17.74 -9.94
C ALA C 77 32.01 16.92 -10.90
N ILE C 78 31.40 16.16 -11.79
CA ILE C 78 32.16 15.35 -12.72
C ILE C 78 32.92 16.26 -13.68
N TYR C 79 32.27 17.31 -14.16
CA TYR C 79 32.91 18.28 -15.05
C TYR C 79 34.18 18.84 -14.40
N ASP C 80 34.06 19.34 -13.17
CA ASP C 80 35.22 19.89 -12.47
C ASP C 80 36.31 18.86 -12.27
N THR C 81 35.92 17.64 -11.91
CA THR C 81 36.92 16.57 -11.74
C THR C 81 37.73 16.43 -13.03
N GLN C 83 38.42 18.61 -15.32
CA GLN C 83 39.39 19.68 -15.56
C GLN C 83 40.47 19.64 -14.49
N PHE C 84 40.16 19.00 -13.37
CA PHE C 84 41.09 18.90 -12.25
C PHE C 84 42.21 17.87 -12.46
N VAL C 85 41.86 16.66 -12.90
CA VAL C 85 42.87 15.63 -13.08
C VAL C 85 43.82 15.96 -14.24
N LYS C 86 45.07 15.52 -14.13
CA LYS C 86 46.08 15.88 -15.11
C LYS C 86 45.88 15.24 -16.52
N PRO C 87 45.35 14.01 -16.57
CA PRO C 87 45.12 13.37 -17.86
C PRO C 87 44.10 14.08 -18.73
N ASP C 88 44.32 14.03 -20.04
CA ASP C 88 43.32 14.43 -21.00
C ASP C 88 42.16 13.47 -20.87
N VAL C 89 40.96 14.02 -20.86
CA VAL C 89 39.79 13.16 -20.82
C VAL C 89 39.12 13.26 -22.16
N ARG C 90 39.26 12.20 -22.95
CA ARG C 90 38.55 12.04 -24.21
C ARG C 90 37.11 11.61 -23.95
N THR C 91 36.17 12.25 -24.61
CA THR C 91 34.77 11.89 -24.41
C THR C 91 34.17 11.30 -25.69
N LEU C 92 33.45 10.19 -25.54
CA LEU C 92 32.71 9.60 -26.64
C LEU C 92 31.27 9.36 -26.23
N CYS C 93 30.32 9.81 -27.03
CA CYS C 93 28.94 9.50 -26.77
C CYS C 93 28.54 8.30 -27.60
N ILE C 94 28.40 7.17 -26.93
CA ILE C 94 27.93 5.96 -27.55
C ILE C 94 26.47 5.95 -27.97
N GLY C 95 25.60 6.48 -27.14
CA GLY C 95 24.20 6.52 -27.48
C GLY C 95 23.51 7.82 -27.20
N GLN C 96 23.36 8.15 -25.93
CA GLN C 96 22.62 9.32 -25.54
C GLN C 96 23.45 10.26 -24.69
N ALA C 97 23.31 11.54 -24.95
CA ALA C 97 23.85 12.58 -24.10
C ALA C 97 22.82 13.67 -23.85
N ALA C 98 21.95 13.45 -22.88
CA ALA C 98 20.95 14.41 -22.43
C ALA C 98 21.65 15.48 -21.60
N SER C 99 20.92 16.50 -21.20
CA SER C 99 21.61 17.70 -20.73
C SER C 99 22.85 17.44 -19.88
N ALA C 100 22.70 16.78 -18.73
CA ALA C 100 23.86 16.53 -17.87
C ALA C 100 25.00 15.82 -18.63
N GLY C 101 24.66 14.78 -19.37
CA GLY C 101 25.65 14.09 -20.18
C GLY C 101 26.23 14.93 -21.31
N ALA C 102 25.45 15.88 -21.84
CA ALA C 102 25.95 16.71 -22.92
C ALA C 102 27.00 17.65 -22.36
N LEU C 103 26.78 18.11 -21.15
CA LEU C 103 27.77 18.94 -20.47
C LEU C 103 29.12 18.23 -20.44
N LEU C 104 29.11 16.98 -19.97
CA LEU C 104 30.34 16.20 -19.85
C LEU C 104 30.95 15.96 -21.22
N LEU C 105 30.12 15.59 -22.17
CA LEU C 105 30.60 15.34 -23.53
C LEU C 105 31.37 16.53 -24.05
N ALA C 106 30.76 17.73 -23.96
CA ALA C 106 31.36 18.94 -24.48
C ALA C 106 32.62 19.31 -23.72
N GLY C 107 32.70 18.86 -22.47
CA GLY C 107 33.77 19.29 -21.58
C GLY C 107 34.99 18.37 -21.65
N GLY C 108 35.02 17.51 -22.66
CA GLY C 108 36.19 16.70 -22.92
C GLY C 108 37.32 17.58 -23.45
N ALA C 109 38.51 17.01 -23.51
CA ALA C 109 39.68 17.72 -24.06
C ALA C 109 39.47 18.12 -25.52
N LYS C 110 39.96 19.31 -25.86
CA LYS C 110 39.94 19.82 -27.23
C LYS C 110 40.39 18.78 -28.24
N GLY C 111 39.57 18.55 -29.25
CA GLY C 111 39.94 17.63 -30.32
C GLY C 111 39.64 16.19 -30.00
N LYS C 112 39.25 15.93 -28.74
CA LYS C 112 38.96 14.54 -28.32
C LYS C 112 37.53 14.30 -27.82
N ARG C 113 36.57 14.99 -28.44
CA ARG C 113 35.17 14.77 -28.11
C ARG C 113 34.50 14.17 -29.33
N HIS C 114 33.72 13.10 -29.13
CA HIS C 114 33.19 12.34 -30.25
C HIS C 114 31.83 11.73 -30.01
N CYS C 115 31.15 11.37 -31.09
CA CYS C 115 30.02 10.47 -30.97
C CYS C 115 29.94 9.48 -32.15
N LEU C 116 29.04 8.52 -32.02
CA LEU C 116 28.74 7.54 -33.04
C LEU C 116 27.59 8.06 -33.91
N PRO C 117 27.37 7.42 -35.08
CA PRO C 117 26.46 7.96 -36.11
C PRO C 117 25.00 8.13 -35.69
N HIS C 118 24.50 7.29 -34.78
CA HIS C 118 23.10 7.41 -34.35
C HIS C 118 22.96 7.96 -32.94
N SER C 119 24.02 8.59 -32.44
CA SER C 119 23.97 9.19 -31.11
C SER C 119 22.95 10.32 -31.10
N SER C 120 22.42 10.58 -29.92
CA SER C 120 21.48 11.65 -29.74
C SER C 120 22.00 12.58 -28.64
N VAL C 121 22.35 13.79 -29.02
CA VAL C 121 22.78 14.81 -28.08
C VAL C 121 21.64 15.81 -27.87
N ILE C 123 20.51 19.30 -25.20
CA ILE C 123 20.87 20.24 -24.16
C ILE C 123 19.66 21.05 -23.71
N HIS C 124 19.60 21.36 -22.43
CA HIS C 124 18.50 22.16 -21.92
C HIS C 124 18.92 22.87 -20.64
N GLN C 125 18.15 23.87 -20.24
CA GLN C 125 18.44 24.65 -19.05
C GLN C 125 18.23 23.87 -17.79
N VAL C 126 18.88 24.28 -16.72
CA VAL C 126 18.80 23.58 -15.46
C VAL C 126 17.39 23.58 -14.90
N LEU C 127 17.05 22.48 -14.27
CA LEU C 127 15.79 22.33 -13.56
C LEU C 127 16.05 22.46 -12.07
N GLY C 128 15.04 22.90 -11.33
CA GLY C 128 15.15 22.92 -9.90
C GLY C 128 13.81 23.11 -9.22
N GLY C 129 13.86 23.64 -8.01
CA GLY C 129 12.65 23.81 -7.24
C GLY C 129 12.92 23.96 -5.77
N TYR C 130 12.03 24.68 -5.12
CA TYR C 130 12.13 24.83 -3.69
C TYR C 130 10.77 25.13 -3.12
N GLN C 131 10.56 24.68 -1.90
CA GLN C 131 9.29 24.90 -1.23
C GLN C 131 9.56 25.46 0.15
N GLY C 132 8.96 26.60 0.47
CA GLY C 132 9.13 27.18 1.78
C GLY C 132 8.68 28.62 1.90
N GLN C 133 9.30 29.36 2.80
CA GLN C 133 8.98 30.76 2.97
C GLN C 133 9.44 31.59 1.78
N GLY C 134 8.72 32.67 1.50
CA GLY C 134 9.07 33.60 0.45
C GLY C 134 10.54 33.96 0.46
N THR C 135 11.06 34.37 1.61
CA THR C 135 12.46 34.77 1.72
C THR C 135 13.40 33.66 1.26
N ASP C 136 13.13 32.42 1.70
CA ASP C 136 13.88 31.25 1.29
C ASP C 136 13.73 30.95 -0.21
N ILE C 137 12.51 31.09 -0.72
CA ILE C 137 12.29 30.95 -2.16
C ILE C 137 13.17 31.90 -2.98
N GLN C 138 13.29 33.16 -2.56
CA GLN C 138 14.12 34.10 -3.28
C GLN C 138 15.60 33.69 -3.23
N ILE C 139 16.02 33.13 -2.09
CA ILE C 139 17.42 32.75 -1.93
C ILE C 139 17.76 31.62 -2.89
N HIS C 140 16.91 30.61 -2.93
CA HIS C 140 17.15 29.46 -3.80
C HIS C 140 16.93 29.83 -5.27
N ALA C 141 15.99 30.71 -5.54
CA ALA C 141 15.81 31.19 -6.91
C ALA C 141 17.08 31.84 -7.46
N LYS C 142 17.78 32.64 -6.64
CA LYS C 142 19.01 33.30 -7.06
C LYS C 142 20.10 32.28 -7.33
N GLN C 143 20.16 31.25 -6.49
CA GLN C 143 21.20 30.24 -6.61
C GLN C 143 20.93 29.45 -7.87
N THR C 144 19.65 29.20 -8.15
CA THR C 144 19.28 28.55 -9.40
C THR C 144 19.66 29.39 -10.62
N GLN C 145 19.47 30.70 -10.54
CA GLN C 145 19.87 31.58 -11.64
C GLN C 145 21.37 31.47 -11.84
N ARG C 146 22.11 31.40 -10.74
CA ARG C 146 23.57 31.26 -10.79
C ARG C 146 24.03 29.93 -11.42
N VAL C 147 23.41 28.82 -11.04
CA VAL C 147 23.83 27.54 -11.60
C VAL C 147 23.52 27.55 -13.09
N SER C 148 22.37 28.13 -13.44
CA SER C 148 21.94 28.22 -14.83
C SER C 148 22.95 29.03 -15.61
N ASP C 149 23.49 30.09 -15.02
CA ASP C 149 24.49 30.89 -15.69
C ASP C 149 25.76 30.10 -15.88
N GLN C 150 26.13 29.32 -14.86
CA GLN C 150 27.33 28.49 -14.95
C GLN C 150 27.25 27.50 -16.10
N LEU C 151 26.12 26.82 -16.25
CA LEU C 151 25.92 25.87 -17.34
C LEU C 151 26.20 26.56 -18.67
N ASN C 152 25.62 27.75 -18.85
CA ASN C 152 25.79 28.52 -20.07
C ASN C 152 27.23 28.90 -20.33
N GLN C 153 27.94 29.35 -19.30
CA GLN C 153 29.37 29.67 -19.42
C GLN C 153 30.17 28.44 -19.82
N ILE C 154 29.86 27.28 -19.25
CA ILE C 154 30.60 26.05 -19.57
C ILE C 154 30.39 25.62 -21.01
N LEU C 155 29.15 25.56 -21.46
CA LEU C 155 28.88 25.27 -22.85
C LEU C 155 29.52 26.31 -23.78
N ALA C 156 29.40 27.58 -23.42
CA ALA C 156 29.95 28.64 -24.25
C ALA C 156 31.46 28.47 -24.38
N LYS C 157 32.12 28.14 -23.27
CA LYS C 157 33.56 27.94 -23.25
C LYS C 157 34.02 26.81 -24.19
N HIS C 158 33.33 25.68 -24.17
CA HIS C 158 33.80 24.52 -24.92
C HIS C 158 33.30 24.46 -26.37
N THR C 159 32.20 25.14 -26.66
CA THR C 159 31.65 25.15 -28.01
C THR C 159 32.17 26.30 -28.88
N GLY C 160 32.52 27.42 -28.25
CA GLY C 160 32.94 28.60 -28.99
C GLY C 160 31.77 29.54 -29.23
N LYS C 161 30.57 29.11 -28.85
CA LYS C 161 29.37 29.95 -28.94
C LYS C 161 29.37 30.98 -27.83
N ASP C 162 28.58 32.03 -28.02
CA ASP C 162 28.34 33.03 -26.99
C ASP C 162 27.27 32.57 -25.99
N ILE C 163 27.40 32.94 -24.72
CA ILE C 163 26.41 32.58 -23.70
C ILE C 163 24.98 33.00 -24.03
N GLU C 164 24.81 34.12 -24.74
CA GLU C 164 23.45 34.57 -25.07
C GLU C 164 22.84 33.60 -26.05
N ARG C 165 23.70 33.01 -26.88
CA ARG C 165 23.26 32.02 -27.84
C ARG C 165 22.98 30.67 -27.15
N VAL C 166 23.80 30.32 -26.16
CA VAL C 166 23.61 29.07 -25.44
C VAL C 166 22.34 29.17 -24.63
N GLU C 167 22.18 30.29 -23.95
CA GLU C 167 21.01 30.56 -23.14
C GLU C 167 19.75 30.41 -23.99
N LYS C 168 19.75 31.04 -25.17
CA LYS C 168 18.61 30.95 -26.06
C LYS C 168 18.29 29.52 -26.48
N ASP C 169 19.30 28.74 -26.82
CA ASP C 169 19.07 27.39 -27.32
C ASP C 169 18.58 26.46 -26.23
N THR C 170 19.11 26.61 -25.02
CA THR C 170 18.80 25.70 -23.90
C THR C 170 17.50 26.03 -23.20
N ASN C 171 16.86 27.12 -23.63
CA ASN C 171 15.60 27.52 -23.02
C ASN C 171 14.59 26.36 -22.99
N ARG C 172 14.51 25.62 -24.08
CA ARG C 172 13.69 24.41 -24.14
C ARG C 172 14.59 23.32 -24.69
N ASP C 173 14.14 22.07 -24.58
CA ASP C 173 14.91 20.93 -25.06
C ASP C 173 15.41 21.14 -26.49
N TYR C 174 16.73 21.07 -26.66
CA TYR C 174 17.34 21.35 -27.94
C TYR C 174 18.11 20.12 -28.40
N PHE C 175 17.54 19.35 -29.33
CA PHE C 175 18.20 18.14 -29.85
C PHE C 175 19.18 18.42 -31.00
N LEU C 176 20.30 17.71 -30.99
CA LEU C 176 21.27 17.84 -32.07
C LEU C 176 21.63 16.47 -32.68
N THR C 177 21.59 16.41 -34.00
CA THR C 177 22.15 15.26 -34.71
C THR C 177 23.64 15.34 -34.49
N PRO C 178 24.35 14.22 -34.69
CA PRO C 178 25.80 14.30 -34.57
C PRO C 178 26.42 15.41 -35.46
N GLU C 179 25.96 15.54 -36.70
CA GLU C 179 26.51 16.58 -37.58
C GLU C 179 26.25 17.96 -36.98
N GLU C 180 25.02 18.20 -36.53
CA GLU C 180 24.72 19.49 -35.98
C GLU C 180 25.59 19.73 -34.75
N ALA C 181 25.95 18.64 -34.06
CA ALA C 181 26.72 18.79 -32.81
C ALA C 181 28.21 19.13 -33.08
N VAL C 182 28.75 18.60 -34.18
CA VAL C 182 30.07 19.02 -34.64
C VAL C 182 30.03 20.49 -35.02
N GLU C 183 28.98 20.85 -35.75
CA GLU C 183 28.80 22.21 -36.22
C GLU C 183 28.56 23.15 -35.03
N TYR C 184 27.93 22.65 -33.98
CA TYR C 184 27.66 23.46 -32.80
C TYR C 184 28.92 23.66 -31.97
N GLY C 185 29.85 22.71 -32.07
CA GLY C 185 31.05 22.76 -31.26
C GLY C 185 30.96 21.92 -30.00
N LEU C 186 29.94 21.07 -29.90
CA LEU C 186 29.78 20.20 -28.72
C LEU C 186 30.69 19.00 -28.83
N ILE C 187 30.92 18.54 -30.05
CA ILE C 187 31.90 17.51 -30.31
C ILE C 187 32.80 17.92 -31.45
N ASP C 188 33.87 17.16 -31.63
CA ASP C 188 34.86 17.49 -32.64
C ASP C 188 34.68 16.64 -33.89
N SER C 189 34.20 15.41 -33.73
CA SER C 189 33.98 14.58 -34.88
C SER C 189 33.10 13.38 -34.57
N ILE C 190 32.65 12.73 -35.64
CA ILE C 190 31.86 11.51 -35.60
C ILE C 190 32.71 10.32 -36.02
N PHE C 191 32.55 9.18 -35.37
CA PHE C 191 33.23 7.97 -35.77
C PHE C 191 32.25 7.05 -36.43
N LYS C 192 32.47 6.75 -37.69
CA LYS C 192 31.72 5.75 -38.41
C LYS C 192 31.99 4.30 -38.00
N GLU C 193 33.27 4.00 -37.78
CA GLU C 193 33.78 2.69 -37.39
C GLU C 193 35.01 3.04 -36.56
N ARG C 194 35.56 2.12 -35.80
CA ARG C 194 36.69 2.56 -34.95
C ARG C 194 37.85 3.00 -35.83
N PRO C 195 38.28 4.26 -35.67
CA PRO C 195 39.37 4.80 -36.49
C PRO C 195 40.74 4.41 -35.96
N VAL D 3 -18.19 12.43 14.44
CA VAL D 3 -18.49 13.80 14.05
C VAL D 3 -19.64 13.86 13.05
N LEU D 4 -20.68 14.62 13.39
CA LEU D 4 -21.87 14.73 12.56
C LEU D 4 -22.61 16.03 12.88
N VAL D 5 -23.05 16.74 11.85
CA VAL D 5 -23.66 18.05 12.05
C VAL D 5 -25.10 17.94 12.56
N PRO D 6 -25.34 18.50 13.75
CA PRO D 6 -26.71 18.44 14.28
C PRO D 6 -27.58 19.34 13.42
N VAL D 8 -31.69 21.49 13.17
CA VAL D 8 -32.77 22.10 13.94
C VAL D 8 -34.00 22.19 13.04
N VAL D 9 -35.19 22.23 13.64
CA VAL D 9 -36.41 22.48 12.87
C VAL D 9 -37.08 23.78 13.34
N GLU D 10 -37.28 24.72 12.42
CA GLU D 10 -37.87 26.03 12.74
C GLU D 10 -39.28 26.19 12.18
N GLN D 11 -40.07 27.08 12.79
CA GLN D 11 -41.47 27.31 12.41
C GLN D 11 -41.60 28.47 11.41
N THR D 12 -41.48 28.15 10.11
CA THR D 12 -41.47 29.15 9.04
C THR D 12 -42.87 29.46 8.46
N SER D 13 -42.95 30.49 7.61
CA SER D 13 -44.21 30.97 7.04
C SER D 13 -45.04 29.92 6.31
N ARG D 14 -44.39 29.10 5.48
CA ARG D 14 -45.09 28.04 4.77
C ARG D 14 -45.05 26.72 5.54
N GLY D 15 -44.42 26.74 6.71
CA GLY D 15 -44.30 25.55 7.54
C GLY D 15 -42.96 25.42 8.24
N GLU D 16 -42.65 24.24 8.73
CA GLU D 16 -41.37 24.00 9.43
C GLU D 16 -40.29 23.43 8.50
N ARG D 17 -39.09 24.00 8.57
CA ARG D 17 -37.97 23.54 7.75
C ARG D 17 -36.79 23.18 8.62
N ALA D 18 -36.01 22.21 8.16
CA ALA D 18 -34.81 21.78 8.87
C ALA D 18 -33.60 22.64 8.48
N TYR D 19 -32.55 22.59 9.30
CA TYR D 19 -31.31 23.31 9.04
C TYR D 19 -30.19 22.51 9.67
N ASP D 20 -29.00 22.47 9.05
CA ASP D 20 -27.84 22.03 9.81
C ASP D 20 -27.52 23.18 10.76
N ILE D 21 -26.73 22.94 11.79
CA ILE D 21 -26.47 23.96 12.79
C ILE D 21 -25.88 25.24 12.14
N TYR D 22 -24.87 25.09 11.30
CA TYR D 22 -24.24 26.24 10.64
C TYR D 22 -25.25 27.01 9.79
N SER D 23 -26.13 26.29 9.12
CA SER D 23 -27.14 26.91 8.28
C SER D 23 -28.14 27.68 9.14
N ARG D 24 -28.39 27.21 10.36
CA ARG D 24 -29.26 27.92 11.30
C ARG D 24 -28.60 29.20 11.84
N LEU D 25 -27.32 29.13 12.20
CA LEU D 25 -26.59 30.33 12.55
C LEU D 25 -26.48 31.28 11.35
N LEU D 26 -26.53 30.73 10.15
CA LEU D 26 -26.58 31.60 8.96
C LEU D 26 -27.77 32.55 9.04
N LYS D 27 -28.85 32.07 9.64
CA LYS D 27 -30.08 32.83 9.81
C LYS D 27 -29.90 34.03 10.75
N ASP D 28 -28.84 34.00 11.55
CA ASP D 28 -28.50 35.14 12.42
C ASP D 28 -27.31 35.91 11.85
N ARG D 29 -26.95 35.64 10.60
CA ARG D 29 -25.87 36.35 9.90
C ARG D 29 -24.49 36.03 10.48
N VAL D 30 -24.37 34.82 10.99
CA VAL D 30 -23.10 34.31 11.46
C VAL D 30 -22.49 33.27 10.50
N ILE D 31 -21.24 33.52 10.13
CA ILE D 31 -20.49 32.61 9.29
C ILE D 31 -19.26 32.09 10.03
N PHE D 32 -19.08 30.78 9.93
CA PHE D 32 -17.96 30.10 10.56
C PHE D 32 -16.81 29.86 9.59
N LEU D 33 -15.64 30.42 9.89
CA LEU D 33 -14.45 30.15 9.12
C LEU D 33 -13.50 29.33 9.99
N VAL D 34 -13.50 28.02 9.76
CA VAL D 34 -12.77 27.12 10.64
C VAL D 34 -11.93 26.12 9.89
N GLY D 35 -10.93 25.55 10.56
CA GLY D 35 -10.05 24.57 9.93
C GLY D 35 -8.97 25.24 9.10
N GLN D 36 -8.35 24.48 8.21
CA GLN D 36 -7.34 25.05 7.32
C GLN D 36 -8.04 25.93 6.30
N VAL D 37 -7.54 27.14 6.11
CA VAL D 37 -8.02 27.94 5.01
C VAL D 37 -7.51 27.35 3.69
N GLU D 38 -8.42 26.90 2.85
CA GLU D 38 -8.05 26.40 1.52
C GLU D 38 -9.23 26.64 0.59
N ASP D 39 -9.05 26.35 -0.70
CA ASP D 39 -10.02 26.82 -1.69
C ASP D 39 -11.46 26.38 -1.46
N HIS D 40 -11.64 25.11 -1.12
CA HIS D 40 -12.98 24.61 -0.89
C HIS D 40 -13.73 25.39 0.20
N ALA D 42 -12.92 28.19 1.51
CA ALA D 42 -12.88 29.60 1.15
C ALA D 42 -14.11 29.98 0.29
N ASN D 43 -14.40 29.15 -0.71
CA ASN D 43 -15.50 29.45 -1.63
C ASN D 43 -16.86 29.32 -0.94
N LEU D 44 -16.99 28.36 -0.03
CA LEU D 44 -18.20 28.27 0.76
C LEU D 44 -18.45 29.55 1.55
N ALA D 45 -17.39 30.07 2.15
CA ALA D 45 -17.50 31.26 2.99
C ALA D 45 -17.91 32.45 2.14
N ILE D 46 -17.31 32.60 0.97
CA ILE D 46 -17.66 33.69 0.08
C ILE D 46 -19.12 33.59 -0.38
N ALA D 47 -19.53 32.36 -0.72
CA ALA D 47 -20.91 32.13 -1.10
C ALA D 47 -21.84 32.56 0.02
N GLN D 48 -21.46 32.24 1.25
CA GLN D 48 -22.30 32.59 2.39
C GLN D 48 -22.39 34.09 2.52
N LEU D 50 -22.06 36.32 0.02
CA LEU D 50 -22.89 36.83 -1.07
C LEU D 50 -24.37 36.62 -0.75
N PHE D 51 -24.68 35.44 -0.21
CA PHE D 51 -26.04 35.15 0.21
C PHE D 51 -26.59 36.15 1.24
N LEU D 52 -25.78 36.41 2.28
CA LEU D 52 -26.19 37.31 3.36
C LEU D 52 -26.39 38.73 2.86
N GLU D 53 -25.53 39.15 1.94
CA GLU D 53 -25.65 40.46 1.30
C GLU D 53 -26.97 40.57 0.55
N SER D 54 -27.31 39.50 -0.16
CA SER D 54 -28.52 39.40 -0.94
C SER D 54 -29.76 39.46 -0.06
N GLU D 55 -29.73 38.86 1.11
CA GLU D 55 -30.86 38.97 2.00
C GLU D 55 -31.05 40.37 2.57
N ASN D 56 -29.96 41.00 2.99
CA ASN D 56 -29.98 42.33 3.54
C ASN D 56 -28.62 42.97 3.33
N PRO D 57 -28.54 43.89 2.39
CA PRO D 57 -27.29 44.56 2.03
C PRO D 57 -26.79 45.50 3.12
N ASN D 58 -27.64 45.82 4.09
CA ASN D 58 -27.30 46.81 5.09
C ASN D 58 -27.02 46.31 6.50
N LYS D 59 -27.42 45.08 6.82
CA LYS D 59 -27.07 44.50 8.13
C LYS D 59 -25.68 43.87 8.17
N ASP D 60 -24.99 44.03 9.29
CA ASP D 60 -23.69 43.42 9.50
C ASP D 60 -23.67 41.90 9.25
N ILE D 61 -22.52 41.43 8.79
CA ILE D 61 -22.21 40.02 8.67
C ILE D 61 -21.20 39.73 9.78
N ASN D 62 -21.32 38.55 10.38
CA ASN D 62 -20.46 38.18 11.49
C ASN D 62 -19.63 36.98 11.12
N LEU D 63 -18.32 37.16 11.12
CA LEU D 63 -17.41 36.11 10.71
C LEU D 63 -16.66 35.57 11.93
N TYR D 64 -16.96 34.33 12.29
CA TYR D 64 -16.33 33.73 13.45
C TYR D 64 -15.18 32.86 12.98
N ILE D 65 -13.98 33.16 13.43
CA ILE D 65 -12.78 32.55 12.93
C ILE D 65 -12.05 31.64 13.89
N ASN D 66 -11.81 30.41 13.46
CA ASN D 66 -11.01 29.45 14.20
C ASN D 66 -10.13 28.65 13.25
N SER D 67 -9.03 29.25 12.82
CA SER D 67 -8.17 28.61 11.86
C SER D 67 -6.73 28.52 12.32
N PRO D 68 -6.18 27.31 12.36
CA PRO D 68 -4.78 27.11 12.77
C PRO D 68 -3.77 27.17 11.63
N GLY D 69 -4.24 27.32 10.39
CA GLY D 69 -3.34 27.33 9.25
C GLY D 69 -4.00 27.47 7.90
N GLY D 70 -3.21 27.30 6.84
CA GLY D 70 -3.75 27.42 5.50
C GLY D 70 -3.03 28.48 4.70
N ALA D 71 -3.38 28.61 3.42
CA ALA D 71 -2.58 29.41 2.51
C ALA D 71 -3.14 30.81 2.31
N VAL D 72 -2.25 31.79 2.36
CA VAL D 72 -2.65 33.18 2.19
C VAL D 72 -3.33 33.43 0.84
N THR D 73 -2.85 32.77 -0.22
CA THR D 73 -3.52 32.87 -1.52
C THR D 73 -4.99 32.44 -1.51
N SER D 74 -5.37 31.51 -0.64
CA SER D 74 -6.78 31.17 -0.46
C SER D 74 -7.52 32.26 0.34
N ALA D 75 -6.85 32.76 1.37
CA ALA D 75 -7.40 33.82 2.19
C ALA D 75 -7.68 35.09 1.37
N ALA D 77 -9.01 35.62 -1.56
CA ALA D 77 -10.30 35.71 -2.17
C ALA D 77 -11.32 36.06 -1.10
N ILE D 78 -11.17 35.46 0.09
CA ILE D 78 -12.12 35.74 1.14
C ILE D 78 -12.01 37.21 1.52
N TYR D 79 -10.77 37.67 1.73
CA TYR D 79 -10.51 39.07 2.08
C TYR D 79 -11.18 40.04 1.09
N ASP D 80 -10.99 39.79 -0.20
CA ASP D 80 -11.51 40.69 -1.23
C ASP D 80 -13.04 40.67 -1.27
N THR D 81 -13.61 39.51 -0.97
CA THR D 81 -15.06 39.37 -0.92
C THR D 81 -15.61 40.17 0.25
N GLN D 83 -14.39 42.96 1.42
CA GLN D 83 -14.39 44.35 1.03
C GLN D 83 -15.41 44.64 -0.08
N PHE D 84 -15.76 43.63 -0.86
CA PHE D 84 -16.70 43.77 -1.97
C PHE D 84 -18.17 43.85 -1.55
N VAL D 85 -18.63 42.94 -0.69
CA VAL D 85 -20.03 42.95 -0.26
C VAL D 85 -20.36 44.19 0.57
N LYS D 86 -21.59 44.67 0.45
CA LYS D 86 -21.98 45.94 1.06
C LYS D 86 -21.98 45.97 2.61
N PRO D 87 -22.46 44.90 3.25
CA PRO D 87 -22.47 44.82 4.72
C PRO D 87 -21.10 44.96 5.35
N ASP D 88 -21.03 45.66 6.46
CA ASP D 88 -19.87 45.60 7.33
C ASP D 88 -19.64 44.15 7.76
N VAL D 89 -18.40 43.69 7.68
CA VAL D 89 -18.07 42.35 8.15
C VAL D 89 -17.32 42.40 9.49
N ARG D 90 -18.05 42.17 10.58
CA ARG D 90 -17.48 42.07 11.91
C ARG D 90 -16.70 40.76 12.00
N THR D 91 -15.51 40.80 12.57
CA THR D 91 -14.72 39.59 12.73
C THR D 91 -14.45 39.30 14.20
N LEU D 92 -14.56 38.02 14.55
CA LEU D 92 -14.34 37.57 15.90
C LEU D 92 -13.49 36.29 15.85
N CYS D 93 -12.33 36.31 16.46
CA CYS D 93 -11.54 35.11 16.58
C CYS D 93 -11.95 34.38 17.84
N ILE D 94 -12.67 33.28 17.69
CA ILE D 94 -13.03 32.41 18.79
C ILE D 94 -11.89 31.60 19.40
N GLY D 95 -10.98 31.11 18.56
CA GLY D 95 -9.88 30.35 19.08
C GLY D 95 -8.53 30.65 18.50
N GLN D 96 -8.35 30.31 17.24
CA GLN D 96 -7.08 30.47 16.61
C GLN D 96 -7.20 31.25 15.35
N ALA D 97 -6.20 32.07 15.10
CA ALA D 97 -6.03 32.74 13.83
C ALA D 97 -4.58 32.75 13.41
N ALA D 98 -4.22 31.80 12.58
CA ALA D 98 -2.88 31.68 12.02
C ALA D 98 -2.87 32.64 10.85
N SER D 99 -1.81 32.67 10.07
CA SER D 99 -1.64 33.78 9.16
C SER D 99 -2.75 34.07 8.15
N ALA D 100 -3.28 33.07 7.47
CA ALA D 100 -4.42 33.32 6.61
C ALA D 100 -5.65 33.78 7.39
N GLY D 101 -5.87 33.20 8.56
CA GLY D 101 -6.96 33.60 9.43
C GLY D 101 -6.75 35.01 9.96
N ALA D 102 -5.54 35.30 10.39
CA ALA D 102 -5.20 36.61 10.89
C ALA D 102 -5.47 37.69 9.85
N LEU D 103 -5.15 37.40 8.60
CA LEU D 103 -5.40 38.34 7.52
C LEU D 103 -6.89 38.68 7.44
N LEU D 104 -7.76 37.68 7.60
CA LEU D 104 -9.20 37.91 7.55
C LEU D 104 -9.71 38.60 8.81
N LEU D 105 -9.15 38.23 9.96
CA LEU D 105 -9.45 38.89 11.22
C LEU D 105 -9.17 40.40 11.08
N ALA D 106 -7.96 40.74 10.66
CA ALA D 106 -7.54 42.12 10.54
C ALA D 106 -8.37 42.87 9.49
N GLY D 107 -8.90 42.16 8.51
CA GLY D 107 -9.61 42.80 7.42
C GLY D 107 -11.07 43.08 7.67
N GLY D 108 -11.53 42.81 8.89
CA GLY D 108 -12.89 43.15 9.29
C GLY D 108 -13.13 44.66 9.24
N ALA D 109 -14.39 45.07 9.37
CA ALA D 109 -14.76 46.48 9.32
C ALA D 109 -14.13 47.21 10.51
N LYS D 110 -13.84 48.49 10.32
CA LYS D 110 -13.22 49.29 11.37
C LYS D 110 -13.99 49.28 12.69
N GLY D 111 -13.27 49.04 13.78
CA GLY D 111 -13.88 48.96 15.09
C GLY D 111 -14.68 47.69 15.35
N LYS D 112 -14.73 46.78 14.39
CA LYS D 112 -15.54 45.58 14.57
C LYS D 112 -14.77 44.26 14.51
N ARG D 113 -13.50 44.29 14.94
CA ARG D 113 -12.65 43.12 14.94
C ARG D 113 -12.31 42.77 16.38
N HIS D 114 -12.48 41.50 16.76
CA HIS D 114 -12.31 41.11 18.15
C HIS D 114 -11.74 39.71 18.33
N CYS D 115 -11.41 39.35 19.56
CA CYS D 115 -11.04 37.98 19.87
C CYS D 115 -11.40 37.71 21.32
N LEU D 116 -11.23 36.47 21.75
CA LEU D 116 -11.56 36.08 23.13
C LEU D 116 -10.27 35.96 23.94
N PRO D 117 -10.38 35.89 25.27
CA PRO D 117 -9.20 36.04 26.14
C PRO D 117 -8.09 34.99 25.91
N HIS D 118 -8.41 33.78 25.49
CA HIS D 118 -7.36 32.78 25.28
C HIS D 118 -7.07 32.50 23.82
N SER D 119 -7.58 33.36 22.94
CA SER D 119 -7.29 33.26 21.52
C SER D 119 -5.80 33.39 21.24
N SER D 120 -5.42 32.81 20.13
CA SER D 120 -4.05 32.85 19.67
C SER D 120 -4.07 33.42 18.27
N VAL D 121 -3.37 34.53 18.08
CA VAL D 121 -3.29 35.12 16.77
C VAL D 121 -1.85 35.04 16.34
N ILE D 123 0.89 35.71 12.83
CA ILE D 123 1.11 36.13 11.44
C ILE D 123 2.52 35.77 10.98
N HIS D 124 2.66 35.42 9.70
CA HIS D 124 3.97 35.18 9.10
C HIS D 124 3.91 35.47 7.60
N GLN D 125 5.07 35.59 6.96
CA GLN D 125 5.12 35.88 5.53
C GLN D 125 4.56 34.71 4.71
N VAL D 126 4.29 34.95 3.43
CA VAL D 126 3.73 33.87 2.58
C VAL D 126 4.69 32.72 2.33
N LEU D 127 4.10 31.56 2.09
CA LEU D 127 4.84 30.38 1.73
C LEU D 127 4.45 30.06 0.30
N GLY D 128 5.36 29.45 -0.44
CA GLY D 128 5.04 28.96 -1.75
C GLY D 128 6.00 27.89 -2.18
N GLY D 129 6.11 27.71 -3.49
CA GLY D 129 7.01 26.70 -4.00
C GLY D 129 6.69 26.36 -5.43
N TYR D 130 7.73 26.05 -6.18
CA TYR D 130 7.58 25.67 -7.56
C TYR D 130 8.71 24.72 -7.95
N GLN D 131 8.46 23.91 -8.97
CA GLN D 131 9.44 22.97 -9.42
C GLN D 131 9.38 22.95 -10.92
N GLY D 132 10.52 23.06 -11.57
CA GLY D 132 10.54 23.06 -13.01
C GLY D 132 11.75 23.76 -13.57
N GLN D 133 11.62 24.26 -14.79
CA GLN D 133 12.73 24.94 -15.44
C GLN D 133 13.09 26.21 -14.69
N GLY D 134 14.37 26.58 -14.72
CA GLY D 134 14.82 27.82 -14.13
C GLY D 134 14.03 29.03 -14.56
N THR D 135 13.79 29.17 -15.86
CA THR D 135 12.99 30.29 -16.34
C THR D 135 11.69 30.38 -15.54
N ASP D 136 10.99 29.26 -15.44
CA ASP D 136 9.73 29.18 -14.74
C ASP D 136 9.85 29.43 -13.23
N ILE D 137 10.91 28.93 -12.63
CA ILE D 137 11.18 29.24 -11.24
C ILE D 137 11.28 30.76 -11.03
N GLN D 138 11.92 31.45 -11.97
CA GLN D 138 12.07 32.88 -11.86
C GLN D 138 10.71 33.57 -12.00
N ILE D 139 9.89 33.06 -12.93
CA ILE D 139 8.53 33.60 -13.10
C ILE D 139 7.70 33.45 -11.81
N HIS D 140 7.76 32.27 -11.20
CA HIS D 140 6.98 32.01 -9.99
C HIS D 140 7.54 32.66 -8.72
N ALA D 141 8.85 32.86 -8.64
CA ALA D 141 9.42 33.59 -7.50
C ALA D 141 9.03 35.08 -7.50
N LYS D 142 8.91 35.69 -8.69
CA LYS D 142 8.44 37.08 -8.77
C LYS D 142 6.98 37.22 -8.36
N GLN D 143 6.14 36.30 -8.82
CA GLN D 143 4.74 36.28 -8.40
C GLN D 143 4.66 36.12 -6.87
N THR D 144 5.46 35.20 -6.33
CA THR D 144 5.54 35.02 -4.89
C THR D 144 5.93 36.30 -4.15
N GLN D 145 6.87 37.04 -4.72
CA GLN D 145 7.27 38.32 -4.13
C GLN D 145 6.09 39.31 -4.18
N ARG D 146 5.31 39.26 -5.25
CA ARG D 146 4.19 40.20 -5.35
C ARG D 146 3.10 39.92 -4.31
N VAL D 147 2.78 38.64 -4.13
CA VAL D 147 1.80 38.20 -3.16
C VAL D 147 2.29 38.53 -1.78
N SER D 148 3.56 38.25 -1.55
CA SER D 148 4.20 38.64 -0.31
C SER D 148 4.05 40.15 -0.04
N ASP D 149 4.28 40.98 -1.06
CA ASP D 149 4.10 42.42 -0.88
C ASP D 149 2.61 42.75 -0.62
N GLN D 150 1.69 42.09 -1.33
CA GLN D 150 0.28 42.32 -1.08
C GLN D 150 -0.13 42.03 0.36
N LEU D 151 0.33 40.91 0.92
CA LEU D 151 -0.01 40.62 2.31
C LEU D 151 0.47 41.76 3.22
N ASN D 152 1.70 42.20 3.04
CA ASN D 152 2.23 43.29 3.85
C ASN D 152 1.40 44.55 3.70
N GLN D 153 1.02 44.89 2.47
CA GLN D 153 0.21 46.09 2.24
C GLN D 153 -1.15 45.97 2.88
N ILE D 154 -1.75 44.80 2.86
CA ILE D 154 -3.08 44.63 3.45
C ILE D 154 -3.03 44.74 4.97
N LEU D 155 -2.05 44.10 5.59
CA LEU D 155 -1.91 44.21 7.05
C LEU D 155 -1.62 45.64 7.50
N ALA D 156 -0.76 46.32 6.75
CA ALA D 156 -0.39 47.69 7.05
C ALA D 156 -1.61 48.60 7.03
N LYS D 157 -2.38 48.54 5.96
CA LYS D 157 -3.60 49.33 5.82
C LYS D 157 -4.53 49.19 7.03
N HIS D 158 -4.76 47.96 7.47
CA HIS D 158 -5.74 47.67 8.51
C HIS D 158 -5.21 47.83 9.92
N THR D 159 -3.90 47.69 10.11
CA THR D 159 -3.33 47.88 11.44
C THR D 159 -2.82 49.32 11.64
N GLY D 160 -2.58 50.01 10.54
CA GLY D 160 -1.99 51.33 10.60
C GLY D 160 -0.48 51.31 10.61
N LYS D 161 0.14 50.15 10.78
CA LYS D 161 1.61 50.06 10.74
C LYS D 161 2.22 50.49 9.40
N ASP D 162 3.54 50.62 9.40
CA ASP D 162 4.30 50.78 8.17
C ASP D 162 4.51 49.41 7.50
N ILE D 163 4.52 49.41 6.17
CA ILE D 163 4.77 48.19 5.43
C ILE D 163 6.10 47.52 5.83
N GLU D 164 7.14 48.32 6.02
CA GLU D 164 8.45 47.81 6.39
C GLU D 164 8.43 47.15 7.76
N ARG D 165 7.61 47.68 8.66
CA ARG D 165 7.52 47.12 10.00
CA ARG D 165 7.54 47.12 10.00
C ARG D 165 6.81 45.76 9.96
N VAL D 166 5.76 45.70 9.14
CA VAL D 166 5.00 44.48 8.96
C VAL D 166 5.87 43.40 8.32
N GLU D 167 6.55 43.76 7.24
CA GLU D 167 7.49 42.86 6.57
C GLU D 167 8.50 42.28 7.58
N LYS D 168 9.06 43.11 8.44
CA LYS D 168 10.05 42.66 9.42
C LYS D 168 9.45 41.74 10.49
N ASP D 169 8.22 42.04 10.90
CA ASP D 169 7.58 41.29 11.97
C ASP D 169 7.13 39.92 11.51
N THR D 170 6.74 39.80 10.24
CA THR D 170 6.28 38.52 9.67
C THR D 170 7.39 37.69 9.02
N ASN D 171 8.62 38.16 9.11
CA ASN D 171 9.73 37.39 8.55
C ASN D 171 9.73 35.96 9.08
N ARG D 172 9.45 35.79 10.37
CA ARG D 172 9.20 34.47 10.94
C ARG D 172 7.88 34.45 11.70
N ASP D 173 7.44 33.27 12.12
CA ASP D 173 6.20 33.14 12.87
C ASP D 173 6.15 34.09 14.06
N TYR D 174 5.13 34.93 14.08
CA TYR D 174 5.03 36.00 15.04
C TYR D 174 3.69 35.87 15.78
N PHE D 175 3.75 35.27 16.96
CA PHE D 175 2.58 35.13 17.83
C PHE D 175 2.28 36.40 18.60
N LEU D 176 0.99 36.74 18.66
CA LEU D 176 0.53 37.84 19.49
C LEU D 176 -0.51 37.34 20.47
N THR D 177 -0.39 37.78 21.72
CA THR D 177 -1.48 37.59 22.70
C THR D 177 -2.66 38.49 22.28
N PRO D 178 -3.85 38.25 22.82
CA PRO D 178 -4.94 39.15 22.49
C PRO D 178 -4.57 40.62 22.72
N GLU D 179 -3.98 40.93 23.88
CA GLU D 179 -3.55 42.31 24.19
C GLU D 179 -2.55 42.89 23.18
N GLU D 180 -1.56 42.09 22.79
CA GLU D 180 -0.63 42.54 21.76
C GLU D 180 -1.34 42.75 20.44
N ALA D 181 -2.30 41.88 20.13
CA ALA D 181 -3.06 41.99 18.90
C ALA D 181 -3.84 43.30 18.86
N VAL D 182 -4.42 43.69 19.99
CA VAL D 182 -5.07 44.99 20.08
C VAL D 182 -4.04 46.09 19.85
N GLU D 183 -2.93 46.02 20.55
CA GLU D 183 -1.89 47.03 20.42
C GLU D 183 -1.37 47.08 18.99
N TYR D 184 -1.21 45.91 18.38
CA TYR D 184 -0.66 45.84 17.05
C TYR D 184 -1.59 46.50 16.02
N GLY D 185 -2.89 46.41 16.25
CA GLY D 185 -3.86 46.92 15.32
C GLY D 185 -4.61 45.87 14.50
N LEU D 186 -4.35 44.60 14.80
CA LEU D 186 -5.00 43.46 14.13
C LEU D 186 -6.46 43.37 14.51
N ILE D 187 -6.76 43.70 15.75
CA ILE D 187 -8.12 43.67 16.24
C ILE D 187 -8.31 44.95 17.02
N ASP D 188 -9.55 45.24 17.36
CA ASP D 188 -9.89 46.48 18.04
C ASP D 188 -10.12 46.31 19.55
N SER D 189 -10.67 45.18 19.96
CA SER D 189 -10.90 44.91 21.38
C SER D 189 -11.07 43.43 21.68
N ILE D 190 -10.86 43.09 22.95
CA ILE D 190 -11.09 41.75 23.45
C ILE D 190 -12.41 41.67 24.19
N PHE D 191 -13.20 40.64 23.90
CA PHE D 191 -14.42 40.39 24.65
C PHE D 191 -14.07 39.62 25.89
N LYS D 192 -13.83 40.37 26.96
CA LYS D 192 -13.33 39.80 28.20
C LYS D 192 -14.47 39.11 28.95
N GLU D 193 -14.14 38.17 29.83
CA GLU D 193 -15.17 37.44 30.58
C GLU D 193 -15.97 38.42 31.44
N ARG D 194 -17.28 38.42 31.27
CA ARG D 194 -18.11 39.40 31.95
C ARG D 194 -17.91 39.28 33.46
N PRO D 195 -18.08 40.41 34.17
CA PRO D 195 -17.85 40.41 35.62
C PRO D 195 -18.32 39.12 36.31
N LEU E 4 41.90 -20.70 -8.06
CA LEU E 4 41.31 -20.17 -6.84
C LEU E 4 39.84 -19.72 -6.99
N VAL E 5 39.50 -19.10 -8.12
CA VAL E 5 38.19 -18.43 -8.31
C VAL E 5 36.95 -19.34 -8.35
N PRO E 6 35.91 -18.97 -7.56
CA PRO E 6 34.71 -19.78 -7.34
C PRO E 6 33.81 -19.89 -8.57
N VAL E 8 29.95 -20.68 -10.23
CA VAL E 8 28.50 -20.76 -10.07
C VAL E 8 27.81 -20.75 -11.43
N VAL E 9 26.54 -21.18 -11.45
CA VAL E 9 25.77 -21.14 -12.67
C VAL E 9 25.17 -19.76 -12.80
N GLU E 10 24.83 -19.19 -11.66
CA GLU E 10 24.05 -17.97 -11.63
C GLU E 10 24.52 -17.04 -10.53
N GLN E 11 24.59 -15.74 -10.83
CA GLN E 11 24.95 -14.74 -9.83
C GLN E 11 23.91 -14.64 -8.70
N THR E 12 24.40 -14.73 -7.45
CA THR E 12 23.58 -14.62 -6.24
C THR E 12 24.08 -15.60 -5.19
N ALA E 18 33.01 -14.48 -7.99
CA ALA E 18 31.93 -15.37 -8.40
C ALA E 18 31.84 -15.55 -9.92
N TYR E 19 32.63 -16.48 -10.47
CA TYR E 19 32.55 -16.83 -11.89
C TYR E 19 31.15 -17.41 -12.18
N ASP E 20 30.51 -16.93 -13.24
CA ASP E 20 29.19 -17.45 -13.59
C ASP E 20 29.16 -17.98 -15.01
N ILE E 21 28.02 -18.53 -15.43
CA ILE E 21 27.91 -19.15 -16.75
C ILE E 21 28.14 -18.16 -17.88
N TYR E 22 27.55 -16.97 -17.79
CA TYR E 22 27.72 -16.00 -18.84
C TYR E 22 29.16 -15.52 -18.98
N SER E 23 29.84 -15.39 -17.85
CA SER E 23 31.24 -15.00 -17.86
C SER E 23 32.08 -16.07 -18.55
N ARG E 24 31.75 -17.33 -18.27
CA ARG E 24 32.46 -18.44 -18.89
C ARG E 24 32.25 -18.47 -20.41
N LEU E 25 31.02 -18.23 -20.84
CA LEU E 25 30.77 -18.14 -22.27
C LEU E 25 31.45 -16.92 -22.90
N LEU E 26 31.64 -15.88 -22.10
CA LEU E 26 32.32 -14.67 -22.58
C LEU E 26 33.73 -15.00 -23.03
N LYS E 27 34.35 -15.92 -22.31
CA LYS E 27 35.67 -16.44 -22.66
C LYS E 27 35.71 -17.07 -24.05
N ASP E 28 34.57 -17.50 -24.57
CA ASP E 28 34.51 -17.97 -25.97
C ASP E 28 33.87 -16.91 -26.87
N ARG E 29 33.88 -15.67 -26.40
CA ARG E 29 33.40 -14.54 -27.20
C ARG E 29 31.93 -14.71 -27.57
N VAL E 30 31.17 -15.20 -26.62
CA VAL E 30 29.72 -15.24 -26.74
C VAL E 30 29.11 -14.25 -25.75
N ILE E 31 28.27 -13.37 -26.26
CA ILE E 31 27.56 -12.40 -25.43
C ILE E 31 26.06 -12.68 -25.52
N PHE E 32 25.39 -12.71 -24.37
CA PHE E 32 23.95 -12.92 -24.37
C PHE E 32 23.22 -11.59 -24.31
N LEU E 33 22.28 -11.41 -25.23
CA LEU E 33 21.39 -10.27 -25.20
C LEU E 33 19.97 -10.78 -24.97
N VAL E 34 19.50 -10.66 -23.73
CA VAL E 34 18.25 -11.31 -23.34
C VAL E 34 17.37 -10.42 -22.47
N GLY E 35 16.08 -10.71 -22.44
CA GLY E 35 15.17 -9.88 -21.68
C GLY E 35 14.81 -8.63 -22.45
N GLN E 36 14.21 -7.67 -21.77
CA GLN E 36 13.87 -6.40 -22.42
C GLN E 36 15.13 -5.65 -22.71
N VAL E 37 15.25 -5.17 -23.93
CA VAL E 37 16.32 -4.27 -24.24
C VAL E 37 16.00 -2.95 -23.56
N GLU E 38 16.77 -2.62 -22.53
CA GLU E 38 16.69 -1.31 -21.90
C GLU E 38 18.12 -0.88 -21.60
N ASP E 39 18.31 0.36 -21.15
CA ASP E 39 19.67 0.91 -20.97
C ASP E 39 20.65 0.04 -20.15
N HIS E 40 20.21 -0.45 -19.00
CA HIS E 40 21.12 -1.17 -18.11
C HIS E 40 21.81 -2.33 -18.80
N ALA E 42 21.82 -2.92 -21.92
CA ALA E 42 22.43 -2.46 -23.16
C ALA E 42 23.87 -2.09 -22.89
N ASN E 43 24.07 -1.28 -21.86
CA ASN E 43 25.41 -0.85 -21.51
C ASN E 43 26.33 -2.02 -21.11
N LEU E 44 25.79 -3.02 -20.42
CA LEU E 44 26.57 -4.24 -20.14
C LEU E 44 26.98 -4.92 -21.42
N ALA E 45 26.08 -5.08 -22.38
CA ALA E 45 26.43 -5.74 -23.63
C ALA E 45 27.53 -4.96 -24.37
N ILE E 46 27.39 -3.63 -24.38
CA ILE E 46 28.39 -2.77 -25.02
C ILE E 46 29.76 -2.96 -24.39
N ALA E 47 29.82 -2.93 -23.06
CA ALA E 47 31.09 -3.14 -22.35
C ALA E 47 31.72 -4.47 -22.74
N GLN E 48 30.89 -5.51 -22.83
CA GLN E 48 31.37 -6.83 -23.20
C GLN E 48 32.00 -6.86 -24.59
N LEU E 50 33.31 -4.19 -26.03
CA LEU E 50 34.55 -3.43 -25.92
C LEU E 50 35.64 -4.33 -25.35
N PHE E 51 35.29 -5.11 -24.34
CA PHE E 51 36.24 -6.04 -23.73
C PHE E 51 36.71 -7.10 -24.71
N LEU E 52 35.77 -7.67 -25.47
CA LEU E 52 36.16 -8.68 -26.45
C LEU E 52 37.08 -8.10 -27.52
N GLU E 53 36.76 -6.90 -28.02
CA GLU E 53 37.63 -6.24 -28.98
C GLU E 53 39.03 -6.04 -28.41
N SER E 54 39.08 -5.60 -27.16
CA SER E 54 40.34 -5.39 -26.46
C SER E 54 41.14 -6.69 -26.36
N GLU E 55 40.50 -7.78 -26.01
CA GLU E 55 41.22 -9.04 -25.94
C GLU E 55 41.78 -9.46 -27.30
N ASN E 56 40.99 -9.35 -28.36
CA ASN E 56 41.43 -9.66 -29.70
C ASN E 56 40.57 -8.90 -30.69
N PRO E 57 41.14 -7.94 -31.40
CA PRO E 57 40.36 -7.11 -32.33
C PRO E 57 39.96 -7.84 -33.60
N ASN E 58 40.54 -9.01 -33.85
CA ASN E 58 40.33 -9.73 -35.10
C ASN E 58 39.36 -10.89 -35.08
N LYS E 59 39.08 -11.48 -33.93
CA LYS E 59 38.15 -12.63 -33.90
C LYS E 59 36.70 -12.17 -33.78
N ASP E 60 35.82 -12.85 -34.48
CA ASP E 60 34.39 -12.54 -34.45
C ASP E 60 33.89 -12.48 -33.01
N ILE E 61 32.86 -11.68 -32.79
CA ILE E 61 32.12 -11.69 -31.55
C ILE E 61 30.76 -12.34 -31.80
N ASN E 62 30.29 -13.15 -30.87
CA ASN E 62 29.01 -13.81 -31.06
C ASN E 62 27.93 -13.30 -30.13
N LEU E 63 26.91 -12.69 -30.73
CA LEU E 63 25.77 -12.08 -30.03
C LEU E 63 24.58 -13.00 -30.13
N TYR E 64 24.23 -13.65 -29.03
CA TYR E 64 23.05 -14.51 -29.00
C TYR E 64 21.89 -13.71 -28.43
N ILE E 65 20.83 -13.55 -29.22
CA ILE E 65 19.74 -12.65 -28.89
C ILE E 65 18.46 -13.39 -28.55
N ASN E 66 17.90 -13.10 -27.38
CA ASN E 66 16.61 -13.66 -26.99
C ASN E 66 15.77 -12.62 -26.28
N SER E 67 15.16 -11.73 -27.05
CA SER E 67 14.52 -10.53 -26.51
C SER E 67 13.11 -10.38 -27.05
N PRO E 68 12.11 -10.35 -26.15
CA PRO E 68 10.70 -10.24 -26.55
C PRO E 68 10.20 -8.80 -26.56
N GLY E 69 11.04 -7.85 -26.15
CA GLY E 69 10.64 -6.44 -26.19
C GLY E 69 11.71 -5.44 -25.81
N GLY E 70 11.31 -4.17 -25.80
CA GLY E 70 12.19 -3.12 -25.34
C GLY E 70 12.22 -1.94 -26.28
N ALA E 71 12.91 -0.88 -25.86
CA ALA E 71 12.90 0.36 -26.59
C ALA E 71 14.01 0.44 -27.63
N VAL E 72 13.64 0.85 -28.82
CA VAL E 72 14.58 1.03 -29.92
C VAL E 72 15.70 2.03 -29.60
N THR E 73 15.38 3.08 -28.83
CA THR E 73 16.39 4.05 -28.42
C THR E 73 17.55 3.42 -27.62
N SER E 74 17.25 2.39 -26.84
CA SER E 74 18.30 1.67 -26.10
C SER E 74 19.09 0.77 -27.04
N ALA E 75 18.40 0.20 -28.02
CA ALA E 75 19.03 -0.68 -28.98
C ALA E 75 20.00 0.10 -29.84
N ALA E 77 22.13 2.33 -29.26
CA ALA E 77 23.49 2.36 -28.72
C ALA E 77 24.24 1.08 -29.05
N ILE E 78 23.62 -0.06 -28.75
CA ILE E 78 24.23 -1.36 -29.04
C ILE E 78 24.58 -1.51 -30.52
N TYR E 79 23.62 -1.18 -31.38
CA TYR E 79 23.82 -1.20 -32.83
C TYR E 79 25.05 -0.39 -33.24
N ASP E 80 25.17 0.83 -32.73
CA ASP E 80 26.31 1.66 -33.12
C ASP E 80 27.59 1.03 -32.58
N THR E 81 27.49 0.41 -31.41
CA THR E 81 28.66 -0.25 -30.82
C THR E 81 29.12 -1.38 -31.72
N GLN E 83 28.85 -1.72 -34.94
CA GLN E 83 29.53 -1.23 -36.13
C GLN E 83 30.82 -0.51 -35.76
N PHE E 84 30.95 -0.11 -34.51
CA PHE E 84 32.13 0.64 -34.08
C PHE E 84 33.32 -0.26 -33.76
N VAL E 85 33.08 -1.43 -33.18
CA VAL E 85 34.18 -2.33 -32.81
C VAL E 85 34.73 -3.08 -34.02
N LYS E 86 36.05 -3.30 -34.03
CA LYS E 86 36.70 -3.93 -35.16
C LYS E 86 36.16 -5.31 -35.54
N PRO E 87 35.92 -6.18 -34.55
CA PRO E 87 35.49 -7.54 -34.88
C PRO E 87 34.11 -7.60 -35.56
N ASP E 88 33.98 -8.50 -36.53
CA ASP E 88 32.67 -8.92 -37.04
C ASP E 88 31.82 -9.46 -35.89
N VAL E 89 30.59 -8.95 -35.79
CA VAL E 89 29.67 -9.45 -34.79
C VAL E 89 28.65 -10.34 -35.46
N ARG E 90 28.77 -11.64 -35.26
CA ARG E 90 27.80 -12.62 -35.73
C ARG E 90 26.60 -12.63 -34.79
N THR E 91 25.40 -12.62 -35.36
CA THR E 91 24.19 -12.59 -34.54
C THR E 91 23.41 -13.84 -34.79
N LEU E 92 22.83 -14.38 -33.72
CA LEU E 92 21.97 -15.55 -33.77
C LEU E 92 20.77 -15.38 -32.87
N CYS E 93 19.58 -15.56 -33.42
CA CYS E 93 18.38 -15.51 -32.62
C CYS E 93 18.02 -16.90 -32.18
N ILE E 94 18.29 -17.19 -30.92
CA ILE E 94 17.86 -18.43 -30.30
C ILE E 94 16.35 -18.54 -30.09
N GLY E 95 15.72 -17.47 -29.64
CA GLY E 95 14.29 -17.52 -29.45
C GLY E 95 13.48 -16.38 -30.00
N GLN E 96 13.55 -15.24 -29.35
CA GLN E 96 12.78 -14.10 -29.77
C GLN E 96 13.63 -12.94 -30.13
N ALA E 97 13.19 -12.23 -31.16
CA ALA E 97 13.73 -10.94 -31.50
C ALA E 97 12.59 -10.01 -31.78
N ALA E 98 12.23 -9.20 -30.80
CA ALA E 98 11.19 -8.22 -31.00
C ALA E 98 11.88 -7.06 -31.67
N SER E 99 11.20 -5.96 -31.88
CA SER E 99 11.73 -4.97 -32.76
C SER E 99 13.10 -4.49 -32.38
N ALA E 100 13.35 -4.24 -31.11
CA ALA E 100 14.68 -3.77 -30.71
C ALA E 100 15.75 -4.84 -30.94
N GLY E 101 15.46 -6.05 -30.51
CA GLY E 101 16.35 -7.17 -30.77
C GLY E 101 16.50 -7.47 -32.25
N ALA E 102 15.43 -7.27 -33.02
CA ALA E 102 15.47 -7.54 -34.44
C ALA E 102 16.43 -6.56 -35.13
N LEU E 103 16.41 -5.32 -34.66
CA LEU E 103 17.32 -4.32 -35.19
C LEU E 103 18.76 -4.77 -35.00
N LEU E 104 19.04 -5.37 -33.84
CA LEU E 104 20.39 -5.87 -33.54
C LEU E 104 20.74 -7.12 -34.34
N LEU E 105 19.82 -8.08 -34.38
CA LEU E 105 20.01 -9.27 -35.22
C LEU E 105 20.29 -8.85 -36.65
N ALA E 106 19.49 -7.92 -37.16
CA ALA E 106 19.61 -7.48 -38.54
C ALA E 106 20.92 -6.73 -38.80
N GLY E 107 21.50 -6.12 -37.78
CA GLY E 107 22.69 -5.30 -37.95
C GLY E 107 23.98 -6.08 -37.72
N GLY E 108 23.87 -7.40 -37.55
CA GLY E 108 25.06 -8.24 -37.54
C GLY E 108 25.85 -8.10 -38.84
N ALA E 109 27.00 -8.75 -38.91
CA ALA E 109 27.87 -8.64 -40.08
C ALA E 109 27.33 -9.45 -41.27
N LYS E 110 27.52 -8.92 -42.47
CA LYS E 110 27.02 -9.57 -43.67
C LYS E 110 27.34 -11.05 -43.69
N GLY E 111 26.31 -11.87 -43.91
CA GLY E 111 26.48 -13.29 -44.00
C GLY E 111 26.50 -14.03 -42.67
N LYS E 112 26.42 -13.27 -41.58
CA LYS E 112 26.60 -13.84 -40.25
C LYS E 112 25.43 -13.54 -39.31
N ARG E 113 24.23 -13.49 -39.90
CA ARG E 113 23.01 -13.24 -39.15
C ARG E 113 22.09 -14.45 -39.33
N HIS E 114 21.70 -15.06 -38.21
CA HIS E 114 20.99 -16.33 -38.24
C HIS E 114 19.91 -16.43 -37.17
N CYS E 115 19.04 -17.42 -37.32
CA CYS E 115 18.13 -17.79 -36.23
C CYS E 115 17.90 -19.29 -36.25
N LEU E 116 17.25 -19.79 -35.20
CA LEU E 116 16.86 -21.19 -35.14
C LEU E 116 15.44 -21.41 -35.71
N PRO E 117 15.04 -22.67 -35.90
CA PRO E 117 13.83 -22.99 -36.66
C PRO E 117 12.53 -22.49 -36.08
N HIS E 118 12.42 -22.37 -34.76
CA HIS E 118 11.19 -21.84 -34.15
C HIS E 118 11.30 -20.43 -33.58
N SER E 119 12.42 -19.78 -33.83
CA SER E 119 12.58 -18.37 -33.50
C SER E 119 11.41 -17.52 -34.02
N SER E 120 11.05 -16.51 -33.24
CA SER E 120 10.08 -15.55 -33.70
C SER E 120 10.75 -14.20 -33.85
N VAL E 121 10.75 -13.68 -35.06
CA VAL E 121 11.22 -12.33 -35.31
C VAL E 121 10.05 -11.38 -35.59
N ILE E 123 9.14 -6.99 -36.22
CA ILE E 123 9.53 -5.59 -36.33
C ILE E 123 8.32 -4.67 -36.22
N HIS E 124 8.54 -3.45 -35.72
CA HIS E 124 7.46 -2.45 -35.67
C HIS E 124 8.06 -1.05 -35.48
N GLN E 125 7.25 -0.01 -35.64
CA GLN E 125 7.80 1.35 -35.59
C GLN E 125 8.16 1.71 -34.18
N VAL E 126 8.86 2.82 -34.00
CA VAL E 126 9.26 3.24 -32.66
C VAL E 126 8.04 3.66 -31.87
N LEU E 127 8.12 3.43 -30.57
CA LEU E 127 7.14 3.93 -29.63
C LEU E 127 7.74 5.13 -28.92
N GLY E 128 6.88 5.98 -28.37
CA GLY E 128 7.37 7.15 -27.68
C GLY E 128 6.28 7.79 -26.85
N GLY E 129 6.53 9.01 -26.44
CA GLY E 129 5.61 9.72 -25.60
C GLY E 129 6.22 10.87 -24.83
N TYR E 130 5.42 11.90 -24.65
CA TYR E 130 5.85 13.03 -23.87
C TYR E 130 4.62 13.66 -23.26
N GLN E 131 4.84 14.41 -22.18
CA GLN E 131 3.77 15.16 -21.55
C GLN E 131 4.31 16.53 -21.12
N GLY E 132 3.59 17.59 -21.47
CA GLY E 132 3.97 18.93 -21.04
C GLY E 132 3.39 20.01 -21.93
N GLN E 133 4.09 21.14 -22.02
CA GLN E 133 3.62 22.25 -22.85
C GLN E 133 3.63 21.89 -24.33
N GLY E 134 2.68 22.49 -25.07
CA GLY E 134 2.55 22.26 -26.50
C GLY E 134 3.84 22.41 -27.28
N THR E 135 4.59 23.47 -27.00
CA THR E 135 5.86 23.70 -27.66
C THR E 135 6.81 22.50 -27.46
N ASP E 136 6.81 21.95 -26.25
CA ASP E 136 7.66 20.81 -25.94
C ASP E 136 7.15 19.56 -26.60
N ILE E 137 5.83 19.41 -26.61
CA ILE E 137 5.24 18.31 -27.34
C ILE E 137 5.70 18.32 -28.80
N GLN E 138 5.65 19.48 -29.44
CA GLN E 138 6.08 19.62 -30.84
C GLN E 138 7.55 19.25 -31.00
N ILE E 139 8.37 19.69 -30.07
CA ILE E 139 9.81 19.42 -30.10
C ILE E 139 10.08 17.93 -30.02
N HIS E 140 9.44 17.24 -29.10
CA HIS E 140 9.70 15.81 -28.92
C HIS E 140 9.07 14.99 -30.02
N ALA E 141 7.95 15.46 -30.55
CA ALA E 141 7.32 14.79 -31.67
C ALA E 141 8.21 14.77 -32.92
N LYS E 142 8.91 15.88 -33.18
CA LYS E 142 9.90 15.91 -34.27
C LYS E 142 11.04 14.94 -34.03
N GLN E 143 11.52 14.86 -32.79
CA GLN E 143 12.66 13.99 -32.49
C GLN E 143 12.23 12.54 -32.65
N THR E 144 11.01 12.23 -32.25
CA THR E 144 10.49 10.90 -32.40
C THR E 144 10.39 10.55 -33.88
N GLN E 145 10.04 11.54 -34.69
CA GLN E 145 9.94 11.33 -36.13
C GLN E 145 11.33 11.06 -36.72
N ARG E 146 12.34 11.76 -36.19
CA ARG E 146 13.72 11.51 -36.59
C ARG E 146 14.19 10.09 -36.26
N VAL E 147 13.91 9.66 -35.03
CA VAL E 147 14.32 8.35 -34.58
C VAL E 147 13.62 7.28 -35.40
N SER E 148 12.32 7.49 -35.63
CA SER E 148 11.56 6.58 -36.46
C SER E 148 12.19 6.45 -37.87
N ASP E 149 12.57 7.59 -38.44
CA ASP E 149 13.31 7.59 -39.70
C ASP E 149 14.62 6.79 -39.63
N GLN E 150 15.39 6.98 -38.56
CA GLN E 150 16.67 6.27 -38.42
C GLN E 150 16.47 4.76 -38.37
N LEU E 151 15.38 4.31 -37.75
CA LEU E 151 15.14 2.88 -37.69
C LEU E 151 14.90 2.35 -39.10
N ASN E 152 14.05 3.03 -39.86
CA ASN E 152 13.79 2.60 -41.23
C ASN E 152 15.05 2.56 -42.06
N GLN E 153 15.89 3.58 -41.94
CA GLN E 153 17.15 3.63 -42.68
C GLN E 153 18.03 2.44 -42.35
N ILE E 154 18.18 2.19 -41.06
CA ILE E 154 19.03 1.09 -40.64
C ILE E 154 18.50 -0.23 -41.19
N LEU E 155 17.20 -0.47 -41.06
CA LEU E 155 16.65 -1.73 -41.55
C LEU E 155 16.75 -1.85 -43.07
N ALA E 156 16.47 -0.77 -43.78
CA ALA E 156 16.56 -0.77 -45.24
C ALA E 156 17.98 -1.15 -45.68
N LYS E 157 18.95 -0.47 -45.09
CA LYS E 157 20.35 -0.71 -45.34
C LYS E 157 20.73 -2.18 -45.24
N HIS E 158 20.33 -2.83 -44.14
CA HIS E 158 20.80 -4.18 -43.85
C HIS E 158 19.97 -5.28 -44.52
N THR E 159 18.73 -4.97 -44.87
CA THR E 159 17.85 -5.97 -45.47
C THR E 159 17.88 -5.82 -46.98
N GLY E 160 18.14 -4.60 -47.44
CA GLY E 160 18.14 -4.31 -48.88
C GLY E 160 16.80 -3.78 -49.38
N LYS E 161 15.87 -3.57 -48.46
CA LYS E 161 14.57 -3.03 -48.82
C LYS E 161 14.61 -1.49 -48.95
N ASP E 162 13.69 -0.95 -49.73
CA ASP E 162 13.52 0.51 -49.80
C ASP E 162 12.99 1.05 -48.47
N ILE E 163 13.44 2.24 -48.11
CA ILE E 163 13.00 2.85 -46.87
C ILE E 163 11.46 2.89 -46.77
N GLU E 164 10.80 3.16 -47.89
CA GLU E 164 9.34 3.25 -47.91
C GLU E 164 8.68 1.89 -47.67
N ARG E 165 9.30 0.84 -48.17
CA ARG E 165 8.78 -0.50 -47.97
C ARG E 165 8.91 -0.86 -46.48
N VAL E 166 10.05 -0.52 -45.88
CA VAL E 166 10.26 -0.84 -44.48
C VAL E 166 9.26 -0.08 -43.62
N GLU E 167 8.98 1.16 -44.01
CA GLU E 167 8.14 2.06 -43.22
C GLU E 167 6.70 1.55 -43.23
N LYS E 168 6.26 1.10 -44.39
CA LYS E 168 4.97 0.45 -44.51
C LYS E 168 4.84 -0.85 -43.68
N ASP E 169 5.81 -1.75 -43.81
CA ASP E 169 5.73 -3.03 -43.11
C ASP E 169 5.72 -2.87 -41.61
N THR E 170 6.46 -1.89 -41.12
CA THR E 170 6.61 -1.67 -39.67
C THR E 170 5.53 -0.79 -39.07
N ASN E 171 4.60 -0.34 -39.89
CA ASN E 171 3.56 0.54 -39.39
C ASN E 171 2.76 -0.13 -38.28
N ARG E 172 2.62 -1.44 -38.38
CA ARG E 172 2.04 -2.23 -37.29
C ARG E 172 2.94 -3.41 -37.02
N ASP E 173 2.77 -4.04 -35.85
CA ASP E 173 3.53 -5.25 -35.50
C ASP E 173 3.58 -6.20 -36.69
N TYR E 174 4.80 -6.57 -37.08
CA TYR E 174 5.02 -7.38 -38.28
C TYR E 174 5.83 -8.63 -37.91
N PHE E 175 5.15 -9.75 -37.72
CA PHE E 175 5.85 -11.02 -37.44
C PHE E 175 6.39 -11.71 -38.69
N LEU E 176 7.56 -12.33 -38.55
CA LEU E 176 8.22 -13.02 -39.65
C LEU E 176 8.65 -14.38 -39.18
N THR E 177 8.26 -15.41 -39.92
CA THR E 177 8.83 -16.73 -39.74
C THR E 177 10.31 -16.66 -40.11
N PRO E 178 11.11 -17.60 -39.57
CA PRO E 178 12.51 -17.65 -39.99
C PRO E 178 12.68 -17.50 -41.51
N GLU E 179 11.99 -18.34 -42.29
CA GLU E 179 12.06 -18.28 -43.75
C GLU E 179 11.73 -16.90 -44.29
N GLU E 180 10.66 -16.32 -43.77
CA GLU E 180 10.22 -15.02 -44.22
C GLU E 180 11.32 -14.01 -43.90
N ALA E 181 12.08 -14.27 -42.84
CA ALA E 181 13.09 -13.32 -42.38
C ALA E 181 14.37 -13.43 -43.21
N VAL E 182 14.71 -14.65 -43.64
CA VAL E 182 15.76 -14.81 -44.63
C VAL E 182 15.38 -14.08 -45.92
N GLU E 183 14.17 -14.37 -46.41
CA GLU E 183 13.64 -13.75 -47.62
C GLU E 183 13.55 -12.22 -47.51
N TYR E 184 13.22 -11.73 -46.33
CA TYR E 184 13.08 -10.28 -46.13
C TYR E 184 14.46 -9.61 -46.07
N GLY E 185 15.47 -10.34 -45.61
CA GLY E 185 16.81 -9.79 -45.44
C GLY E 185 17.27 -9.48 -44.01
N LEU E 186 16.42 -9.75 -43.00
CA LEU E 186 16.81 -9.53 -41.60
C LEU E 186 17.92 -10.50 -41.18
N ILE E 187 17.87 -11.71 -41.75
CA ILE E 187 18.90 -12.71 -41.49
C ILE E 187 19.36 -13.34 -42.80
N ASP E 188 20.42 -14.13 -42.71
CA ASP E 188 21.04 -14.69 -43.89
C ASP E 188 20.67 -16.16 -44.05
N SER E 189 20.47 -16.85 -42.92
CA SER E 189 20.15 -18.28 -42.94
C SER E 189 19.60 -18.82 -41.62
N ILE E 190 18.94 -19.97 -41.71
CA ILE E 190 18.42 -20.67 -40.53
C ILE E 190 19.29 -21.88 -40.21
N PHE E 191 19.57 -22.13 -38.93
CA PHE E 191 20.29 -23.36 -38.56
C PHE E 191 19.31 -24.33 -37.96
N LYS E 192 19.25 -25.56 -38.45
CA LYS E 192 18.51 -26.53 -37.65
C LYS E 192 19.46 -26.99 -36.54
N GLU E 193 20.56 -27.60 -36.96
CA GLU E 193 21.59 -28.06 -36.03
C GLU E 193 22.89 -27.27 -36.28
N ARG E 194 23.69 -27.10 -35.22
CA ARG E 194 24.95 -26.37 -35.33
C ARG E 194 25.73 -26.92 -36.53
N PRO E 195 26.06 -26.04 -37.49
CA PRO E 195 26.83 -26.45 -38.67
C PRO E 195 28.28 -26.84 -38.32
N VAL F 3 -42.39 24.87 1.87
CA VAL F 3 -41.34 25.14 2.84
C VAL F 3 -40.73 23.85 3.36
N LEU F 4 -40.96 22.76 2.64
CA LEU F 4 -40.62 21.43 3.13
C LEU F 4 -39.12 21.10 3.11
N VAL F 5 -38.45 21.53 2.06
CA VAL F 5 -37.06 21.12 1.80
C VAL F 5 -36.03 21.76 2.74
N PRO F 6 -35.15 20.91 3.34
CA PRO F 6 -34.10 21.28 4.30
C PRO F 6 -33.07 22.27 3.75
N VAL F 8 -29.03 23.78 4.04
CA VAL F 8 -27.67 23.54 4.44
C VAL F 8 -26.67 24.52 3.82
N VAL F 9 -25.48 24.57 4.37
CA VAL F 9 -24.42 25.42 3.87
C VAL F 9 -23.46 24.57 3.04
N GLU F 10 -23.52 23.26 3.23
CA GLU F 10 -22.64 22.34 2.54
C GLU F 10 -23.37 21.07 2.11
N TYR F 19 -32.37 24.39 -0.22
CA TYR F 19 -31.18 24.37 -1.05
C TYR F 19 -29.88 24.22 -0.26
N ASP F 20 -28.83 23.81 -0.95
CA ASP F 20 -27.48 24.02 -0.50
C ASP F 20 -27.14 25.46 -0.86
N ILE F 21 -26.06 25.99 -0.33
CA ILE F 21 -25.76 27.40 -0.49
C ILE F 21 -25.59 27.81 -1.95
N TYR F 22 -24.92 26.99 -2.75
CA TYR F 22 -24.72 27.32 -4.16
C TYR F 22 -26.01 27.28 -4.96
N SER F 23 -26.96 26.46 -4.52
CA SER F 23 -28.26 26.32 -5.16
C SER F 23 -29.10 27.56 -4.92
N ARG F 24 -28.97 28.09 -3.71
CA ARG F 24 -29.66 29.31 -3.35
C ARG F 24 -29.11 30.49 -4.15
N LEU F 25 -27.80 30.54 -4.33
CA LEU F 25 -27.22 31.58 -5.18
C LEU F 25 -27.59 31.39 -6.66
N LEU F 26 -27.84 30.14 -7.05
CA LEU F 26 -28.29 29.85 -8.39
C LEU F 26 -29.60 30.57 -8.65
N LYS F 27 -30.42 30.70 -7.61
CA LYS F 27 -31.69 31.39 -7.68
C LYS F 27 -31.53 32.86 -8.05
N ASP F 28 -30.40 33.46 -7.71
CA ASP F 28 -30.05 34.83 -8.12
C ASP F 28 -29.18 34.82 -9.36
N ARG F 29 -29.17 33.69 -10.09
CA ARG F 29 -28.44 33.61 -11.35
C ARG F 29 -26.92 33.76 -11.17
N VAL F 30 -26.43 33.29 -10.02
CA VAL F 30 -25.00 33.21 -9.77
C VAL F 30 -24.52 31.77 -9.88
N ILE F 31 -23.46 31.56 -10.66
CA ILE F 31 -22.82 30.25 -10.80
C ILE F 31 -21.35 30.32 -10.35
N PHE F 32 -20.94 29.36 -9.54
CA PHE F 32 -19.55 29.30 -9.11
C PHE F 32 -18.74 28.35 -9.96
N LEU F 33 -17.63 28.88 -10.48
CA LEU F 33 -16.60 28.09 -11.13
C LEU F 33 -15.35 28.10 -10.26
N VAL F 34 -15.18 27.05 -9.48
CA VAL F 34 -14.11 27.01 -8.50
C VAL F 34 -13.38 25.67 -8.55
N GLY F 35 -12.16 25.64 -8.02
CA GLY F 35 -11.33 24.46 -8.05
C GLY F 35 -10.66 24.31 -9.40
N GLN F 36 -10.06 23.14 -9.61
CA GLN F 36 -9.52 22.77 -10.90
C GLN F 36 -10.64 22.71 -11.92
N VAL F 37 -10.42 23.35 -13.06
CA VAL F 37 -11.31 23.15 -14.18
C VAL F 37 -11.03 21.79 -14.79
N GLU F 38 -11.97 20.87 -14.62
CA GLU F 38 -11.90 19.57 -15.27
C GLU F 38 -13.32 19.16 -15.67
N ASP F 39 -13.43 18.07 -16.41
CA ASP F 39 -14.70 17.70 -17.04
C ASP F 39 -15.90 17.65 -16.09
N HIS F 40 -15.75 17.00 -14.94
CA HIS F 40 -16.87 16.87 -14.04
C HIS F 40 -17.51 18.22 -13.69
N ALA F 42 -16.88 21.14 -15.07
CA ALA F 42 -17.20 21.82 -16.31
C ALA F 42 -18.63 21.54 -16.73
N ASN F 43 -19.00 20.26 -16.73
CA ASN F 43 -20.34 19.89 -17.15
C ASN F 43 -21.45 20.33 -16.19
N LEU F 44 -21.13 20.40 -14.90
CA LEU F 44 -22.07 20.96 -13.93
C LEU F 44 -22.26 22.46 -14.17
N ALA F 45 -21.15 23.15 -14.45
CA ALA F 45 -21.24 24.57 -14.78
C ALA F 45 -22.11 24.75 -16.03
N ILE F 46 -21.80 24.02 -17.08
CA ILE F 46 -22.58 24.07 -18.31
C ILE F 46 -24.06 23.83 -18.06
N ALA F 47 -24.40 22.75 -17.38
CA ALA F 47 -25.79 22.45 -17.05
C ALA F 47 -26.49 23.56 -16.27
N GLN F 48 -25.74 24.26 -15.43
CA GLN F 48 -26.31 25.39 -14.70
C GLN F 48 -26.62 26.56 -15.63
N LEU F 50 -27.45 26.23 -18.82
CA LEU F 50 -28.62 25.80 -19.55
C LEU F 50 -29.89 25.95 -18.72
N PHE F 51 -29.79 25.70 -17.42
CA PHE F 51 -30.95 25.83 -16.56
C PHE F 51 -31.33 27.29 -16.40
N LEU F 52 -30.34 28.15 -16.24
CA LEU F 52 -30.61 29.59 -16.11
C LEU F 52 -31.24 30.17 -17.38
N GLU F 53 -30.72 29.76 -18.54
CA GLU F 53 -31.30 30.13 -19.82
C GLU F 53 -32.76 29.67 -19.93
N SER F 54 -33.05 28.50 -19.40
CA SER F 54 -34.38 27.93 -19.48
C SER F 54 -35.34 28.67 -18.55
N GLU F 55 -34.85 29.10 -17.40
CA GLU F 55 -35.67 29.88 -16.48
C GLU F 55 -35.97 31.24 -17.08
N ASN F 56 -34.94 31.90 -17.61
CA ASN F 56 -35.09 33.22 -18.20
C ASN F 56 -33.97 33.50 -19.19
N PRO F 57 -34.29 33.42 -20.48
CA PRO F 57 -33.28 33.56 -21.55
C PRO F 57 -32.74 34.97 -21.68
N ASN F 58 -33.36 35.91 -21.00
CA ASN F 58 -32.97 37.30 -21.17
C ASN F 58 -32.10 37.90 -20.08
N LYS F 59 -32.30 37.51 -18.82
CA LYS F 59 -31.50 38.07 -17.72
C LYS F 59 -30.06 37.56 -17.69
N ASP F 60 -29.14 38.42 -17.30
CA ASP F 60 -27.73 38.04 -17.23
C ASP F 60 -27.52 36.78 -16.39
N ILE F 61 -26.44 36.08 -16.70
CA ILE F 61 -25.93 35.00 -15.88
C ILE F 61 -24.63 35.53 -15.28
N ASN F 62 -24.40 35.29 -13.99
CA ASN F 62 -23.15 35.75 -13.39
C ASN F 62 -22.23 34.61 -13.02
N LEU F 63 -21.07 34.60 -13.64
CA LEU F 63 -20.09 33.56 -13.42
C LEU F 63 -18.96 34.08 -12.51
N TYR F 64 -18.94 33.59 -11.27
CA TYR F 64 -17.87 33.93 -10.33
C TYR F 64 -16.78 32.88 -10.42
N ILE F 65 -15.58 33.33 -10.72
CA ILE F 65 -14.48 32.42 -11.05
C ILE F 65 -13.41 32.48 -9.98
N ASN F 66 -13.05 31.31 -9.44
CA ASN F 66 -11.94 31.19 -8.51
C ASN F 66 -11.20 29.88 -8.76
N SER F 67 -10.35 29.89 -9.78
CA SER F 67 -9.76 28.66 -10.28
C SER F 67 -8.27 28.79 -10.47
N PRO F 68 -7.50 27.98 -9.71
CA PRO F 68 -6.03 28.06 -9.69
C PRO F 68 -5.40 27.18 -10.76
N GLY F 69 -6.20 26.36 -11.43
CA GLY F 69 -5.65 25.50 -12.46
C GLY F 69 -6.67 24.71 -13.25
N GLY F 70 -6.17 23.90 -14.17
CA GLY F 70 -7.02 22.99 -14.92
C GLY F 70 -6.76 23.00 -16.40
N ALA F 71 -7.41 22.09 -17.11
CA ALA F 71 -7.12 21.90 -18.51
C ALA F 71 -7.94 22.82 -19.39
N VAL F 72 -7.29 23.31 -20.44
CA VAL F 72 -7.90 24.23 -21.38
C VAL F 72 -9.00 23.57 -22.20
N THR F 73 -8.83 22.28 -22.48
CA THR F 73 -9.82 21.54 -23.25
C THR F 73 -11.15 21.39 -22.51
N SER F 74 -11.11 21.29 -21.19
CA SER F 74 -12.35 21.34 -20.40
C SER F 74 -12.91 22.76 -20.38
N ALA F 75 -12.05 23.76 -20.28
CA ALA F 75 -12.52 25.16 -20.35
C ALA F 75 -13.26 25.44 -21.66
N ALA F 77 -15.25 23.71 -23.49
CA ALA F 77 -16.68 23.39 -23.48
C ALA F 77 -17.46 24.48 -22.75
N ILE F 78 -16.92 24.97 -21.64
CA ILE F 78 -17.64 25.97 -20.86
C ILE F 78 -17.77 27.23 -21.71
N TYR F 79 -16.65 27.65 -22.30
CA TYR F 79 -16.63 28.80 -23.19
C TYR F 79 -17.65 28.73 -24.32
N ASP F 80 -17.72 27.60 -25.01
CA ASP F 80 -18.71 27.48 -26.09
C ASP F 80 -20.12 27.55 -25.53
N THR F 81 -20.36 26.87 -24.42
CA THR F 81 -21.64 26.99 -23.74
C THR F 81 -21.98 28.47 -23.53
N GLN F 83 -21.06 31.16 -25.08
CA GLN F 83 -21.41 31.87 -26.33
C GLN F 83 -22.71 31.32 -26.90
N PHE F 84 -23.04 30.10 -26.51
CA PHE F 84 -24.23 29.43 -27.05
C PHE F 84 -25.53 29.89 -26.37
N VAL F 85 -25.53 30.02 -25.04
CA VAL F 85 -26.76 30.37 -24.35
C VAL F 85 -27.13 31.82 -24.60
N LYS F 86 -28.42 32.11 -24.65
CA LYS F 86 -28.87 33.46 -25.02
C LYS F 86 -28.45 34.56 -24.05
N PRO F 87 -28.47 34.29 -22.72
CA PRO F 87 -28.16 35.36 -21.78
C PRO F 87 -26.72 35.84 -21.87
N ASP F 88 -26.51 37.12 -21.60
CA ASP F 88 -25.16 37.64 -21.42
C ASP F 88 -24.55 36.97 -20.19
N VAL F 89 -23.30 36.58 -20.32
CA VAL F 89 -22.58 36.00 -19.18
C VAL F 89 -21.59 37.01 -18.62
N ARG F 90 -21.91 37.54 -17.44
CA ARG F 90 -20.99 38.38 -16.69
C ARG F 90 -19.97 37.52 -15.98
N THR F 91 -18.70 37.87 -16.12
CA THR F 91 -17.63 37.14 -15.46
C THR F 91 -16.96 38.01 -14.42
N LEU F 92 -16.83 37.48 -13.22
CA LEU F 92 -16.07 38.12 -12.16
C LEU F 92 -15.05 37.17 -11.57
N CYS F 93 -13.79 37.57 -11.54
CA CYS F 93 -12.80 36.77 -10.90
C CYS F 93 -12.67 37.26 -9.48
N ILE F 94 -13.16 36.46 -8.55
CA ILE F 94 -13.01 36.75 -7.13
C ILE F 94 -11.60 36.57 -6.57
N GLY F 95 -10.92 35.52 -6.99
CA GLY F 95 -9.59 35.29 -6.50
C GLY F 95 -8.54 34.90 -7.51
N GLN F 96 -8.65 33.69 -8.01
CA GLN F 96 -7.69 33.17 -8.94
C GLN F 96 -8.34 32.83 -10.23
N ALA F 97 -7.65 33.10 -11.31
CA ALA F 97 -8.04 32.60 -12.62
C ALA F 97 -6.79 32.28 -13.44
N ALA F 98 -6.31 31.05 -13.31
CA ALA F 98 -5.20 30.54 -14.12
C ALA F 98 -5.72 30.25 -15.51
N SER F 99 -4.88 29.63 -16.34
CA SER F 99 -5.12 29.61 -17.78
C SER F 99 -6.54 29.25 -18.16
N ALA F 100 -6.99 28.08 -17.72
CA ALA F 100 -8.34 27.62 -18.04
C ALA F 100 -9.42 28.62 -17.59
N GLY F 101 -9.32 29.07 -16.33
CA GLY F 101 -10.21 30.07 -15.80
C GLY F 101 -10.11 31.41 -16.54
N ALA F 102 -8.88 31.83 -16.86
CA ALA F 102 -8.66 33.09 -17.56
C ALA F 102 -9.38 33.11 -18.90
N LEU F 103 -9.38 31.98 -19.59
CA LEU F 103 -10.13 31.84 -20.82
C LEU F 103 -11.59 32.21 -20.59
N LEU F 104 -12.18 31.66 -19.54
CA LEU F 104 -13.59 31.90 -19.25
C LEU F 104 -13.86 33.33 -18.82
N LEU F 105 -12.94 33.89 -18.04
CA LEU F 105 -13.02 35.27 -17.59
C LEU F 105 -13.01 36.19 -18.80
N ALA F 106 -12.06 35.95 -19.71
CA ALA F 106 -11.88 36.80 -20.88
C ALA F 106 -13.02 36.64 -21.89
N GLY F 107 -13.65 35.46 -21.85
CA GLY F 107 -14.76 35.14 -22.74
C GLY F 107 -16.14 35.60 -22.29
N GLY F 108 -16.20 36.31 -21.17
CA GLY F 108 -17.46 36.92 -20.75
C GLY F 108 -17.96 37.97 -21.75
N ALA F 109 -19.23 38.37 -21.58
CA ALA F 109 -19.85 39.38 -22.44
C ALA F 109 -19.10 40.70 -22.40
N LYS F 110 -19.07 41.40 -23.53
CA LYS F 110 -18.30 42.63 -23.64
C LYS F 110 -18.76 43.64 -22.61
N GLY F 111 -17.80 44.27 -21.96
CA GLY F 111 -18.09 45.23 -20.92
C GLY F 111 -18.50 44.63 -19.58
N LYS F 112 -18.58 43.31 -19.52
CA LYS F 112 -19.07 42.65 -18.32
C LYS F 112 -18.07 41.65 -17.72
N ARG F 113 -16.78 41.97 -17.83
CA ARG F 113 -15.71 41.13 -17.32
C ARG F 113 -14.93 41.91 -16.27
N HIS F 114 -14.73 41.30 -15.11
CA HIS F 114 -14.22 42.02 -13.95
C HIS F 114 -13.40 41.13 -13.03
N CYS F 115 -12.53 41.75 -12.25
CA CYS F 115 -11.91 41.07 -11.14
C CYS F 115 -11.93 41.96 -9.90
N LEU F 116 -11.40 41.42 -8.80
CA LEU F 116 -11.27 42.16 -7.56
C LEU F 116 -9.81 42.61 -7.45
N PRO F 117 -9.52 43.51 -6.49
CA PRO F 117 -8.20 44.17 -6.43
C PRO F 117 -7.00 43.22 -6.29
N HIS F 118 -7.15 42.11 -5.57
CA HIS F 118 -6.04 41.21 -5.30
C HIS F 118 -6.15 39.91 -6.07
N SER F 119 -7.10 39.88 -6.98
CA SER F 119 -7.22 38.75 -7.90
C SER F 119 -5.91 38.51 -8.61
N SER F 120 -5.67 37.25 -8.92
CA SER F 120 -4.50 36.83 -9.67
C SER F 120 -4.93 36.19 -10.97
N VAL F 121 -4.64 36.84 -12.09
CA VAL F 121 -4.94 36.27 -13.40
C VAL F 121 -3.67 35.77 -14.07
N ILE F 123 -2.22 33.51 -17.71
CA ILE F 123 -2.47 32.82 -18.96
C ILE F 123 -1.26 32.03 -19.42
N HIS F 124 -1.50 30.88 -20.02
CA HIS F 124 -0.43 30.07 -20.57
C HIS F 124 -0.91 29.14 -21.68
N GLN F 125 0.03 28.58 -22.42
CA GLN F 125 -0.28 27.70 -23.53
C GLN F 125 -0.82 26.36 -23.06
N VAL F 126 -1.49 25.65 -23.95
CA VAL F 126 -2.07 24.37 -23.62
C VAL F 126 -1.04 23.32 -23.24
N LEU F 127 -1.45 22.45 -22.34
CA LEU F 127 -0.65 21.30 -21.96
C LEU F 127 -1.31 20.06 -22.54
N GLY F 128 -0.54 18.99 -22.63
CA GLY F 128 -1.09 17.72 -23.05
C GLY F 128 0.00 16.66 -23.06
N GLY F 129 -0.24 15.62 -23.84
CA GLY F 129 0.71 14.54 -23.91
C GLY F 129 0.07 13.29 -24.49
N TYR F 130 0.91 12.43 -25.04
CA TYR F 130 0.44 11.17 -25.56
C TYR F 130 1.54 10.14 -25.46
N GLN F 131 1.15 8.88 -25.42
CA GLN F 131 2.10 7.79 -25.40
C GLN F 131 1.60 6.70 -26.33
N GLY F 132 2.48 6.21 -27.21
CA GLY F 132 2.10 5.20 -28.19
C GLY F 132 3.06 5.12 -29.36
N GLN F 133 2.57 4.63 -30.49
CA GLN F 133 3.38 4.54 -31.70
C GLN F 133 3.65 5.91 -32.32
N GLY F 134 4.81 6.05 -32.96
CA GLY F 134 5.18 7.25 -33.70
C GLY F 134 4.04 7.85 -34.52
N THR F 135 3.43 7.05 -35.37
CA THR F 135 2.31 7.52 -36.18
C THR F 135 1.22 8.23 -35.36
N ASP F 136 0.91 7.67 -34.19
CA ASP F 136 -0.11 8.23 -33.33
C ASP F 136 0.40 9.47 -32.59
N ILE F 137 1.67 9.47 -32.21
CA ILE F 137 2.23 10.64 -31.57
C ILE F 137 2.05 11.84 -32.50
N GLN F 138 2.29 11.62 -33.79
CA GLN F 138 2.16 12.70 -34.76
C GLN F 138 0.71 13.14 -34.88
N ILE F 139 -0.21 12.19 -34.87
CA ILE F 139 -1.63 12.50 -34.99
C ILE F 139 -2.13 13.36 -33.83
N HIS F 140 -1.62 13.10 -32.63
CA HIS F 140 -2.06 13.82 -31.45
C HIS F 140 -1.33 15.15 -31.29
N ALA F 141 -0.07 15.19 -31.69
CA ALA F 141 0.70 16.44 -31.73
C ALA F 141 0.02 17.48 -32.60
N LYS F 142 -0.43 17.07 -33.78
CA LYS F 142 -1.12 17.99 -34.67
C LYS F 142 -2.41 18.50 -34.03
N GLN F 143 -3.14 17.61 -33.36
CA GLN F 143 -4.38 18.04 -32.69
C GLN F 143 -4.06 19.02 -31.57
N THR F 144 -2.99 18.74 -30.83
CA THR F 144 -2.53 19.65 -29.80
C THR F 144 -2.17 21.04 -30.38
N GLN F 145 -1.61 21.05 -31.57
CA GLN F 145 -1.29 22.30 -32.24
C GLN F 145 -2.59 23.05 -32.58
N ARG F 146 -3.58 22.32 -33.08
CA ARG F 146 -4.87 22.93 -33.37
C ARG F 146 -5.50 23.59 -32.14
N VAL F 147 -5.54 22.85 -31.02
CA VAL F 147 -6.10 23.37 -29.79
C VAL F 147 -5.29 24.55 -29.30
N SER F 148 -3.98 24.44 -29.38
CA SER F 148 -3.11 25.56 -29.03
C SER F 148 -3.45 26.82 -29.86
N ASP F 149 -3.68 26.66 -31.16
CA ASP F 149 -4.11 27.77 -32.00
C ASP F 149 -5.52 28.30 -31.66
N GLN F 150 -6.45 27.39 -31.35
CA GLN F 150 -7.77 27.81 -30.91
C GLN F 150 -7.71 28.68 -29.65
N LEU F 151 -6.84 28.32 -28.71
CA LEU F 151 -6.74 29.10 -27.48
C LEU F 151 -6.32 30.53 -27.80
N ASN F 152 -5.29 30.66 -28.65
CA ASN F 152 -4.81 31.97 -29.07
C ASN F 152 -5.84 32.83 -29.80
N GLN F 153 -6.59 32.21 -30.69
CA GLN F 153 -7.63 32.90 -31.44
C GLN F 153 -8.76 33.38 -30.54
N ILE F 154 -9.17 32.55 -29.58
CA ILE F 154 -10.17 32.98 -28.61
C ILE F 154 -9.63 34.16 -27.81
N LEU F 155 -8.41 34.05 -27.29
CA LEU F 155 -7.84 35.15 -26.51
C LEU F 155 -7.70 36.42 -27.35
N ALA F 156 -7.26 36.29 -28.61
CA ALA F 156 -7.15 37.47 -29.50
C ALA F 156 -8.50 38.12 -29.75
N LYS F 157 -9.51 37.31 -30.00
CA LYS F 157 -10.85 37.83 -30.25
C LYS F 157 -11.33 38.70 -29.08
N HIS F 158 -11.15 38.22 -27.86
CA HIS F 158 -11.75 38.89 -26.70
C HIS F 158 -10.89 40.00 -26.11
N THR F 159 -9.58 39.94 -26.31
CA THR F 159 -8.68 40.97 -25.76
C THR F 159 -8.45 42.10 -26.76
N GLY F 160 -8.50 41.78 -28.06
CA GLY F 160 -8.13 42.72 -29.10
C GLY F 160 -6.70 42.60 -29.59
N LYS F 161 -5.91 41.77 -28.93
CA LYS F 161 -4.51 41.58 -29.29
C LYS F 161 -4.37 40.72 -30.55
N ASP F 162 -3.25 40.86 -31.24
CA ASP F 162 -2.93 39.98 -32.39
C ASP F 162 -2.66 38.57 -31.90
N ILE F 163 -3.04 37.58 -32.71
CA ILE F 163 -2.82 36.19 -32.35
C ILE F 163 -1.33 35.90 -32.10
N GLU F 164 -0.47 36.56 -32.86
CA GLU F 164 0.96 36.38 -32.72
C GLU F 164 1.44 36.88 -31.36
N ARG F 165 0.83 37.96 -30.91
CA ARG F 165 1.17 38.55 -29.63
C ARG F 165 0.70 37.63 -28.49
N VAL F 166 -0.49 37.07 -28.63
CA VAL F 166 -1.02 36.21 -27.58
C VAL F 166 -0.18 34.95 -27.47
N GLU F 167 0.20 34.41 -28.62
CA GLU F 167 1.03 33.22 -28.67
C GLU F 167 2.37 33.43 -27.94
N LYS F 168 3.01 34.56 -28.20
CA LYS F 168 4.30 34.86 -27.55
C LYS F 168 4.15 35.01 -26.02
N ASP F 169 3.16 35.80 -25.60
CA ASP F 169 2.89 35.98 -24.18
C ASP F 169 2.55 34.69 -23.41
N THR F 170 1.84 33.77 -24.06
CA THR F 170 1.36 32.56 -23.38
C THR F 170 2.38 31.44 -23.46
N ASN F 171 3.50 31.71 -24.09
CA ASN F 171 4.53 30.70 -24.23
C ASN F 171 4.97 30.14 -22.87
N ARG F 172 5.01 31.00 -21.85
CA ARG F 172 5.26 30.56 -20.50
C ARG F 172 4.28 31.24 -19.59
N ASP F 173 4.12 30.74 -18.37
CA ASP F 173 3.19 31.33 -17.44
C ASP F 173 3.35 32.85 -17.42
N TYR F 174 2.24 33.54 -17.63
CA TYR F 174 2.23 34.98 -17.77
C TYR F 174 1.20 35.55 -16.82
N PHE F 175 1.68 36.04 -15.67
CA PHE F 175 0.84 36.62 -14.62
C PHE F 175 0.51 38.07 -14.90
N LEU F 176 -0.75 38.45 -14.72
CA LEU F 176 -1.17 39.83 -14.88
C LEU F 176 -1.83 40.35 -13.61
N THR F 177 -1.40 41.55 -13.18
CA THR F 177 -2.12 42.27 -12.14
C THR F 177 -3.48 42.64 -12.68
N PRO F 178 -4.46 42.87 -11.78
CA PRO F 178 -5.75 43.40 -12.22
C PRO F 178 -5.56 44.52 -13.23
N GLU F 179 -4.69 45.49 -12.92
CA GLU F 179 -4.49 46.64 -13.82
C GLU F 179 -3.95 46.18 -15.16
N GLU F 180 -2.93 45.34 -15.13
CA GLU F 180 -2.36 44.82 -16.36
C GLU F 180 -3.38 44.06 -17.20
N ALA F 181 -4.34 43.43 -16.51
CA ALA F 181 -5.34 42.64 -17.21
C ALA F 181 -6.38 43.52 -17.88
N VAL F 182 -6.67 44.68 -17.27
CA VAL F 182 -7.53 45.66 -17.90
C VAL F 182 -6.84 46.19 -19.16
N GLU F 183 -5.59 46.54 -18.98
CA GLU F 183 -4.75 46.99 -20.07
C GLU F 183 -4.61 45.94 -21.18
N TYR F 184 -4.60 44.67 -20.80
CA TYR F 184 -4.40 43.60 -21.77
C TYR F 184 -5.67 43.33 -22.58
N GLY F 185 -6.82 43.59 -21.96
CA GLY F 185 -8.08 43.36 -22.62
C GLY F 185 -8.80 42.13 -22.08
N LEU F 186 -8.18 41.47 -21.10
CA LEU F 186 -8.77 40.27 -20.48
C LEU F 186 -10.00 40.62 -19.65
N ILE F 187 -9.98 41.79 -19.03
CA ILE F 187 -11.13 42.25 -18.26
C ILE F 187 -11.45 43.67 -18.65
N ASP F 188 -12.62 44.13 -18.24
CA ASP F 188 -13.06 45.48 -18.59
C ASP F 188 -12.80 46.44 -17.42
N SER F 189 -13.07 45.97 -16.21
CA SER F 189 -12.82 46.80 -15.04
C SER F 189 -12.53 46.00 -13.78
N ILE F 190 -11.98 46.70 -12.80
CA ILE F 190 -11.72 46.14 -11.48
C ILE F 190 -12.71 46.77 -10.51
N PHE F 191 -13.33 45.97 -9.66
CA PHE F 191 -14.19 46.51 -8.60
C PHE F 191 -13.41 46.59 -7.30
N LYS F 192 -13.39 47.76 -6.67
CA LYS F 192 -12.93 47.79 -5.28
C LYS F 192 -14.04 47.22 -4.38
N GLU F 193 -15.21 47.87 -4.41
CA GLU F 193 -16.40 47.34 -3.76
C GLU F 193 -17.52 47.17 -4.79
N ARG F 194 -18.54 46.36 -4.48
CA ARG F 194 -19.61 46.13 -5.44
C ARG F 194 -20.08 47.47 -6.00
N PRO F 195 -20.08 47.60 -7.33
CA PRO F 195 -20.40 48.90 -7.94
C PRO F 195 -21.87 49.26 -7.72
N VAL G 3 16.64 -20.31 2.00
CA VAL G 3 17.12 -21.53 1.38
C VAL G 3 18.41 -21.31 0.59
N LEU G 4 19.53 -21.26 1.30
CA LEU G 4 20.85 -21.00 0.69
C LEU G 4 21.27 -22.12 -0.27
N VAL G 5 21.90 -21.75 -1.38
CA VAL G 5 22.46 -22.75 -2.28
C VAL G 5 23.79 -23.20 -1.72
N PRO G 6 23.87 -24.46 -1.29
CA PRO G 6 25.09 -24.96 -0.65
C PRO G 6 26.16 -25.17 -1.69
N VAL G 8 30.42 -26.83 -2.72
CA VAL G 8 31.32 -27.96 -2.65
C VAL G 8 32.72 -27.45 -2.97
N VAL G 9 33.72 -27.96 -2.27
CA VAL G 9 35.10 -27.63 -2.62
C VAL G 9 35.77 -28.86 -3.21
N GLU G 10 36.23 -28.74 -4.45
CA GLU G 10 36.84 -29.87 -5.15
C GLU G 10 38.23 -29.58 -5.68
N GLN G 11 39.12 -30.57 -5.61
CA GLN G 11 40.48 -30.39 -6.09
C GLN G 11 40.59 -30.52 -7.60
N THR G 12 41.60 -29.85 -8.14
CA THR G 12 41.89 -29.85 -9.57
C THR G 12 43.42 -29.78 -9.72
N SER G 13 43.92 -29.84 -10.95
CA SER G 13 45.35 -29.64 -11.16
C SER G 13 45.76 -28.24 -10.71
N ARG G 14 44.90 -27.27 -10.99
CA ARG G 14 45.13 -25.88 -10.56
C ARG G 14 45.13 -25.76 -9.03
N GLY G 15 44.28 -26.54 -8.37
CA GLY G 15 44.14 -26.49 -6.92
C GLY G 15 42.69 -26.66 -6.50
N GLU G 16 42.38 -26.29 -5.25
CA GLU G 16 41.00 -26.39 -4.77
C GLU G 16 40.14 -25.22 -5.24
N ARG G 17 38.92 -25.54 -5.69
CA ARG G 17 38.00 -24.51 -6.18
C ARG G 17 36.61 -24.75 -5.63
N ALA G 18 35.90 -23.67 -5.35
CA ALA G 18 34.55 -23.73 -4.81
C ALA G 18 33.45 -23.84 -5.89
N TYR G 19 32.39 -24.57 -5.59
CA TYR G 19 31.28 -24.79 -6.52
C TYR G 19 29.93 -24.70 -5.81
N ASP G 20 28.97 -23.98 -6.39
CA ASP G 20 27.60 -24.17 -5.94
C ASP G 20 27.12 -25.54 -6.45
N ILE G 21 26.12 -26.11 -5.79
CA ILE G 21 25.73 -27.49 -6.05
C ILE G 21 25.43 -27.71 -7.54
N TYR G 22 24.64 -26.80 -8.11
CA TYR G 22 24.29 -26.88 -9.51
C TYR G 22 25.53 -26.84 -10.42
N SER G 23 26.49 -26.00 -10.09
CA SER G 23 27.72 -25.92 -10.87
C SER G 23 28.59 -27.17 -10.69
N ARG G 24 28.46 -27.83 -9.55
CA ARG G 24 29.14 -29.11 -9.35
C ARG G 24 28.48 -30.23 -10.18
N LEU G 25 27.16 -30.21 -10.32
CA LEU G 25 26.48 -31.20 -11.13
C LEU G 25 26.71 -30.92 -12.61
N LEU G 26 26.90 -29.65 -12.92
CA LEU G 26 27.20 -29.27 -14.27
C LEU G 26 28.51 -29.94 -14.67
N LYS G 27 29.36 -30.20 -13.70
CA LYS G 27 30.64 -30.87 -13.93
C LYS G 27 30.39 -32.31 -14.33
N ASP G 28 29.16 -32.78 -14.12
CA ASP G 28 28.74 -34.14 -14.49
C ASP G 28 27.81 -34.10 -15.69
N ARG G 29 27.73 -32.93 -16.31
CA ARG G 29 26.87 -32.72 -17.48
C ARG G 29 25.40 -32.89 -17.12
N VAL G 30 25.02 -32.42 -15.94
CA VAL G 30 23.63 -32.36 -15.53
C VAL G 30 23.19 -30.92 -15.42
N ILE G 31 22.04 -30.62 -16.03
CA ILE G 31 21.43 -29.29 -15.95
C ILE G 31 20.04 -29.41 -15.34
N PHE G 32 19.72 -28.52 -14.41
CA PHE G 32 18.39 -28.52 -13.79
C PHE G 32 17.47 -27.50 -14.40
N LEU G 33 16.27 -27.95 -14.77
CA LEU G 33 15.28 -27.04 -15.32
C LEU G 33 14.06 -27.08 -14.42
N VAL G 34 14.00 -26.15 -13.47
CA VAL G 34 12.99 -26.19 -12.41
C VAL G 34 12.30 -24.87 -12.18
N GLY G 35 11.10 -24.92 -11.61
CA GLY G 35 10.31 -23.73 -11.39
C GLY G 35 9.47 -23.47 -12.63
N GLN G 36 8.83 -22.31 -12.66
CA GLN G 36 8.14 -21.85 -13.86
C GLN G 36 9.15 -21.64 -14.98
N VAL G 37 8.90 -22.24 -16.13
CA VAL G 37 9.69 -21.91 -17.31
C VAL G 37 9.35 -20.48 -17.72
N GLU G 38 10.34 -19.60 -17.61
CA GLU G 38 10.23 -18.22 -18.10
C GLU G 38 11.56 -17.80 -18.70
N ASP G 39 11.62 -16.63 -19.33
CA ASP G 39 12.82 -16.25 -20.09
C ASP G 39 14.13 -16.31 -19.27
N HIS G 40 14.11 -15.80 -18.05
CA HIS G 40 15.33 -15.76 -17.27
C HIS G 40 15.94 -17.14 -17.02
N ALA G 42 15.24 -19.74 -18.70
CA ALA G 42 15.41 -20.37 -20.01
C ALA G 42 16.80 -20.09 -20.56
N ASN G 43 17.17 -18.81 -20.52
CA ASN G 43 18.46 -18.41 -21.05
C ASN G 43 19.60 -19.00 -20.26
N LEU G 44 19.41 -19.14 -18.94
CA LEU G 44 20.40 -19.80 -18.11
C LEU G 44 20.62 -21.26 -18.52
N ALA G 45 19.53 -21.95 -18.86
CA ALA G 45 19.60 -23.34 -19.28
C ALA G 45 20.26 -23.46 -20.64
N ILE G 46 19.94 -22.55 -21.54
CA ILE G 46 20.59 -22.52 -22.85
C ILE G 46 22.08 -22.25 -22.66
N ALA G 47 22.44 -21.25 -21.86
CA ALA G 47 23.86 -20.98 -21.60
C ALA G 47 24.59 -22.23 -21.14
N GLN G 48 23.98 -22.98 -20.23
CA GLN G 48 24.58 -24.22 -19.73
C GLN G 48 24.74 -25.28 -20.83
N LEU G 50 25.13 -24.56 -24.10
CA LEU G 50 26.22 -24.07 -24.93
C LEU G 50 27.57 -24.35 -24.27
N PHE G 51 27.63 -24.22 -22.95
CA PHE G 51 28.87 -24.44 -22.21
C PHE G 51 29.29 -25.91 -22.24
N LEU G 52 28.35 -26.79 -21.93
CA LEU G 52 28.61 -28.22 -21.99
C LEU G 52 29.03 -28.68 -23.37
N GLU G 53 28.43 -28.08 -24.40
CA GLU G 53 28.78 -28.41 -25.77
C GLU G 53 30.24 -28.10 -26.04
N SER G 54 30.66 -26.97 -25.50
CA SER G 54 32.00 -26.45 -25.62
C SER G 54 33.03 -27.35 -24.96
N GLU G 55 32.74 -27.86 -23.78
CA GLU G 55 33.65 -28.76 -23.11
C GLU G 55 33.83 -30.06 -23.86
N ASN G 56 32.73 -30.62 -24.31
CA ASN G 56 32.71 -31.85 -25.04
C ASN G 56 31.47 -31.95 -25.90
N PRO G 57 31.64 -31.71 -27.19
CA PRO G 57 30.50 -31.76 -28.13
C PRO G 57 29.94 -33.17 -28.34
N ASN G 58 30.59 -34.18 -27.77
CA ASN G 58 30.19 -35.56 -28.03
C ASN G 58 29.53 -36.30 -26.87
N LYS G 59 29.81 -35.88 -25.64
CA LYS G 59 29.11 -36.48 -24.49
C LYS G 59 27.69 -35.96 -24.34
N ASP G 60 26.80 -36.87 -23.95
CA ASP G 60 25.42 -36.53 -23.63
C ASP G 60 25.32 -35.42 -22.60
N ILE G 61 24.32 -34.56 -22.80
CA ILE G 61 23.90 -33.61 -21.78
C ILE G 61 22.66 -34.18 -21.08
N ASN G 62 22.57 -33.99 -19.78
CA ASN G 62 21.44 -34.51 -19.02
C ASN G 62 20.54 -33.41 -18.46
N LEU G 63 19.36 -33.31 -19.05
CA LEU G 63 18.42 -32.29 -18.63
C LEU G 63 17.43 -32.84 -17.62
N TYR G 64 17.48 -32.35 -16.38
CA TYR G 64 16.57 -32.82 -15.33
C TYR G 64 15.45 -31.83 -15.12
N ILE G 65 14.23 -32.28 -15.35
CA ILE G 65 13.11 -31.38 -15.45
C ILE G 65 12.18 -31.51 -14.23
N ASN G 66 11.89 -30.37 -13.60
CA ASN G 66 10.86 -30.36 -12.57
C ASN G 66 10.15 -29.03 -12.60
N SER G 67 9.19 -28.91 -13.52
CA SER G 67 8.52 -27.64 -13.79
C SER G 67 7.01 -27.80 -13.81
N PRO G 68 6.33 -27.10 -12.91
CA PRO G 68 4.88 -27.23 -12.84
C PRO G 68 4.14 -26.21 -13.71
N GLY G 69 4.87 -25.35 -14.42
CA GLY G 69 4.22 -24.37 -15.27
C GLY G 69 5.15 -23.46 -16.06
N GLY G 70 4.57 -22.48 -16.73
CA GLY G 70 5.33 -21.51 -17.50
C GLY G 70 4.96 -21.51 -18.98
N ALA G 71 5.54 -20.58 -19.74
CA ALA G 71 5.09 -20.30 -21.10
C ALA G 71 5.78 -21.15 -22.14
N VAL G 72 4.99 -21.70 -23.05
CA VAL G 72 5.54 -22.43 -24.19
C VAL G 72 6.51 -21.58 -25.03
N THR G 73 6.21 -20.29 -25.20
CA THR G 73 7.11 -19.43 -25.93
C THR G 73 8.52 -19.37 -25.34
N SER G 74 8.65 -19.33 -24.01
CA SER G 74 9.98 -19.36 -23.38
C SER G 74 10.63 -20.70 -23.64
N ALA G 75 9.84 -21.76 -23.52
CA ALA G 75 10.35 -23.11 -23.72
C ALA G 75 10.88 -23.33 -25.15
N ALA G 77 12.72 -21.58 -27.10
CA ALA G 77 14.14 -21.29 -27.24
C ALA G 77 14.98 -22.45 -26.70
N ILE G 78 14.61 -22.95 -25.53
CA ILE G 78 15.29 -24.10 -24.96
C ILE G 78 15.20 -25.29 -25.92
N TYR G 79 13.98 -25.58 -26.38
CA TYR G 79 13.77 -26.66 -27.33
C TYR G 79 14.72 -26.52 -28.53
N ASP G 80 14.79 -25.33 -29.12
CA ASP G 80 15.63 -25.13 -30.29
C ASP G 80 17.09 -25.28 -29.91
N THR G 81 17.44 -24.83 -28.72
CA THR G 81 18.82 -24.97 -28.25
C THR G 81 19.20 -26.44 -28.22
N GLN G 83 17.98 -29.05 -29.88
CA GLN G 83 18.24 -29.54 -31.23
C GLN G 83 19.54 -28.93 -31.83
N PHE G 84 19.86 -27.69 -31.47
CA PHE G 84 21.01 -27.01 -32.05
C PHE G 84 22.37 -27.56 -31.59
N VAL G 85 22.58 -27.73 -30.27
CA VAL G 85 23.87 -28.20 -29.77
C VAL G 85 24.18 -29.63 -30.24
N LYS G 86 25.46 -29.96 -30.38
CA LYS G 86 25.82 -31.27 -30.90
C LYS G 86 25.43 -32.46 -30.00
N PRO G 87 25.69 -32.38 -28.70
CA PRO G 87 25.44 -33.54 -27.82
C PRO G 87 23.97 -33.94 -27.80
N ASP G 88 23.69 -35.24 -27.81
CA ASP G 88 22.37 -35.77 -27.46
C ASP G 88 21.97 -35.20 -26.12
N VAL G 89 20.74 -34.71 -26.02
CA VAL G 89 20.25 -34.25 -24.73
C VAL G 89 19.31 -35.29 -24.14
N ARG G 90 19.77 -36.07 -23.16
CA ARG G 90 18.88 -36.93 -22.39
C ARG G 90 17.99 -36.07 -21.49
N THR G 91 16.70 -36.40 -21.42
CA THR G 91 15.79 -35.69 -20.53
C THR G 91 15.18 -36.64 -19.51
N LEU G 92 15.11 -36.20 -18.26
CA LEU G 92 14.47 -36.94 -17.21
C LEU G 92 13.55 -36.05 -16.40
N CYS G 93 12.31 -36.46 -16.23
CA CYS G 93 11.40 -35.70 -15.41
C CYS G 93 11.47 -36.26 -14.02
N ILE G 94 12.07 -35.51 -13.12
CA ILE G 94 12.09 -35.87 -11.72
C ILE G 94 10.77 -35.77 -10.96
N GLY G 95 9.99 -34.74 -11.24
CA GLY G 95 8.73 -34.58 -10.56
C GLY G 95 7.57 -34.16 -11.43
N GLN G 96 7.61 -32.94 -11.92
CA GLN G 96 6.53 -32.42 -12.70
C GLN G 96 7.05 -31.95 -14.03
N ALA G 97 6.24 -32.15 -15.04
CA ALA G 97 6.46 -31.52 -16.32
C ALA G 97 5.12 -31.07 -16.89
N ALA G 98 4.73 -29.83 -16.57
CA ALA G 98 3.53 -29.24 -17.17
C ALA G 98 3.85 -28.79 -18.59
N SER G 99 2.93 -28.10 -19.25
CA SER G 99 3.00 -27.97 -20.71
C SER G 99 4.37 -27.58 -21.27
N ALA G 100 4.95 -26.48 -20.81
CA ALA G 100 6.24 -26.08 -21.35
C ALA G 100 7.33 -27.13 -21.04
N GLY G 101 7.32 -27.67 -19.83
CA GLY G 101 8.27 -28.70 -19.45
C GLY G 101 8.13 -30.01 -20.22
N ALA G 102 6.90 -30.42 -20.52
CA ALA G 102 6.63 -31.63 -21.30
C ALA G 102 7.14 -31.48 -22.71
N LEU G 103 7.06 -30.25 -23.23
CA LEU G 103 7.60 -29.97 -24.54
C LEU G 103 9.09 -30.31 -24.55
N LEU G 104 9.84 -29.89 -23.53
CA LEU G 104 11.28 -30.16 -23.45
C LEU G 104 11.59 -31.61 -23.16
N LEU G 105 10.79 -32.21 -22.29
CA LEU G 105 10.89 -33.64 -22.03
C LEU G 105 10.77 -34.43 -23.34
N ALA G 106 9.71 -34.17 -24.09
CA ALA G 106 9.43 -34.89 -25.32
C ALA G 106 10.48 -34.62 -26.39
N GLY G 107 11.15 -33.49 -26.26
CA GLY G 107 12.10 -33.04 -27.26
C GLY G 107 13.53 -33.55 -27.06
N GLY G 108 13.76 -34.37 -26.04
CA GLY G 108 15.09 -34.94 -25.84
C GLY G 108 15.43 -35.99 -26.89
N ALA G 109 16.68 -36.45 -26.87
CA ALA G 109 17.15 -37.39 -27.89
C ALA G 109 16.37 -38.70 -27.90
N LYS G 110 16.17 -39.27 -29.08
CA LYS G 110 15.40 -40.52 -29.23
C LYS G 110 15.91 -41.62 -28.33
N GLY G 111 14.99 -42.27 -27.63
CA GLY G 111 15.33 -43.35 -26.73
C GLY G 111 15.93 -42.89 -25.42
N LYS G 112 16.07 -41.56 -25.24
CA LYS G 112 16.71 -41.03 -24.04
C LYS G 112 15.83 -40.06 -23.24
N ARG G 113 14.53 -40.33 -23.21
CA ARG G 113 13.57 -39.49 -22.50
C ARG G 113 12.91 -40.36 -21.45
N HIS G 114 12.89 -39.88 -20.21
CA HIS G 114 12.45 -40.72 -19.09
C HIS G 114 11.69 -39.96 -18.03
N CYS G 115 11.11 -40.70 -17.11
CA CYS G 115 10.59 -40.11 -15.91
C CYS G 115 10.62 -41.12 -14.78
N LEU G 116 10.26 -40.62 -13.60
CA LEU G 116 10.22 -41.41 -12.38
C LEU G 116 8.78 -41.84 -12.10
N PRO G 117 8.60 -42.81 -11.18
CA PRO G 117 7.30 -43.49 -11.09
C PRO G 117 6.12 -42.62 -10.61
N HIS G 118 6.38 -41.58 -9.81
CA HIS G 118 5.31 -40.67 -9.40
C HIS G 118 5.39 -39.31 -10.10
N SER G 119 6.12 -39.24 -11.20
CA SER G 119 6.13 -38.03 -12.01
C SER G 119 4.74 -37.71 -12.50
N SER G 120 4.51 -36.44 -12.76
CA SER G 120 3.27 -36.00 -13.36
C SER G 120 3.58 -35.25 -14.63
N VAL G 121 3.04 -35.71 -15.74
CA VAL G 121 3.24 -35.03 -17.00
C VAL G 121 1.91 -34.47 -17.49
N ILE G 123 0.14 -31.89 -20.70
CA ILE G 123 0.24 -31.04 -21.88
C ILE G 123 -1.05 -30.24 -22.08
N HIS G 124 -0.93 -29.06 -22.70
CA HIS G 124 -2.07 -28.25 -23.07
C HIS G 124 -1.69 -27.24 -24.14
N GLN G 125 -2.70 -26.70 -24.84
CA GLN G 125 -2.47 -25.71 -25.89
C GLN G 125 -1.84 -24.42 -25.36
N VAL G 126 -1.25 -23.62 -26.25
CA VAL G 126 -0.60 -22.38 -25.83
C VAL G 126 -1.60 -21.40 -25.25
N LEU G 127 -1.16 -20.66 -24.25
CA LEU G 127 -1.93 -19.55 -23.70
C LEU G 127 -1.37 -18.26 -24.29
N GLY G 128 -2.24 -17.29 -24.52
CA GLY G 128 -1.82 -16.01 -25.06
C GLY G 128 -2.64 -14.85 -24.53
N GLY G 129 -2.51 -13.70 -25.16
CA GLY G 129 -3.23 -12.53 -24.72
C GLY G 129 -2.70 -11.27 -25.36
N TYR G 130 -3.62 -10.41 -25.79
CA TYR G 130 -3.27 -9.08 -26.26
C TYR G 130 -4.39 -8.10 -25.97
N GLN G 131 -4.04 -6.82 -25.94
CA GLN G 131 -5.01 -5.76 -25.69
C GLN G 131 -4.65 -4.61 -26.59
N GLY G 132 -5.65 -4.02 -27.24
CA GLY G 132 -5.42 -2.87 -28.09
C GLY G 132 -6.39 -2.81 -29.25
N GLN G 133 -5.98 -2.17 -30.33
CA GLN G 133 -6.85 -2.01 -31.50
C GLN G 133 -7.21 -3.33 -32.19
N GLY G 134 -8.45 -3.42 -32.66
CA GLY G 134 -8.93 -4.53 -33.44
C GLY G 134 -7.93 -5.08 -34.44
N THR G 135 -7.41 -4.21 -35.29
CA THR G 135 -6.38 -4.59 -36.26
C THR G 135 -5.22 -5.33 -35.61
N ASP G 136 -4.73 -4.76 -34.51
CA ASP G 136 -3.64 -5.36 -33.74
C ASP G 136 -4.01 -6.69 -33.07
N ILE G 137 -5.24 -6.78 -32.58
CA ILE G 137 -5.74 -8.02 -32.00
C ILE G 137 -5.72 -9.14 -33.03
N GLN G 138 -6.13 -8.82 -34.25
CA GLN G 138 -6.11 -9.80 -35.33
C GLN G 138 -4.69 -10.25 -35.64
N ILE G 139 -3.75 -9.31 -35.65
CA ILE G 139 -2.35 -9.63 -35.94
C ILE G 139 -1.80 -10.59 -34.89
N HIS G 140 -2.06 -10.31 -33.63
CA HIS G 140 -1.51 -11.14 -32.57
C HIS G 140 -2.26 -12.46 -32.45
N ALA G 141 -3.54 -12.46 -32.84
CA ALA G 141 -4.32 -13.69 -32.84
C ALA G 141 -3.74 -14.69 -33.84
N LYS G 142 -3.35 -14.21 -35.02
CA LYS G 142 -2.72 -15.06 -36.03
C LYS G 142 -1.38 -15.65 -35.57
N GLN G 143 -0.57 -14.81 -34.92
CA GLN G 143 0.73 -15.26 -34.43
C GLN G 143 0.54 -16.32 -33.36
N THR G 144 -0.52 -16.19 -32.59
CA THR G 144 -0.82 -17.17 -31.55
C THR G 144 -1.27 -18.46 -32.21
N GLN G 145 -2.06 -18.35 -33.26
CA GLN G 145 -2.47 -19.54 -33.98
C GLN G 145 -1.24 -20.25 -34.52
N ARG G 146 -0.25 -19.50 -34.97
CA ARG G 146 0.95 -20.12 -35.56
C ARG G 146 1.81 -20.81 -34.50
N VAL G 147 2.00 -20.16 -33.36
CA VAL G 147 2.75 -20.79 -32.27
C VAL G 147 2.03 -22.07 -31.79
N SER G 148 0.71 -22.01 -31.77
CA SER G 148 -0.11 -23.15 -31.41
C SER G 148 0.12 -24.32 -32.37
N ASP G 149 0.19 -24.02 -33.66
CA ASP G 149 0.46 -25.05 -34.66
C ASP G 149 1.86 -25.60 -34.48
N GLN G 150 2.82 -24.71 -34.21
CA GLN G 150 4.18 -25.11 -33.92
C GLN G 150 4.26 -26.07 -32.73
N LEU G 151 3.52 -25.80 -31.65
CA LEU G 151 3.54 -26.71 -30.54
C LEU G 151 3.01 -28.08 -30.98
N ASN G 152 1.92 -28.13 -31.72
CA ASN G 152 1.39 -29.40 -32.18
C ASN G 152 2.37 -30.15 -33.07
N GLN G 153 2.97 -29.45 -34.04
CA GLN G 153 3.93 -30.06 -34.94
C GLN G 153 5.10 -30.64 -34.19
N ILE G 154 5.63 -29.90 -33.22
CA ILE G 154 6.78 -30.37 -32.45
C ILE G 154 6.41 -31.61 -31.65
N LEU G 155 5.28 -31.60 -30.98
CA LEU G 155 4.88 -32.75 -30.18
C LEU G 155 4.62 -33.99 -31.06
N ALA G 156 4.06 -33.77 -32.25
CA ALA G 156 3.78 -34.87 -33.18
C ALA G 156 5.08 -35.54 -33.60
N LYS G 157 6.04 -34.70 -33.95
CA LYS G 157 7.32 -35.13 -34.46
C LYS G 157 8.01 -36.08 -33.49
N HIS G 158 8.02 -35.73 -32.21
CA HIS G 158 8.72 -36.53 -31.20
C HIS G 158 7.89 -37.70 -30.63
N THR G 159 6.58 -37.65 -30.79
CA THR G 159 5.74 -38.70 -30.23
C THR G 159 5.23 -39.64 -31.32
N GLY G 160 5.29 -39.19 -32.57
CA GLY G 160 4.75 -39.96 -33.66
C GLY G 160 3.26 -39.78 -33.88
N LYS G 161 2.57 -39.06 -32.99
CA LYS G 161 1.14 -38.80 -33.12
C LYS G 161 0.83 -37.92 -34.35
N ASP G 162 -0.40 -38.04 -34.86
CA ASP G 162 -0.87 -37.09 -35.87
C ASP G 162 -1.02 -35.72 -35.26
N ILE G 163 -0.74 -34.69 -36.05
CA ILE G 163 -0.92 -33.31 -35.60
C ILE G 163 -2.33 -33.08 -35.08
N GLU G 164 -3.32 -33.51 -35.86
CA GLU G 164 -4.72 -33.40 -35.48
C GLU G 164 -5.08 -34.12 -34.18
N ARG G 165 -4.37 -35.18 -33.79
CA ARG G 165 -4.65 -35.84 -32.53
CA ARG G 165 -4.69 -35.81 -32.52
C ARG G 165 -4.06 -35.03 -31.38
N VAL G 166 -2.86 -34.48 -31.60
CA VAL G 166 -2.23 -33.69 -30.56
C VAL G 166 -3.07 -32.45 -30.26
N GLU G 167 -3.52 -31.79 -31.33
CA GLU G 167 -4.38 -30.62 -31.20
C GLU G 167 -5.64 -30.94 -30.39
N LYS G 168 -6.28 -32.06 -30.70
CA LYS G 168 -7.45 -32.46 -29.96
C LYS G 168 -7.15 -32.78 -28.49
N ASP G 169 -6.01 -33.38 -28.20
CA ASP G 169 -5.74 -33.78 -26.82
C ASP G 169 -5.31 -32.62 -25.96
N THR G 170 -4.66 -31.62 -26.56
CA THR G 170 -4.18 -30.47 -25.82
C THR G 170 -5.24 -29.38 -25.72
N ASN G 171 -6.44 -29.64 -26.21
CA ASN G 171 -7.47 -28.62 -26.16
C ASN G 171 -7.67 -28.14 -24.73
N ARG G 172 -7.67 -29.09 -23.79
CA ARG G 172 -7.75 -28.80 -22.37
C ARG G 172 -6.63 -29.51 -21.66
N ASP G 173 -6.36 -29.13 -20.42
CA ASP G 173 -5.28 -29.77 -19.69
C ASP G 173 -5.41 -31.29 -19.77
N TYR G 174 -4.31 -31.93 -20.11
CA TYR G 174 -4.30 -33.36 -20.38
C TYR G 174 -3.19 -34.03 -19.57
N PHE G 175 -3.56 -34.63 -18.44
CA PHE G 175 -2.63 -35.34 -17.58
C PHE G 175 -2.29 -36.74 -18.09
N LEU G 176 -1.02 -37.10 -17.98
CA LEU G 176 -0.52 -38.43 -18.34
C LEU G 176 0.23 -39.01 -17.17
N THR G 177 -0.19 -40.21 -16.76
CA THR G 177 0.62 -41.01 -15.85
C THR G 177 1.91 -41.37 -16.59
N PRO G 178 2.96 -41.78 -15.86
CA PRO G 178 4.18 -42.19 -16.56
C PRO G 178 3.92 -43.27 -17.63
N GLU G 179 3.16 -44.31 -17.30
CA GLU G 179 2.83 -45.33 -18.29
C GLU G 179 2.12 -44.73 -19.49
N GLU G 180 1.18 -43.83 -19.23
CA GLU G 180 0.44 -43.20 -20.32
C GLU G 180 1.36 -42.38 -21.22
N ALA G 181 2.38 -41.77 -20.62
CA ALA G 181 3.33 -40.92 -21.33
C ALA G 181 4.24 -41.74 -22.21
N VAL G 182 4.66 -42.89 -21.71
CA VAL G 182 5.37 -43.85 -22.53
C VAL G 182 4.53 -44.26 -23.74
N GLU G 183 3.29 -44.68 -23.50
CA GLU G 183 2.41 -45.06 -24.59
C GLU G 183 2.15 -43.90 -25.55
N TYR G 184 2.03 -42.70 -25.01
CA TYR G 184 1.80 -41.52 -25.82
C TYR G 184 3.04 -41.26 -26.68
N GLY G 185 4.21 -41.59 -26.16
CA GLY G 185 5.45 -41.35 -26.86
C GLY G 185 6.08 -40.02 -26.49
N LEU G 186 5.67 -39.45 -25.34
CA LEU G 186 6.30 -38.27 -24.81
C LEU G 186 7.65 -38.66 -24.20
N ILE G 187 7.74 -39.89 -23.70
CA ILE G 187 8.97 -40.40 -23.10
C ILE G 187 9.22 -41.80 -23.60
N ASP G 188 10.39 -42.36 -23.30
CA ASP G 188 10.70 -43.70 -23.79
C ASP G 188 10.62 -44.77 -22.69
N SER G 189 10.75 -44.35 -21.45
CA SER G 189 10.67 -45.31 -20.36
C SER G 189 10.71 -44.66 -18.98
N ILE G 190 10.19 -45.42 -18.02
CA ILE G 190 10.15 -45.03 -16.62
C ILE G 190 11.34 -45.70 -15.93
N PHE G 191 12.06 -44.97 -15.10
CA PHE G 191 13.11 -45.59 -14.31
C PHE G 191 12.43 -46.09 -13.07
N LYS G 192 12.08 -47.36 -13.13
CA LYS G 192 11.31 -48.00 -12.09
C LYS G 192 12.12 -48.23 -10.84
N GLU G 193 11.44 -48.30 -9.71
CA GLU G 193 12.09 -48.53 -8.45
C GLU G 193 12.81 -49.86 -8.57
N ARG G 194 14.05 -49.92 -8.08
CA ARG G 194 14.87 -51.10 -8.26
C ARG G 194 14.36 -52.34 -7.54
N PRO G 195 14.55 -53.49 -8.18
CA PRO G 195 14.16 -54.80 -7.66
C PRO G 195 14.40 -54.92 -6.16
N VAL H 5 -23.07 18.87 -6.78
CA VAL H 5 -24.28 18.68 -7.58
C VAL H 5 -25.43 19.56 -7.06
N PRO H 6 -25.79 20.60 -7.84
CA PRO H 6 -26.75 21.62 -7.38
C PRO H 6 -28.21 21.16 -7.34
N VAL H 8 -32.39 22.35 -7.33
CA VAL H 8 -33.33 23.41 -7.69
C VAL H 8 -34.68 23.09 -7.07
N VAL H 9 -35.32 24.08 -6.46
CA VAL H 9 -36.64 23.82 -5.89
C VAL H 9 -37.75 24.32 -6.80
N GLU H 10 -38.66 23.44 -7.15
CA GLU H 10 -39.85 23.82 -7.91
C GLU H 10 -41.02 23.89 -6.93
N GLN H 11 -41.94 24.83 -7.15
CA GLN H 11 -43.11 24.96 -6.30
C GLN H 11 -44.37 24.43 -6.97
N THR H 12 -45.18 23.71 -6.21
CA THR H 12 -46.42 23.13 -6.72
C THR H 12 -47.57 23.37 -5.76
N SER H 13 -48.73 22.81 -6.09
CA SER H 13 -49.89 22.86 -5.22
C SER H 13 -49.58 22.09 -3.94
N ARG H 14 -48.88 20.97 -4.12
CA ARG H 14 -48.52 20.07 -3.03
C ARG H 14 -47.57 20.69 -2.02
N GLY H 15 -46.66 21.53 -2.49
CA GLY H 15 -45.68 22.16 -1.64
C GLY H 15 -44.39 22.41 -2.41
N GLU H 16 -43.26 22.21 -1.75
CA GLU H 16 -41.96 22.37 -2.41
C GLU H 16 -41.33 21.02 -2.73
N ARG H 17 -41.00 20.82 -4.01
CA ARG H 17 -40.27 19.64 -4.47
C ARG H 17 -38.86 20.03 -4.88
N ALA H 18 -37.91 19.13 -4.65
CA ALA H 18 -36.50 19.42 -4.95
C ALA H 18 -35.99 18.56 -6.12
N TYR H 19 -35.20 19.17 -7.01
CA TYR H 19 -34.54 18.48 -8.14
C TYR H 19 -33.04 18.70 -8.09
N ASP H 20 -32.28 17.73 -8.59
CA ASP H 20 -30.88 18.00 -8.88
C ASP H 20 -30.88 18.64 -10.27
N ILE H 21 -29.79 19.29 -10.64
CA ILE H 21 -29.72 20.07 -11.87
C ILE H 21 -30.07 19.25 -13.13
N TYR H 22 -29.55 18.04 -13.24
CA TYR H 22 -29.80 17.22 -14.40
C TYR H 22 -31.25 16.76 -14.45
N SER H 23 -31.83 16.53 -13.29
CA SER H 23 -33.22 16.10 -13.22
C SER H 23 -34.16 17.23 -13.62
N ARG H 24 -33.73 18.46 -13.37
CA ARG H 24 -34.48 19.65 -13.76
C ARG H 24 -34.40 19.87 -15.26
N LEU H 25 -33.21 19.70 -15.83
CA LEU H 25 -33.05 19.76 -17.29
C LEU H 25 -33.79 18.62 -18.00
N LEU H 26 -34.00 17.50 -17.30
CA LEU H 26 -34.76 16.39 -17.86
C LEU H 26 -36.19 16.85 -18.11
N LYS H 27 -36.68 17.73 -17.24
CA LYS H 27 -38.00 18.34 -17.41
C LYS H 27 -38.10 19.11 -18.74
N ASP H 28 -36.96 19.45 -19.35
CA ASP H 28 -36.93 20.11 -20.66
C ASP H 28 -36.52 19.12 -21.75
N ARG H 29 -36.62 17.84 -21.43
CA ARG H 29 -36.20 16.77 -22.32
C ARG H 29 -34.73 16.91 -22.75
N VAL H 30 -33.88 17.31 -21.79
CA VAL H 30 -32.44 17.30 -21.99
C VAL H 30 -31.75 16.19 -21.21
N ILE H 31 -30.97 15.38 -21.91
CA ILE H 31 -30.15 14.36 -21.31
C ILE H 31 -28.66 14.66 -21.53
N PHE H 32 -27.87 14.55 -20.46
CA PHE H 32 -26.43 14.74 -20.56
C PHE H 32 -25.65 13.41 -20.70
N LEU H 33 -24.81 13.34 -21.70
CA LEU H 33 -23.93 12.21 -21.88
C LEU H 33 -22.49 12.69 -21.78
N VAL H 34 -21.91 12.57 -20.59
CA VAL H 34 -20.62 13.17 -20.32
C VAL H 34 -19.70 12.19 -19.57
N GLY H 35 -18.40 12.38 -19.73
CA GLY H 35 -17.44 11.50 -19.12
C GLY H 35 -17.08 10.34 -20.03
N GLN H 36 -16.44 9.35 -19.46
CA GLN H 36 -16.16 8.12 -20.19
C GLN H 36 -17.47 7.41 -20.45
N VAL H 37 -17.65 6.88 -21.66
CA VAL H 37 -18.80 6.07 -21.93
C VAL H 37 -18.52 4.67 -21.39
N GLU H 38 -19.23 4.28 -20.34
CA GLU H 38 -19.09 2.93 -19.80
C GLU H 38 -20.45 2.50 -19.32
N ASP H 39 -20.56 1.26 -18.88
CA ASP H 39 -21.89 0.68 -18.67
C ASP H 39 -22.79 1.46 -17.72
N HIS H 40 -22.24 1.90 -16.60
CA HIS H 40 -23.06 2.53 -15.58
C HIS H 40 -23.76 3.79 -16.10
N ALA H 42 -24.07 4.62 -19.19
CA ALA H 42 -24.80 4.24 -20.37
C ALA H 42 -26.22 3.84 -20.01
N ASN H 43 -26.37 3.03 -18.98
CA ASN H 43 -27.69 2.63 -18.56
C ASN H 43 -28.52 3.76 -17.96
N LEU H 44 -27.88 4.72 -17.30
CA LEU H 44 -28.59 5.90 -16.82
C LEU H 44 -29.17 6.68 -17.99
N ALA H 45 -28.38 6.86 -19.05
CA ALA H 45 -28.84 7.62 -20.20
C ALA H 45 -29.99 6.90 -20.88
N ILE H 46 -29.83 5.59 -21.08
CA ILE H 46 -30.87 4.78 -21.71
C ILE H 46 -32.16 4.88 -20.92
N ALA H 47 -32.04 4.79 -19.59
CA ALA H 47 -33.21 4.86 -18.73
C ALA H 47 -33.88 6.24 -18.83
N GLN H 48 -33.07 7.27 -18.92
CA GLN H 48 -33.60 8.62 -19.12
C GLN H 48 -34.41 8.71 -20.41
N LEU H 50 -35.89 6.23 -22.01
CA LEU H 50 -37.13 5.49 -21.79
C LEU H 50 -38.14 6.34 -21.04
N PHE H 51 -37.70 7.08 -20.02
CA PHE H 51 -38.64 7.87 -19.22
C PHE H 51 -39.24 9.02 -20.01
N LEU H 52 -38.40 9.67 -20.81
CA LEU H 52 -38.85 10.78 -21.67
C LEU H 52 -39.86 10.32 -22.71
N GLU H 53 -39.58 9.16 -23.30
CA GLU H 53 -40.49 8.57 -24.27
C GLU H 53 -41.81 8.29 -23.58
N SER H 54 -41.71 7.79 -22.35
CA SER H 54 -42.88 7.51 -21.55
C SER H 54 -43.71 8.79 -21.32
N GLU H 55 -43.08 9.90 -21.00
CA GLU H 55 -43.80 11.14 -20.81
C GLU H 55 -44.47 11.68 -22.06
N ASN H 56 -43.77 11.67 -23.18
CA ASN H 56 -44.29 12.13 -24.44
C ASN H 56 -43.50 11.42 -25.51
N PRO H 57 -44.14 10.54 -26.24
CA PRO H 57 -43.46 9.75 -27.26
C PRO H 57 -43.26 10.49 -28.54
N ASN H 58 -43.73 11.72 -28.58
CA ASN H 58 -43.67 12.49 -29.81
C ASN H 58 -42.74 13.69 -29.81
N LYS H 59 -42.47 14.27 -28.64
CA LYS H 59 -41.53 15.40 -28.56
C LYS H 59 -40.08 14.94 -28.60
N ASP H 60 -39.27 15.64 -29.38
CA ASP H 60 -37.85 15.38 -29.43
C ASP H 60 -37.21 15.18 -28.06
N ILE H 61 -36.18 14.33 -28.03
CA ILE H 61 -35.28 14.21 -26.90
C ILE H 61 -33.97 14.89 -27.31
N ASN H 62 -33.41 15.68 -26.41
CA ASN H 62 -32.20 16.42 -26.68
C ASN H 62 -31.01 15.84 -25.93
N LEU H 63 -30.06 15.29 -26.67
CA LEU H 63 -28.91 14.62 -26.08
C LEU H 63 -27.66 15.48 -26.23
N TYR H 64 -27.12 15.95 -25.11
CA TYR H 64 -25.92 16.78 -25.10
C TYR H 64 -24.71 15.92 -24.79
N ILE H 65 -23.69 15.98 -25.64
CA ILE H 65 -22.58 15.04 -25.52
C ILE H 65 -21.25 15.72 -25.22
N ASN H 66 -20.60 15.28 -24.14
CA ASN H 66 -19.24 15.72 -23.83
C ASN H 66 -18.44 14.57 -23.26
N SER H 67 -17.96 13.72 -24.14
CA SER H 67 -17.26 12.50 -23.76
C SER H 67 -15.91 12.42 -24.45
N PRO H 68 -14.83 12.40 -23.68
CA PRO H 68 -13.46 12.33 -24.21
C PRO H 68 -12.95 10.89 -24.44
N GLY H 69 -13.81 9.90 -24.20
CA GLY H 69 -13.42 8.52 -24.45
C GLY H 69 -14.38 7.47 -23.91
N GLY H 70 -13.94 6.22 -23.92
CA GLY H 70 -14.78 5.14 -23.43
C GLY H 70 -15.06 4.10 -24.49
N ALA H 71 -15.61 2.96 -24.09
CA ALA H 71 -15.73 1.83 -24.99
C ALA H 71 -16.94 1.84 -25.92
N VAL H 72 -16.69 1.53 -27.19
CA VAL H 72 -17.75 1.45 -28.20
C VAL H 72 -18.86 0.47 -27.81
N THR H 73 -18.48 -0.69 -27.28
CA THR H 73 -19.46 -1.69 -26.83
C THR H 73 -20.51 -1.11 -25.87
N SER H 74 -20.10 -0.17 -25.03
CA SER H 74 -21.06 0.48 -24.13
C SER H 74 -21.97 1.41 -24.91
N ALA H 75 -21.39 2.12 -25.87
CA ALA H 75 -22.13 3.09 -26.65
C ALA H 75 -23.15 2.38 -27.54
N ALA H 77 -25.30 0.05 -26.81
CA ALA H 77 -26.59 -0.06 -26.18
C ALA H 77 -27.30 1.28 -26.25
N ILE H 78 -26.57 2.38 -26.06
CA ILE H 78 -27.17 3.70 -26.11
C ILE H 78 -27.67 3.98 -27.52
N TYR H 79 -26.83 3.70 -28.51
CA TYR H 79 -27.23 3.84 -29.89
C TYR H 79 -28.53 3.10 -30.20
N ASP H 80 -28.57 1.81 -29.89
CA ASP H 80 -29.80 1.03 -30.12
C ASP H 80 -31.01 1.62 -29.40
N THR H 81 -30.80 2.10 -28.18
CA THR H 81 -31.88 2.72 -27.42
C THR H 81 -32.43 3.91 -28.20
N GLN H 83 -32.54 4.43 -31.33
CA GLN H 83 -33.30 4.05 -32.51
C GLN H 83 -34.58 3.35 -32.10
N PHE H 84 -34.58 2.83 -30.88
CA PHE H 84 -35.72 2.09 -30.34
C PHE H 84 -36.85 2.99 -29.87
N VAL H 85 -36.53 4.00 -29.07
CA VAL H 85 -37.55 4.92 -28.60
C VAL H 85 -38.15 5.78 -29.74
N LYS H 86 -39.44 6.08 -29.62
CA LYS H 86 -40.17 6.75 -30.68
C LYS H 86 -39.72 8.20 -30.98
N PRO H 87 -39.49 9.00 -29.94
CA PRO H 87 -39.03 10.38 -30.13
C PRO H 87 -37.76 10.48 -30.96
N ASP H 88 -37.70 11.44 -31.88
CA ASP H 88 -36.46 11.78 -32.56
C ASP H 88 -35.47 12.17 -31.49
N VAL H 89 -34.22 11.76 -31.64
CA VAL H 89 -33.20 12.23 -30.73
C VAL H 89 -32.23 13.19 -31.42
N ARG H 90 -32.32 14.46 -31.04
CA ARG H 90 -31.39 15.48 -31.50
C ARG H 90 -30.10 15.42 -30.71
N THR H 91 -28.97 15.45 -31.42
CA THR H 91 -27.67 15.39 -30.74
C THR H 91 -26.83 16.66 -30.90
N LEU H 92 -26.20 17.08 -29.82
CA LEU H 92 -25.31 18.21 -29.86
C LEU H 92 -24.03 17.89 -29.12
N CYS H 93 -22.90 18.08 -29.75
CA CYS H 93 -21.66 17.92 -29.07
C CYS H 93 -21.27 19.26 -28.50
N ILE H 94 -21.19 19.34 -27.19
CA ILE H 94 -20.82 20.58 -26.55
C ILE H 94 -19.35 20.71 -26.25
N GLY H 95 -18.57 19.65 -26.43
CA GLY H 95 -17.16 19.72 -26.18
C GLY H 95 -16.34 18.68 -26.90
N GLN H 96 -16.31 17.49 -26.36
CA GLN H 96 -15.56 16.41 -26.96
C GLN H 96 -16.51 15.34 -27.38
N ALA H 97 -16.19 14.66 -28.46
CA ALA H 97 -16.93 13.50 -28.89
C ALA H 97 -15.90 12.55 -29.42
N ALA H 98 -15.40 11.69 -28.57
CA ALA H 98 -14.40 10.71 -28.92
C ALA H 98 -15.15 9.60 -29.59
N SER H 99 -14.52 8.48 -29.88
CA SER H 99 -15.21 7.52 -30.69
C SER H 99 -16.54 6.97 -30.23
N ALA H 100 -16.68 6.59 -28.99
CA ALA H 100 -17.99 6.16 -28.50
C ALA H 100 -18.97 7.30 -28.61
N GLY H 101 -18.56 8.47 -28.12
CA GLY H 101 -19.36 9.67 -28.22
C GLY H 101 -19.77 10.03 -29.64
N ALA H 102 -18.84 9.90 -30.58
CA ALA H 102 -19.09 10.24 -31.97
C ALA H 102 -20.13 9.31 -32.61
N LEU H 103 -20.07 8.04 -32.26
CA LEU H 103 -21.08 7.09 -32.69
C LEU H 103 -22.46 7.64 -32.32
N LEU H 104 -22.59 8.04 -31.06
CA LEU H 104 -23.88 8.51 -30.55
C LEU H 104 -24.30 9.81 -31.21
N LEU H 105 -23.33 10.69 -31.44
CA LEU H 105 -23.54 11.96 -32.12
C LEU H 105 -24.03 11.73 -33.55
N ALA H 106 -23.27 10.92 -34.29
CA ALA H 106 -23.58 10.62 -35.67
C ALA H 106 -24.94 9.94 -35.77
N GLY H 107 -25.33 9.30 -34.67
CA GLY H 107 -26.54 8.48 -34.63
C GLY H 107 -27.83 9.21 -34.32
N GLY H 108 -27.76 10.52 -34.05
CA GLY H 108 -28.96 11.33 -33.86
C GLY H 108 -29.88 11.28 -35.08
N ALA H 109 -31.06 11.85 -34.93
CA ALA H 109 -32.05 11.93 -36.01
C ALA H 109 -31.56 12.75 -37.19
N LYS H 110 -31.97 12.36 -38.40
CA LYS H 110 -31.53 13.08 -39.61
C LYS H 110 -31.80 14.57 -39.51
N GLY H 111 -30.77 15.38 -39.73
CA GLY H 111 -30.93 16.82 -39.75
C GLY H 111 -30.88 17.48 -38.38
N LYS H 112 -30.84 16.67 -37.33
CA LYS H 112 -30.77 17.22 -35.97
C LYS H 112 -29.53 16.77 -35.20
N ARG H 113 -28.39 16.79 -35.89
CA ARG H 113 -27.09 16.48 -35.30
C ARG H 113 -26.21 17.71 -35.44
N HIS H 114 -25.56 18.11 -34.35
CA HIS H 114 -24.91 19.43 -34.28
C HIS H 114 -23.70 19.42 -33.38
N CYS H 115 -22.88 20.47 -33.50
CA CYS H 115 -21.86 20.72 -32.50
C CYS H 115 -21.57 22.20 -32.42
N LEU H 116 -20.72 22.58 -31.47
CA LEU H 116 -20.37 23.96 -31.25
C LEU H 116 -19.00 24.23 -31.91
N PRO H 117 -18.63 25.51 -32.08
CA PRO H 117 -17.50 25.88 -32.96
C PRO H 117 -16.15 25.28 -32.54
N HIS H 118 -15.97 25.04 -31.24
CA HIS H 118 -14.69 24.53 -30.76
C HIS H 118 -14.77 23.07 -30.29
N SER H 119 -15.88 22.40 -30.61
CA SER H 119 -16.01 21.00 -30.31
C SER H 119 -14.95 20.20 -31.04
N SER H 120 -14.57 19.08 -30.45
CA SER H 120 -13.64 18.20 -31.13
C SER H 120 -14.30 16.84 -31.33
N VAL H 121 -14.40 16.43 -32.60
CA VAL H 121 -14.94 15.13 -32.90
C VAL H 121 -13.81 14.20 -33.31
N ILE H 123 -13.03 9.93 -34.34
CA ILE H 123 -13.43 8.53 -34.52
C ILE H 123 -12.21 7.59 -34.61
N HIS H 124 -12.37 6.37 -34.12
CA HIS H 124 -11.36 5.32 -34.33
C HIS H 124 -11.97 3.93 -34.25
N GLN H 125 -11.25 2.93 -34.76
CA GLN H 125 -11.73 1.56 -34.69
C GLN H 125 -11.86 1.09 -33.25
N VAL H 126 -12.61 0.02 -33.06
CA VAL H 126 -12.83 -0.58 -31.74
C VAL H 126 -11.55 -1.13 -31.13
N LEU H 127 -11.50 -1.07 -29.81
CA LEU H 127 -10.42 -1.65 -29.05
C LEU H 127 -10.96 -2.87 -28.37
N GLY H 128 -10.06 -3.74 -27.93
CA GLY H 128 -10.47 -4.85 -27.12
C GLY H 128 -9.25 -5.58 -26.62
N GLY H 129 -9.50 -6.80 -26.15
CA GLY H 129 -8.43 -7.65 -25.69
C GLY H 129 -8.97 -8.84 -24.93
N TYR H 130 -8.16 -9.88 -24.91
CA TYR H 130 -8.50 -11.10 -24.21
C TYR H 130 -7.22 -11.78 -23.77
N GLN H 131 -7.34 -12.66 -22.79
CA GLN H 131 -6.22 -13.46 -22.31
C GLN H 131 -6.68 -14.85 -21.93
N GLY H 132 -6.00 -15.87 -22.45
CA GLY H 132 -6.35 -17.22 -22.11
C GLY H 132 -5.85 -18.17 -23.17
N GLN H 133 -6.57 -19.26 -23.32
CA GLN H 133 -6.18 -20.29 -24.24
C GLN H 133 -6.30 -19.85 -25.69
N GLY H 134 -5.46 -20.41 -26.55
CA GLY H 134 -5.50 -20.10 -27.97
C GLY H 134 -6.88 -20.18 -28.61
N THR H 135 -7.61 -21.26 -28.31
CA THR H 135 -8.97 -21.46 -28.81
C THR H 135 -9.90 -20.30 -28.46
N ASP H 136 -9.85 -19.86 -27.21
CA ASP H 136 -10.68 -18.76 -26.71
C ASP H 136 -10.24 -17.43 -27.30
N ILE H 137 -8.94 -17.30 -27.55
CA ILE H 137 -8.45 -16.08 -28.20
C ILE H 137 -9.06 -15.97 -29.59
N GLN H 138 -9.12 -17.08 -30.32
CA GLN H 138 -9.70 -17.04 -31.65
C GLN H 138 -11.18 -16.67 -31.57
N ILE H 139 -11.86 -17.18 -30.56
CA ILE H 139 -13.28 -16.88 -30.39
C ILE H 139 -13.55 -15.41 -30.17
N HIS H 140 -12.82 -14.82 -29.22
CA HIS H 140 -12.96 -13.39 -28.91
C HIS H 140 -12.43 -12.46 -30.02
N ALA H 141 -11.40 -12.89 -30.71
CA ALA H 141 -10.93 -12.11 -31.86
C ALA H 141 -12.02 -12.02 -32.93
N LYS H 142 -12.70 -13.12 -33.21
CA LYS H 142 -13.78 -13.09 -34.20
C LYS H 142 -14.90 -12.14 -33.78
N GLN H 143 -15.29 -12.19 -32.51
CA GLN H 143 -16.33 -11.31 -32.00
C GLN H 143 -15.89 -9.83 -32.11
N THR H 144 -14.62 -9.58 -31.87
CA THR H 144 -14.10 -8.21 -32.04
C THR H 144 -14.24 -7.77 -33.49
N GLN H 145 -13.93 -8.66 -34.41
CA GLN H 145 -14.06 -8.35 -35.84
C GLN H 145 -15.50 -8.01 -36.18
N ARG H 146 -16.43 -8.76 -35.61
CA ARG H 146 -17.85 -8.48 -35.80
C ARG H 146 -18.25 -7.09 -35.28
N VAL H 147 -17.89 -6.78 -34.05
CA VAL H 147 -18.19 -5.47 -33.46
C VAL H 147 -17.54 -4.35 -34.29
N SER H 148 -16.30 -4.59 -34.70
CA SER H 148 -15.59 -3.66 -35.55
C SER H 148 -16.38 -3.39 -36.82
N ASP H 149 -16.84 -4.44 -37.50
CA ASP H 149 -17.67 -4.29 -38.68
C ASP H 149 -18.98 -3.51 -38.41
N GLN H 150 -19.59 -3.74 -37.24
CA GLN H 150 -20.83 -3.06 -36.88
C GLN H 150 -20.62 -1.56 -36.77
N LEU H 151 -19.55 -1.17 -36.09
CA LEU H 151 -19.22 0.24 -35.99
C LEU H 151 -19.14 0.86 -37.39
N ASN H 152 -18.41 0.23 -38.29
CA ASN H 152 -18.23 0.76 -39.63
C ASN H 152 -19.54 0.87 -40.36
N GLN H 153 -20.39 -0.15 -40.20
CA GLN H 153 -21.72 -0.16 -40.80
C GLN H 153 -22.60 0.94 -40.25
N ILE H 154 -22.54 1.14 -38.93
CA ILE H 154 -23.31 2.21 -38.31
C ILE H 154 -22.87 3.60 -38.70
N LEU H 155 -21.57 3.82 -38.76
CA LEU H 155 -21.06 5.11 -39.21
C LEU H 155 -21.36 5.39 -40.68
N ALA H 156 -21.26 4.35 -41.51
CA ALA H 156 -21.48 4.53 -42.94
C ALA H 156 -22.95 4.87 -43.18
N LYS H 157 -23.83 4.19 -42.47
CA LYS H 157 -25.25 4.45 -42.58
C LYS H 157 -25.62 5.93 -42.32
N HIS H 158 -25.14 6.49 -41.22
CA HIS H 158 -25.55 7.83 -40.81
C HIS H 158 -24.82 8.95 -41.55
N THR H 159 -23.65 8.64 -42.09
CA THR H 159 -22.82 9.65 -42.75
C THR H 159 -22.98 9.63 -44.26
N GLY H 160 -23.37 8.49 -44.82
CA GLY H 160 -23.47 8.39 -46.26
C GLY H 160 -22.18 7.90 -46.92
N LYS H 161 -21.16 7.66 -46.11
CA LYS H 161 -19.89 7.15 -46.61
C LYS H 161 -19.94 5.63 -46.87
N ASP H 162 -19.03 5.12 -47.70
CA ASP H 162 -18.89 3.69 -47.93
C ASP H 162 -18.25 3.03 -46.74
N ILE H 163 -18.70 1.82 -46.43
CA ILE H 163 -18.11 1.08 -45.34
C ILE H 163 -16.58 1.01 -45.45
N GLU H 164 -16.06 0.81 -46.65
CA GLU H 164 -14.61 0.69 -46.83
C GLU H 164 -13.92 2.02 -46.59
N ARG H 165 -14.59 3.11 -46.90
CA ARG H 165 -14.06 4.43 -46.62
C ARG H 165 -13.95 4.65 -45.10
N VAL H 166 -15.02 4.36 -44.38
CA VAL H 166 -15.03 4.51 -42.92
C VAL H 166 -14.02 3.59 -42.24
N GLU H 167 -13.86 2.38 -42.77
CA GLU H 167 -12.86 1.46 -42.26
C GLU H 167 -11.47 2.05 -42.39
N LYS H 168 -11.15 2.58 -43.57
CA LYS H 168 -9.85 3.21 -43.80
C LYS H 168 -9.58 4.38 -42.85
N ASP H 169 -10.58 5.22 -42.63
CA ASP H 169 -10.39 6.43 -41.84
C ASP H 169 -10.27 6.14 -40.37
N THR H 170 -10.99 5.12 -39.90
CA THR H 170 -11.00 4.79 -38.48
C THR H 170 -9.85 3.88 -38.07
N ASN H 171 -8.99 3.53 -39.02
CA ASN H 171 -7.87 2.66 -38.72
C ASN H 171 -7.00 3.24 -37.61
N ARG H 172 -6.82 4.57 -37.65
CA ARG H 172 -6.15 5.28 -36.57
C ARG H 172 -7.03 6.42 -36.11
N ASP H 173 -6.76 6.93 -34.92
CA ASP H 173 -7.48 8.08 -34.41
C ASP H 173 -7.60 9.12 -35.52
N TYR H 174 -8.82 9.57 -35.75
CA TYR H 174 -9.15 10.46 -36.85
C TYR H 174 -9.94 11.64 -36.28
N PHE H 175 -9.26 12.78 -36.10
CA PHE H 175 -9.88 14.02 -35.60
C PHE H 175 -10.54 14.82 -36.71
N LEU H 176 -11.74 15.32 -36.45
CA LEU H 176 -12.43 16.17 -37.39
C LEU H 176 -12.80 17.50 -36.76
N THR H 177 -12.44 18.59 -37.44
CA THR H 177 -12.94 19.93 -37.06
C THR H 177 -14.46 19.89 -37.25
N PRO H 178 -15.19 20.82 -36.60
CA PRO H 178 -16.63 20.86 -36.90
C PRO H 178 -16.93 20.87 -38.40
N GLU H 179 -16.19 21.65 -39.19
CA GLU H 179 -16.48 21.77 -40.61
C GLU H 179 -16.26 20.45 -41.35
N GLU H 180 -15.17 19.76 -41.00
CA GLU H 180 -14.88 18.46 -41.58
C GLU H 180 -15.93 17.43 -41.19
N ALA H 181 -16.47 17.59 -39.99
CA ALA H 181 -17.49 16.67 -39.49
C ALA H 181 -18.81 16.83 -40.25
N VAL H 182 -19.11 18.07 -40.63
CA VAL H 182 -20.31 18.38 -41.42
C VAL H 182 -20.14 17.81 -42.83
N GLU H 183 -18.94 17.98 -43.36
CA GLU H 183 -18.60 17.54 -44.71
C GLU H 183 -18.53 16.01 -44.75
N TYR H 184 -18.10 15.41 -43.66
CA TYR H 184 -18.00 13.95 -43.57
C TYR H 184 -19.37 13.32 -43.43
N GLY H 185 -20.29 14.03 -42.80
CA GLY H 185 -21.64 13.53 -42.60
C GLY H 185 -21.94 13.08 -41.18
N LEU H 186 -20.99 13.32 -40.26
CA LEU H 186 -21.17 12.98 -38.84
C LEU H 186 -22.18 13.89 -38.18
N ILE H 187 -22.22 15.14 -38.60
CA ILE H 187 -23.19 16.09 -38.05
C ILE H 187 -23.78 16.86 -39.20
N ASP H 188 -24.86 17.59 -38.94
CA ASP H 188 -25.57 18.28 -40.01
C ASP H 188 -25.22 19.76 -40.03
N SER H 189 -24.90 20.32 -38.87
CA SER H 189 -24.62 21.76 -38.78
C SER H 189 -23.96 22.20 -37.47
N ILE H 190 -23.30 23.35 -37.52
CA ILE H 190 -22.61 23.92 -36.39
C ILE H 190 -23.34 25.12 -35.83
N PHE H 191 -23.42 25.23 -34.53
CA PHE H 191 -24.09 26.32 -33.91
C PHE H 191 -23.08 27.17 -33.23
N LYS H 192 -23.20 28.47 -33.38
CA LYS H 192 -22.31 29.33 -32.67
C LYS H 192 -23.13 29.79 -31.45
N GLU H 193 -24.33 30.26 -31.68
CA GLU H 193 -25.18 30.67 -30.61
C GLU H 193 -26.51 30.03 -30.84
N ARG H 194 -27.20 29.74 -29.76
CA ARG H 194 -28.50 29.10 -29.90
C ARG H 194 -29.36 29.90 -30.88
N PRO H 195 -29.78 29.26 -31.99
CA PRO H 195 -30.68 29.84 -32.99
C PRO H 195 -31.86 30.56 -32.36
N LEU I 4 21.25 -15.43 9.73
CA LEU I 4 22.71 -15.37 9.84
C LEU I 4 23.36 -16.75 9.64
N VAL I 5 23.90 -16.99 8.45
CA VAL I 5 24.44 -18.31 8.09
C VAL I 5 25.94 -18.44 8.33
N PRO I 6 26.32 -19.27 9.30
CA PRO I 6 27.70 -19.40 9.77
C PRO I 6 28.65 -20.01 8.75
N VAL I 8 32.36 -21.96 8.00
CA VAL I 8 33.41 -22.78 8.58
C VAL I 8 34.61 -22.69 7.66
N VAL I 9 35.70 -22.18 8.22
CA VAL I 9 36.92 -22.01 7.47
C VAL I 9 37.93 -23.06 7.91
N GLU I 10 38.43 -23.83 6.95
CA GLU I 10 39.43 -24.82 7.23
C GLU I 10 40.76 -24.34 6.70
N GLN I 11 41.77 -24.29 7.58
CA GLN I 11 43.12 -23.91 7.20
C GLN I 11 43.76 -25.11 6.51
N THR I 12 44.29 -24.91 5.31
CA THR I 12 44.90 -26.00 4.55
C THR I 12 46.42 -25.91 4.57
N GLU I 16 43.41 -21.84 2.84
CA GLU I 16 42.08 -21.85 3.44
C GLU I 16 40.96 -22.23 2.49
N ARG I 17 39.94 -22.90 3.03
CA ARG I 17 38.69 -23.19 2.33
C ARG I 17 37.52 -22.71 3.18
N ALA I 18 36.50 -22.14 2.53
CA ALA I 18 35.33 -21.63 3.23
C ALA I 18 34.01 -22.36 2.89
N TYR I 19 33.36 -22.91 3.90
CA TYR I 19 32.07 -23.59 3.72
C TYR I 19 30.97 -22.88 4.51
N ASP I 20 29.77 -22.76 3.96
CA ASP I 20 28.66 -22.42 4.83
C ASP I 20 28.39 -23.69 5.65
N ILE I 21 27.71 -23.54 6.78
CA ILE I 21 27.56 -24.66 7.70
C ILE I 21 26.93 -25.90 7.04
N TYR I 22 25.84 -25.69 6.31
CA TYR I 22 25.20 -26.80 5.60
C TYR I 22 26.10 -27.49 4.60
N SER I 23 26.93 -26.74 3.89
CA SER I 23 27.84 -27.36 2.93
C SER I 23 28.94 -28.16 3.62
N ARG I 24 29.34 -27.72 4.80
CA ARG I 24 30.31 -28.45 5.59
C ARG I 24 29.72 -29.79 6.02
N LEU I 25 28.45 -29.77 6.44
CA LEU I 25 27.79 -31.02 6.82
C LEU I 25 27.52 -31.93 5.61
N LEU I 26 27.51 -31.36 4.42
CA LEU I 26 27.28 -32.13 3.20
C LEU I 26 28.49 -33.04 2.98
N LYS I 27 29.64 -32.57 3.44
CA LYS I 27 30.88 -33.32 3.41
C LYS I 27 30.77 -34.58 4.28
N ASP I 28 29.82 -34.57 5.21
CA ASP I 28 29.55 -35.74 6.04
C ASP I 28 28.30 -36.47 5.56
N ARG I 29 27.88 -36.14 4.34
CA ARG I 29 26.73 -36.80 3.75
C ARG I 29 25.45 -36.52 4.53
N VAL I 30 25.38 -35.34 5.17
CA VAL I 30 24.15 -34.91 5.81
C VAL I 30 23.48 -33.82 4.98
N ILE I 31 22.21 -34.06 4.65
CA ILE I 31 21.36 -33.06 4.02
C ILE I 31 20.28 -32.61 5.01
N PHE I 32 20.02 -31.32 5.01
CA PHE I 32 18.97 -30.76 5.81
C PHE I 32 17.78 -30.43 4.93
N LEU I 33 16.63 -30.92 5.33
CA LEU I 33 15.37 -30.59 4.70
C LEU I 33 14.57 -29.86 5.76
N VAL I 34 14.53 -28.54 5.66
CA VAL I 34 13.90 -27.73 6.69
C VAL I 34 12.98 -26.67 6.10
N GLY I 35 12.13 -26.09 6.95
CA GLY I 35 11.16 -25.13 6.50
C GLY I 35 10.01 -25.79 5.75
N GLN I 36 9.24 -24.97 5.04
CA GLN I 36 8.12 -25.44 4.24
C GLN I 36 8.65 -26.25 3.07
N VAL I 37 8.10 -27.44 2.86
CA VAL I 37 8.47 -28.16 1.67
C VAL I 37 7.82 -27.50 0.48
N GLU I 38 8.65 -26.98 -0.42
CA GLU I 38 8.15 -26.38 -1.65
C GLU I 38 9.17 -26.59 -2.74
N ASP I 39 8.83 -26.23 -3.96
CA ASP I 39 9.64 -26.61 -5.12
C ASP I 39 11.10 -26.14 -5.10
N HIS I 40 11.36 -24.94 -4.61
CA HIS I 40 12.71 -24.42 -4.65
C HIS I 40 13.67 -25.18 -3.73
N ALA I 42 12.99 -28.15 -2.52
CA ALA I 42 12.92 -29.54 -2.91
C ALA I 42 13.98 -29.85 -3.94
N ASN I 43 14.07 -29.02 -4.97
CA ASN I 43 15.07 -29.22 -6.00
C ASN I 43 16.51 -29.13 -5.48
N LEU I 44 16.74 -28.30 -4.46
CA LEU I 44 18.06 -28.21 -3.85
C LEU I 44 18.37 -29.48 -3.08
N ALA I 45 17.38 -29.99 -2.38
CA ALA I 45 17.57 -31.26 -1.70
C ALA I 45 17.86 -32.38 -2.71
N ILE I 46 17.09 -32.42 -3.80
CA ILE I 46 17.28 -33.48 -4.79
C ILE I 46 18.68 -33.41 -5.39
N ALA I 47 19.13 -32.20 -5.70
CA ALA I 47 20.47 -31.96 -6.27
C ALA I 47 21.60 -32.40 -5.35
N GLN I 48 21.44 -32.18 -4.04
CA GLN I 48 22.42 -32.66 -3.08
C GLN I 48 22.50 -34.20 -3.04
N LEU I 50 21.77 -36.23 -5.62
CA LEU I 50 22.48 -36.56 -6.86
C LEU I 50 23.98 -36.35 -6.67
N PHE I 51 24.35 -35.26 -6.01
CA PHE I 51 25.76 -34.97 -5.75
C PHE I 51 26.32 -36.08 -4.87
N LEU I 52 25.71 -36.30 -3.71
CA LEU I 52 26.24 -37.32 -2.81
C LEU I 52 26.38 -38.69 -3.48
N GLU I 53 25.47 -39.02 -4.38
CA GLU I 53 25.52 -40.26 -5.12
C GLU I 53 26.75 -40.29 -6.02
N SER I 54 27.06 -39.17 -6.61
CA SER I 54 28.20 -39.04 -7.47
C SER I 54 29.52 -39.23 -6.72
N GLU I 55 29.66 -38.65 -5.54
CA GLU I 55 30.86 -38.87 -4.77
C GLU I 55 31.07 -40.32 -4.32
N ASN I 56 30.01 -40.94 -3.82
CA ASN I 56 30.06 -42.32 -3.40
C ASN I 56 28.66 -42.86 -3.48
N PRO I 57 28.42 -43.79 -4.38
CA PRO I 57 27.09 -44.33 -4.58
C PRO I 57 26.79 -45.41 -3.61
N ASN I 58 27.72 -45.63 -2.70
CA ASN I 58 27.56 -46.73 -1.76
C ASN I 58 27.41 -46.37 -0.30
N LYS I 59 27.94 -45.23 0.12
CA LYS I 59 27.74 -44.81 1.52
C LYS I 59 26.36 -44.17 1.71
N ASP I 60 25.74 -44.46 2.84
CA ASP I 60 24.46 -43.86 3.20
C ASP I 60 24.44 -42.34 3.06
N ILE I 61 23.31 -41.82 2.61
CA ILE I 61 22.98 -40.40 2.69
C ILE I 61 22.10 -40.22 3.93
N ASN I 62 22.33 -39.16 4.68
CA ASN I 62 21.51 -38.85 5.86
C ASN I 62 20.64 -37.65 5.63
N LEU I 63 19.33 -37.82 5.79
CA LEU I 63 18.40 -36.74 5.60
C LEU I 63 17.79 -36.33 6.94
N TYR I 64 18.17 -35.15 7.43
CA TYR I 64 17.63 -34.60 8.67
C TYR I 64 16.43 -33.68 8.35
N ILE I 65 15.26 -34.01 8.90
CA ILE I 65 14.02 -33.36 8.52
C ILE I 65 13.47 -32.56 9.68
N ASN I 66 13.18 -31.28 9.44
CA ASN I 66 12.50 -30.43 10.41
C ASN I 66 11.54 -29.51 9.66
N SER I 67 10.39 -30.04 9.30
CA SER I 67 9.49 -29.32 8.40
C SER I 67 8.07 -29.37 8.90
N PRO I 68 7.51 -28.21 9.25
CA PRO I 68 6.16 -28.05 9.81
C PRO I 68 5.05 -27.89 8.76
N GLY I 69 5.41 -27.85 7.49
CA GLY I 69 4.39 -27.79 6.46
C GLY I 69 4.88 -27.92 5.02
N GLY I 70 3.95 -27.79 4.08
CA GLY I 70 4.30 -27.77 2.69
C GLY I 70 3.55 -28.80 1.87
N ALA I 71 3.67 -28.69 0.55
CA ALA I 71 2.81 -29.41 -0.37
C ALA I 71 3.33 -30.80 -0.75
N VAL I 72 2.44 -31.80 -0.65
CA VAL I 72 2.76 -33.18 -0.97
C VAL I 72 3.31 -33.35 -2.39
N THR I 73 2.78 -32.58 -3.34
CA THR I 73 3.28 -32.64 -4.74
C THR I 73 4.77 -32.29 -4.91
N SER I 74 5.27 -31.32 -4.13
CA SER I 74 6.70 -30.99 -4.10
C SER I 74 7.53 -32.09 -3.40
N ALA I 75 6.97 -32.68 -2.34
CA ALA I 75 7.62 -33.78 -1.64
C ALA I 75 7.81 -35.02 -2.53
N ALA I 77 8.61 -35.45 -5.69
CA ALA I 77 9.87 -35.45 -6.42
C ALA I 77 11.04 -35.86 -5.53
N ILE I 78 11.10 -35.32 -4.31
CA ILE I 78 12.15 -35.70 -3.38
C ILE I 78 12.02 -37.19 -3.07
N TYR I 79 10.81 -37.63 -2.77
CA TYR I 79 10.60 -39.05 -2.49
C TYR I 79 11.07 -39.96 -3.63
N ASP I 80 10.82 -39.56 -4.88
CA ASP I 80 11.23 -40.40 -6.00
C ASP I 80 12.76 -40.38 -6.16
N THR I 81 13.34 -39.21 -5.92
CA THR I 81 14.79 -39.06 -5.93
C THR I 81 15.43 -39.96 -4.89
N GLN I 83 14.28 -42.82 -3.86
CA GLN I 83 14.22 -44.20 -4.35
C GLN I 83 15.15 -44.38 -5.54
N PHE I 84 15.44 -43.28 -6.24
CA PHE I 84 16.19 -43.34 -7.48
C PHE I 84 17.69 -43.44 -7.24
N VAL I 85 18.23 -42.64 -6.34
CA VAL I 85 19.68 -42.64 -6.14
C VAL I 85 20.14 -43.93 -5.46
N LYS I 86 21.38 -44.34 -5.72
CA LYS I 86 21.82 -45.66 -5.29
C LYS I 86 21.97 -45.83 -3.78
N PRO I 87 22.52 -44.83 -3.08
CA PRO I 87 22.69 -44.93 -1.62
C PRO I 87 21.38 -45.07 -0.82
N ASP I 88 21.42 -45.83 0.26
CA ASP I 88 20.34 -45.88 1.24
C ASP I 88 20.21 -44.50 1.82
N VAL I 89 18.98 -44.01 1.90
CA VAL I 89 18.76 -42.72 2.56
C VAL I 89 18.22 -42.94 3.97
N ARG I 90 19.03 -42.60 4.96
CA ARG I 90 18.60 -42.65 6.35
C ARG I 90 17.88 -41.36 6.72
N THR I 91 16.71 -41.48 7.34
CA THR I 91 15.94 -40.30 7.69
C THR I 91 15.85 -40.13 9.19
N LEU I 92 16.05 -38.91 9.64
CA LEU I 92 15.88 -38.55 11.02
C LEU I 92 15.03 -37.29 11.10
N CYS I 93 13.97 -37.34 11.87
CA CYS I 93 13.20 -36.15 12.14
C CYS I 93 13.76 -35.52 13.40
N ILE I 94 14.43 -34.40 13.22
CA ILE I 94 14.93 -33.60 14.31
C ILE I 94 13.89 -32.82 15.12
N GLY I 95 12.89 -32.28 14.45
CA GLY I 95 11.84 -31.60 15.17
C GLY I 95 10.43 -31.90 14.70
N GLN I 96 10.05 -31.36 13.56
CA GLN I 96 8.72 -31.53 13.07
C GLN I 96 8.75 -32.24 11.76
N ALA I 97 7.74 -33.04 11.51
CA ALA I 97 7.51 -33.57 10.18
C ALA I 97 6.01 -33.64 9.89
N ALA I 98 5.50 -32.57 9.29
CA ALA I 98 4.13 -32.48 8.82
C ALA I 98 3.96 -33.38 7.61
N SER I 99 2.82 -33.32 6.95
CA SER I 99 2.51 -34.37 5.97
C SER I 99 3.63 -34.56 4.96
N ALA I 100 3.99 -33.48 4.27
CA ALA I 100 5.05 -33.56 3.29
C ALA I 100 6.31 -34.17 3.89
N GLY I 101 6.83 -33.56 4.95
CA GLY I 101 7.96 -34.13 5.66
C GLY I 101 7.81 -35.61 6.05
N ALA I 102 6.64 -35.98 6.52
CA ALA I 102 6.40 -37.33 7.05
C ALA I 102 6.50 -38.36 5.94
N LEU I 103 6.10 -37.96 4.74
CA LEU I 103 6.23 -38.79 3.55
C LEU I 103 7.68 -39.15 3.36
N LEU I 104 8.54 -38.14 3.42
CA LEU I 104 9.97 -38.34 3.19
C LEU I 104 10.60 -39.13 4.33
N LEU I 105 10.23 -38.78 5.56
CA LEU I 105 10.65 -39.54 6.74
C LEU I 105 10.36 -41.02 6.60
N ALA I 106 9.11 -41.34 6.27
CA ALA I 106 8.68 -42.73 6.15
C ALA I 106 9.25 -43.42 4.91
N GLY I 107 9.67 -42.62 3.93
CA GLY I 107 10.22 -43.15 2.71
C GLY I 107 11.70 -43.41 2.79
N GLY I 108 12.28 -43.34 3.99
CA GLY I 108 13.69 -43.66 4.18
C GLY I 108 13.92 -45.15 4.04
N ALA I 109 15.18 -45.53 3.82
CA ALA I 109 15.58 -46.93 3.81
C ALA I 109 15.05 -47.73 5.01
N LYS I 110 14.59 -48.95 4.73
CA LYS I 110 14.12 -49.86 5.78
C LYS I 110 15.09 -49.95 6.95
N GLY I 111 14.59 -49.73 8.16
CA GLY I 111 15.39 -49.85 9.36
C GLY I 111 16.16 -48.59 9.72
N LYS I 112 16.12 -47.60 8.83
CA LYS I 112 16.95 -46.41 8.95
C LYS I 112 16.14 -45.10 9.04
N ARG I 113 14.96 -45.21 9.63
CA ARG I 113 14.08 -44.05 9.79
C ARG I 113 13.91 -43.81 11.30
N HIS I 114 14.16 -42.59 11.75
CA HIS I 114 14.25 -42.31 13.17
C HIS I 114 13.71 -40.92 13.51
N CYS I 115 13.38 -40.69 14.78
CA CYS I 115 13.09 -39.35 15.27
C CYS I 115 13.62 -39.22 16.69
N LEU I 116 13.66 -37.98 17.20
CA LEU I 116 14.12 -37.71 18.56
C LEU I 116 12.90 -37.70 19.47
N PRO I 117 13.12 -37.62 20.79
CA PRO I 117 12.02 -37.88 21.75
C PRO I 117 10.88 -36.86 21.74
N HIS I 118 11.14 -35.62 21.34
CA HIS I 118 10.05 -34.63 21.34
C HIS I 118 9.63 -34.24 19.94
N SER I 119 10.05 -35.03 18.97
CA SER I 119 9.63 -34.77 17.61
C SER I 119 8.12 -34.84 17.49
N SER I 120 7.60 -34.27 16.42
CA SER I 120 6.18 -34.29 16.15
C SER I 120 6.00 -34.71 14.71
N VAL I 121 5.29 -35.81 14.52
CA VAL I 121 4.99 -36.29 13.20
C VAL I 121 3.50 -36.15 12.98
N ILE I 123 0.41 -36.59 9.73
CA ILE I 123 0.03 -36.91 8.35
C ILE I 123 -1.40 -36.45 8.05
N HIS I 124 -1.65 -36.11 6.79
CA HIS I 124 -3.00 -35.72 6.38
C HIS I 124 -3.10 -35.84 4.86
N GLN I 125 -4.33 -35.87 4.35
CA GLN I 125 -4.53 -36.08 2.94
C GLN I 125 -4.04 -34.87 2.15
N VAL I 126 -3.89 -35.06 0.85
CA VAL I 126 -3.42 -33.98 -0.01
C VAL I 126 -4.39 -32.81 -0.05
N LEU I 127 -3.81 -31.62 -0.19
CA LEU I 127 -4.52 -30.37 -0.34
C LEU I 127 -4.37 -29.94 -1.77
N GLY I 128 -5.35 -29.19 -2.26
CA GLY I 128 -5.22 -28.55 -3.57
C GLY I 128 -6.29 -27.54 -3.83
N GLY I 129 -6.53 -27.32 -5.12
CA GLY I 129 -7.60 -26.46 -5.55
C GLY I 129 -7.40 -25.96 -6.96
N TYR I 130 -8.48 -25.50 -7.57
CA TYR I 130 -8.44 -24.96 -8.91
C TYR I 130 -9.57 -23.97 -9.10
N GLN I 131 -9.46 -23.14 -10.14
CA GLN I 131 -10.51 -22.17 -10.43
C GLN I 131 -10.59 -21.96 -11.93
N GLY I 132 -11.82 -21.98 -12.46
CA GLY I 132 -12.03 -21.87 -13.89
C GLY I 132 -13.29 -22.58 -14.36
N GLN I 133 -13.31 -22.98 -15.63
CA GLN I 133 -14.51 -23.62 -16.17
C GLN I 133 -14.77 -24.97 -15.53
N GLY I 134 -16.04 -25.34 -15.42
CA GLY I 134 -16.41 -26.60 -14.81
C GLY I 134 -15.69 -27.82 -15.36
N THR I 135 -15.58 -27.89 -16.69
CA THR I 135 -14.85 -28.95 -17.35
C THR I 135 -13.44 -29.07 -16.78
N ASP I 136 -12.80 -27.94 -16.54
CA ASP I 136 -11.43 -27.90 -16.04
C ASP I 136 -11.33 -28.20 -14.56
N ILE I 137 -12.34 -27.83 -13.79
CA ILE I 137 -12.42 -28.22 -12.39
C ILE I 137 -12.47 -29.75 -12.26
N GLN I 138 -13.27 -30.38 -13.12
CA GLN I 138 -13.39 -31.83 -13.14
C GLN I 138 -12.04 -32.47 -13.46
N ILE I 139 -11.37 -31.97 -14.50
CA ILE I 139 -10.05 -32.45 -14.85
C ILE I 139 -9.08 -32.39 -13.66
N HIS I 140 -8.98 -31.21 -13.05
CA HIS I 140 -8.07 -31.03 -11.92
C HIS I 140 -8.49 -31.81 -10.67
N ALA I 141 -9.80 -31.97 -10.44
CA ALA I 141 -10.26 -32.79 -9.32
C ALA I 141 -9.89 -34.26 -9.48
N LYS I 142 -9.91 -34.75 -10.72
CA LYS I 142 -9.46 -36.13 -10.96
C LYS I 142 -7.95 -36.30 -10.69
N GLN I 143 -7.15 -35.32 -11.09
CA GLN I 143 -5.71 -35.39 -10.86
C GLN I 143 -5.43 -35.33 -9.34
N THR I 144 -6.23 -34.56 -8.62
CA THR I 144 -6.09 -34.46 -7.16
C THR I 144 -6.39 -35.83 -6.51
N GLN I 145 -7.44 -36.49 -7.01
CA GLN I 145 -7.75 -37.84 -6.55
C GLN I 145 -6.57 -38.78 -6.79
N ARG I 146 -5.98 -38.72 -7.99
CA ARG I 146 -4.81 -39.54 -8.28
C ARG I 146 -3.67 -39.29 -7.29
N VAL I 147 -3.26 -38.03 -7.16
CA VAL I 147 -2.22 -37.66 -6.19
C VAL I 147 -2.55 -38.14 -4.77
N SER I 148 -3.80 -37.97 -4.37
CA SER I 148 -4.26 -38.42 -3.07
C SER I 148 -4.08 -39.94 -2.90
N ASP I 149 -4.49 -40.71 -3.92
CA ASP I 149 -4.33 -42.16 -3.88
C ASP I 149 -2.85 -42.51 -3.77
N GLN I 150 -2.01 -41.78 -4.50
CA GLN I 150 -0.57 -42.03 -4.55
C GLN I 150 0.06 -41.85 -3.20
N LEU I 151 -0.35 -40.82 -2.49
CA LEU I 151 0.20 -40.56 -1.16
C LEU I 151 -0.15 -41.75 -0.27
N ASN I 152 -1.40 -42.19 -0.34
CA ASN I 152 -1.82 -43.35 0.44
C ASN I 152 -1.07 -44.62 0.10
N GLN I 153 -0.87 -44.87 -1.20
CA GLN I 153 -0.12 -46.06 -1.62
C GLN I 153 1.30 -46.02 -1.09
N ILE I 154 1.88 -44.82 -1.05
CA ILE I 154 3.27 -44.70 -0.61
C ILE I 154 3.37 -44.92 0.88
N LEU I 155 2.44 -44.35 1.65
CA LEU I 155 2.42 -44.52 3.10
C LEU I 155 2.14 -45.96 3.50
N ALA I 156 1.26 -46.62 2.77
CA ALA I 156 0.97 -48.03 3.08
C ALA I 156 2.18 -48.89 2.77
N LYS I 157 2.76 -48.70 1.59
CA LYS I 157 3.94 -49.44 1.22
C LYS I 157 5.03 -49.39 2.31
N HIS I 158 5.33 -48.21 2.85
CA HIS I 158 6.46 -48.09 3.77
C HIS I 158 6.10 -48.39 5.21
N THR I 159 4.83 -48.33 5.55
CA THR I 159 4.45 -48.58 6.93
C THR I 159 3.98 -50.00 7.17
N GLY I 160 3.48 -50.67 6.13
CA GLY I 160 2.86 -51.96 6.29
C GLY I 160 1.34 -51.92 6.44
N LYS I 161 0.78 -50.74 6.69
CA LYS I 161 -0.67 -50.58 6.82
C LYS I 161 -1.39 -50.80 5.48
N ASP I 162 -2.65 -51.22 5.52
CA ASP I 162 -3.51 -51.29 4.34
C ASP I 162 -3.80 -49.90 3.79
N ILE I 163 -3.92 -49.75 2.48
CA ILE I 163 -4.27 -48.47 1.87
C ILE I 163 -5.55 -47.86 2.47
N GLU I 164 -6.56 -48.68 2.68
CA GLU I 164 -7.81 -48.17 3.27
C GLU I 164 -7.62 -47.67 4.69
N ARG I 165 -6.71 -48.27 5.44
CA ARG I 165 -6.46 -47.82 6.81
C ARG I 165 -5.77 -46.46 6.79
N VAL I 166 -4.76 -46.33 5.93
CA VAL I 166 -4.03 -45.09 5.76
C VAL I 166 -4.98 -43.97 5.33
N GLU I 167 -5.85 -44.27 4.38
CA GLU I 167 -6.81 -43.30 3.84
C GLU I 167 -7.75 -42.80 4.94
N LYS I 168 -8.14 -43.70 5.83
CA LYS I 168 -9.01 -43.34 6.94
C LYS I 168 -8.30 -42.43 7.95
N ASP I 169 -7.02 -42.69 8.17
CA ASP I 169 -6.22 -41.95 9.16
C ASP I 169 -5.78 -40.57 8.72
N THR I 170 -5.54 -40.42 7.41
CA THR I 170 -5.07 -39.15 6.89
C THR I 170 -6.22 -38.22 6.51
N ASN I 171 -7.45 -38.69 6.70
CA ASN I 171 -8.61 -37.93 6.31
C ASN I 171 -8.59 -36.56 6.98
N ARG I 172 -8.15 -36.53 8.24
CA ARG I 172 -7.95 -35.27 8.96
C ARG I 172 -6.59 -35.30 9.60
N ASP I 173 -6.08 -34.14 9.98
CA ASP I 173 -4.78 -34.07 10.62
C ASP I 173 -4.64 -35.09 11.71
N TYR I 174 -3.55 -35.86 11.65
CA TYR I 174 -3.32 -37.03 12.48
C TYR I 174 -1.94 -36.94 13.09
N PHE I 175 -1.85 -36.47 14.34
CA PHE I 175 -0.56 -36.41 15.02
C PHE I 175 -0.20 -37.76 15.65
N LEU I 176 1.07 -38.11 15.54
CA LEU I 176 1.62 -39.29 16.20
C LEU I 176 2.75 -38.86 17.12
N THR I 177 2.78 -39.41 18.33
CA THR I 177 3.97 -39.30 19.18
C THR I 177 5.05 -40.16 18.54
N PRO I 178 6.30 -39.99 18.97
CA PRO I 178 7.36 -40.89 18.47
C PRO I 178 7.01 -42.37 18.68
N GLU I 179 6.48 -42.73 19.85
CA GLU I 179 6.11 -44.11 20.13
C GLU I 179 5.01 -44.59 19.19
N GLU I 180 4.06 -43.73 18.89
CA GLU I 180 2.97 -44.11 18.01
C GLU I 180 3.48 -44.22 16.58
N ALA I 181 4.49 -43.42 16.25
CA ALA I 181 5.05 -43.44 14.91
C ALA I 181 5.79 -44.75 14.68
N VAL I 182 6.51 -45.24 15.70
CA VAL I 182 7.17 -46.52 15.58
C VAL I 182 6.13 -47.62 15.40
N GLU I 183 5.11 -47.60 16.27
CA GLU I 183 4.02 -48.58 16.20
C GLU I 183 3.23 -48.48 14.88
N TYR I 184 3.12 -47.27 14.33
CA TYR I 184 2.39 -47.11 13.10
C TYR I 184 3.21 -47.65 11.94
N GLY I 185 4.54 -47.59 12.07
CA GLY I 185 5.40 -47.99 10.98
C GLY I 185 6.01 -46.84 10.18
N LEU I 186 5.80 -45.61 10.64
CA LEU I 186 6.37 -44.42 10.01
C LEU I 186 7.87 -44.35 10.21
N ILE I 187 8.32 -44.66 11.41
CA ILE I 187 9.74 -44.74 11.70
C ILE I 187 10.06 -46.10 12.29
N ASP I 188 11.35 -46.39 12.43
CA ASP I 188 11.77 -47.69 12.93
C ASP I 188 12.16 -47.60 14.39
N SER I 189 12.67 -46.44 14.82
CA SER I 189 13.04 -46.28 16.22
C SER I 189 13.24 -44.84 16.60
N ILE I 190 13.35 -44.61 17.91
CA ILE I 190 13.60 -43.32 18.50
C ILE I 190 14.96 -43.27 19.18
N PHE I 191 15.74 -42.23 18.93
CA PHE I 191 17.01 -42.06 19.63
C PHE I 191 16.84 -41.11 20.81
N LYS I 192 17.16 -41.55 22.02
CA LYS I 192 17.34 -40.54 23.08
C LYS I 192 18.63 -39.74 22.79
N GLU I 193 19.78 -40.42 22.84
CA GLU I 193 21.05 -39.82 22.45
C GLU I 193 21.61 -40.51 21.22
N ARG I 194 22.68 -39.98 20.64
CA ARG I 194 23.26 -40.60 19.45
C ARG I 194 23.65 -42.03 19.78
N PRO I 195 23.20 -42.99 18.96
CA PRO I 195 23.52 -44.42 19.14
C PRO I 195 24.97 -44.76 18.70
N LEU J 4 -42.75 16.30 0.59
CA LEU J 4 -42.46 15.80 -0.75
C LEU J 4 -41.06 15.19 -0.81
N VAL J 5 -40.84 14.33 -1.81
CA VAL J 5 -39.57 13.61 -1.96
C VAL J 5 -38.75 14.11 -3.16
N PRO J 6 -37.46 14.44 -2.93
CA PRO J 6 -36.59 15.00 -3.98
C PRO J 6 -36.39 14.08 -5.19
N VAL J 8 -34.04 12.85 -8.42
CA VAL J 8 -32.66 12.78 -8.88
C VAL J 8 -32.57 11.84 -10.07
N VAL J 9 -31.71 12.18 -11.03
CA VAL J 9 -31.41 11.26 -12.10
C VAL J 9 -30.72 10.06 -11.49
N GLU J 10 -29.73 10.31 -10.66
CA GLU J 10 -28.86 9.25 -10.16
C GLU J 10 -28.77 9.19 -8.63
N TYR J 19 -38.06 10.13 -6.41
CA TYR J 19 -37.61 9.06 -7.30
C TYR J 19 -36.26 9.33 -7.97
N ASP J 20 -35.40 8.33 -7.97
CA ASP J 20 -34.26 8.30 -8.86
C ASP J 20 -34.86 7.80 -10.15
N ILE J 21 -34.14 7.87 -11.25
CA ILE J 21 -34.70 7.51 -12.55
C ILE J 21 -35.18 6.06 -12.62
N TYR J 22 -34.44 5.15 -12.03
CA TYR J 22 -34.84 3.76 -11.99
C TYR J 22 -36.13 3.57 -11.19
N SER J 23 -36.29 4.32 -10.12
CA SER J 23 -37.49 4.23 -9.31
C SER J 23 -38.69 4.70 -10.09
N ARG J 24 -38.50 5.74 -10.88
CA ARG J 24 -39.54 6.20 -11.78
C ARG J 24 -39.99 5.12 -12.78
N LEU J 25 -39.03 4.47 -13.41
CA LEU J 25 -39.37 3.42 -14.36
C LEU J 25 -40.08 2.25 -13.68
N LEU J 26 -39.66 1.92 -12.47
CA LEU J 26 -40.29 0.85 -11.71
C LEU J 26 -41.81 1.07 -11.61
N LYS J 27 -42.23 2.32 -11.67
CA LYS J 27 -43.65 2.66 -11.64
C LYS J 27 -44.37 2.13 -12.89
N ASP J 28 -43.63 2.00 -13.99
CA ASP J 28 -44.13 1.45 -15.27
C ASP J 28 -43.84 -0.05 -15.41
N ARG J 29 -43.46 -0.68 -14.29
CA ARG J 29 -43.21 -2.11 -14.25
C ARG J 29 -42.00 -2.48 -15.09
N VAL J 30 -41.00 -1.59 -15.08
CA VAL J 30 -39.71 -1.84 -15.73
C VAL J 30 -38.61 -2.00 -14.69
N ILE J 31 -37.91 -3.13 -14.75
CA ILE J 31 -36.78 -3.39 -13.89
C ILE J 31 -35.51 -3.48 -14.75
N PHE J 32 -34.47 -2.76 -14.36
CA PHE J 32 -33.18 -2.85 -15.03
C PHE J 32 -32.26 -3.86 -14.34
N LEU J 33 -31.71 -4.76 -15.14
CA LEU J 33 -30.73 -5.71 -14.64
C LEU J 33 -29.41 -5.43 -15.35
N VAL J 34 -28.53 -4.68 -14.70
CA VAL J 34 -27.34 -4.21 -15.39
C VAL J 34 -26.06 -4.46 -14.61
N GLY J 35 -24.94 -4.44 -15.32
CA GLY J 35 -23.64 -4.66 -14.70
C GLY J 35 -23.43 -6.13 -14.42
N GLN J 36 -22.43 -6.42 -13.60
CA GLN J 36 -22.15 -7.79 -13.24
C GLN J 36 -23.31 -8.35 -12.47
N VAL J 37 -23.72 -9.56 -12.85
CA VAL J 37 -24.71 -10.29 -12.08
C VAL J 37 -24.08 -10.93 -10.86
N GLU J 38 -24.37 -10.37 -9.71
CA GLU J 38 -23.84 -10.88 -8.45
C GLU J 38 -24.93 -10.70 -7.41
N ASP J 39 -24.72 -11.23 -6.19
CA ASP J 39 -25.82 -11.38 -5.21
C ASP J 39 -26.52 -10.08 -4.82
N HIS J 40 -25.75 -9.02 -4.62
CA HIS J 40 -26.34 -7.78 -4.17
C HIS J 40 -27.44 -7.33 -5.16
N ALA J 42 -28.73 -8.95 -7.56
CA ALA J 42 -29.70 -10.01 -7.84
C ALA J 42 -30.83 -9.94 -6.85
N ASN J 43 -30.49 -9.74 -5.59
CA ASN J 43 -31.53 -9.62 -4.58
C ASN J 43 -32.36 -8.37 -4.73
N LEU J 44 -31.77 -7.29 -5.25
CA LEU J 44 -32.55 -6.10 -5.56
C LEU J 44 -33.56 -6.36 -6.65
N ALA J 45 -33.13 -7.03 -7.72
CA ALA J 45 -34.05 -7.40 -8.81
C ALA J 45 -35.21 -8.26 -8.30
N ILE J 46 -34.87 -9.33 -7.59
CA ILE J 46 -35.87 -10.23 -7.04
C ILE J 46 -36.88 -9.44 -6.22
N ALA J 47 -36.40 -8.57 -5.33
CA ALA J 47 -37.30 -7.77 -4.51
C ALA J 47 -38.21 -6.85 -5.34
N GLN J 48 -37.67 -6.29 -6.42
CA GLN J 48 -38.45 -5.45 -7.31
C GLN J 48 -39.53 -6.27 -8.00
N LEU J 50 -41.02 -9.01 -6.60
CA LEU J 50 -42.00 -9.29 -5.55
C LEU J 50 -42.88 -8.05 -5.32
N PHE J 51 -42.27 -6.87 -5.39
CA PHE J 51 -43.02 -5.64 -5.26
C PHE J 51 -44.00 -5.47 -6.40
N LEU J 52 -43.53 -5.66 -7.63
CA LEU J 52 -44.39 -5.50 -8.81
C LEU J 52 -45.54 -6.51 -8.80
N GLU J 53 -45.25 -7.72 -8.34
CA GLU J 53 -46.28 -8.74 -8.22
C GLU J 53 -47.31 -8.31 -7.21
N SER J 54 -46.82 -7.80 -6.08
CA SER J 54 -47.65 -7.30 -4.99
C SER J 54 -48.54 -6.15 -5.46
N GLU J 55 -47.99 -5.25 -6.27
CA GLU J 55 -48.79 -4.15 -6.84
C GLU J 55 -49.94 -4.64 -7.72
N ASN J 56 -49.61 -5.46 -8.71
CA ASN J 56 -50.59 -6.07 -9.59
C ASN J 56 -50.07 -7.41 -10.10
N PRO J 57 -50.70 -8.50 -9.65
CA PRO J 57 -50.20 -9.84 -9.96
C PRO J 57 -50.48 -10.28 -11.39
N ASN J 58 -51.23 -9.47 -12.14
CA ASN J 58 -51.63 -9.87 -13.49
C ASN J 58 -50.99 -9.15 -14.66
N LYS J 59 -50.49 -7.93 -14.43
CA LYS J 59 -49.80 -7.19 -15.49
C LYS J 59 -48.35 -7.66 -15.66
N ASP J 60 -47.88 -7.64 -16.89
CA ASP J 60 -46.50 -8.06 -17.16
C ASP J 60 -45.50 -7.23 -16.38
N ILE J 61 -44.37 -7.85 -16.10
CA ILE J 61 -43.19 -7.20 -15.57
C ILE J 61 -42.18 -7.13 -16.73
N ASN J 62 -41.50 -6.00 -16.88
CA ASN J 62 -40.52 -5.88 -17.95
C ASN J 62 -39.10 -5.86 -17.40
N LEU J 63 -38.29 -6.82 -17.85
CA LEU J 63 -36.94 -6.96 -17.34
C LEU J 63 -35.98 -6.57 -18.46
N TYR J 64 -35.38 -5.40 -18.35
CA TYR J 64 -34.41 -4.93 -19.35
C TYR J 64 -32.98 -5.29 -18.94
N ILE J 65 -32.30 -6.01 -19.80
CA ILE J 65 -31.01 -6.61 -19.46
C ILE J 65 -29.85 -5.96 -20.18
N ASN J 66 -28.81 -5.60 -19.43
CA ASN J 66 -27.56 -5.13 -19.99
C ASN J 66 -26.43 -5.56 -19.08
N SER J 67 -25.94 -6.77 -19.29
CA SER J 67 -24.99 -7.41 -18.36
C SER J 67 -23.90 -8.10 -19.17
N PRO J 68 -22.64 -7.66 -18.99
CA PRO J 68 -21.56 -8.28 -19.75
C PRO J 68 -20.95 -9.43 -19.00
N GLY J 69 -21.45 -9.73 -17.82
CA GLY J 69 -20.91 -10.84 -17.06
C GLY J 69 -21.53 -11.09 -15.71
N GLY J 70 -20.95 -12.03 -14.98
CA GLY J 70 -21.42 -12.38 -13.66
C GLY J 70 -21.71 -13.86 -13.54
N ALA J 71 -21.88 -14.32 -12.32
CA ALA J 71 -21.96 -15.74 -12.02
C ALA J 71 -23.34 -16.33 -12.24
N VAL J 72 -23.36 -17.48 -12.89
CA VAL J 72 -24.59 -18.23 -13.08
C VAL J 72 -25.34 -18.51 -11.76
N THR J 73 -24.63 -18.90 -10.70
CA THR J 73 -25.27 -19.15 -9.40
C THR J 73 -26.10 -17.96 -8.88
N SER J 74 -25.63 -16.74 -9.11
CA SER J 74 -26.42 -15.57 -8.73
C SER J 74 -27.65 -15.41 -9.63
N ALA J 75 -27.46 -15.64 -10.93
CA ALA J 75 -28.55 -15.55 -11.89
C ALA J 75 -29.64 -16.55 -11.56
N ALA J 77 -31.01 -17.47 -8.71
CA ALA J 77 -32.03 -17.01 -7.80
C ALA J 77 -33.01 -16.10 -8.53
N ILE J 78 -32.51 -15.29 -9.44
CA ILE J 78 -33.38 -14.40 -10.21
C ILE J 78 -34.27 -15.19 -11.16
N TYR J 79 -33.70 -16.20 -11.80
CA TYR J 79 -34.46 -17.05 -12.69
C TYR J 79 -35.64 -17.69 -12.00
N ASP J 80 -35.39 -18.30 -10.85
CA ASP J 80 -36.45 -19.00 -10.12
C ASP J 80 -37.51 -18.03 -9.66
N THR J 81 -37.07 -16.82 -9.33
CA THR J 81 -37.98 -15.75 -8.94
C THR J 81 -38.90 -15.40 -10.09
N GLN J 83 -39.89 -17.31 -12.39
CA GLN J 83 -40.87 -18.37 -12.57
C GLN J 83 -41.83 -18.40 -11.39
N PHE J 84 -41.35 -17.99 -10.22
CA PHE J 84 -42.16 -17.95 -9.03
C PHE J 84 -43.29 -16.94 -9.06
N VAL J 85 -43.02 -15.73 -9.54
CA VAL J 85 -44.04 -14.69 -9.50
C VAL J 85 -45.12 -14.92 -10.55
N LYS J 86 -46.36 -14.54 -10.23
CA LYS J 86 -47.46 -14.76 -11.13
C LYS J 86 -47.28 -14.04 -12.47
N PRO J 87 -46.83 -12.78 -12.43
CA PRO J 87 -46.79 -11.99 -13.67
C PRO J 87 -45.89 -12.57 -14.72
N ASP J 88 -46.26 -12.46 -15.98
CA ASP J 88 -45.35 -12.76 -17.06
C ASP J 88 -44.18 -11.80 -17.00
N VAL J 89 -43.00 -12.34 -17.21
CA VAL J 89 -41.81 -11.51 -17.29
C VAL J 89 -41.36 -11.45 -18.72
N ARG J 90 -41.55 -10.28 -19.33
CA ARG J 90 -41.09 -10.03 -20.67
C ARG J 90 -39.62 -9.67 -20.50
N THR J 91 -38.77 -10.10 -21.43
CA THR J 91 -37.34 -9.79 -21.33
C THR J 91 -36.80 -9.15 -22.59
N LEU J 92 -36.08 -8.06 -22.41
CA LEU J 92 -35.46 -7.37 -23.51
C LEU J 92 -33.98 -7.17 -23.23
N CYS J 93 -33.13 -7.59 -24.16
CA CYS J 93 -31.73 -7.31 -24.03
C CYS J 93 -31.45 -6.06 -24.79
N ILE J 94 -31.19 -4.99 -24.07
CA ILE J 94 -30.79 -3.71 -24.67
C ILE J 94 -29.40 -3.68 -25.28
N GLY J 95 -28.43 -4.29 -24.61
CA GLY J 95 -27.09 -4.31 -25.14
C GLY J 95 -26.38 -5.64 -25.07
N GLN J 96 -26.10 -6.07 -23.84
CA GLN J 96 -25.33 -7.25 -23.63
C GLN J 96 -26.04 -8.24 -22.74
N ALA J 97 -25.99 -9.51 -23.11
CA ALA J 97 -26.31 -10.58 -22.21
C ALA J 97 -25.21 -11.62 -22.26
N ALA J 98 -24.40 -11.67 -21.23
CA ALA J 98 -23.37 -12.69 -21.09
C ALA J 98 -24.01 -13.87 -20.42
N SER J 99 -23.25 -14.89 -20.10
CA SER J 99 -23.89 -16.14 -19.67
C SER J 99 -25.05 -15.95 -18.68
N ALA J 100 -24.79 -15.40 -17.50
CA ALA J 100 -25.84 -15.22 -16.53
C ALA J 100 -27.02 -14.41 -17.08
N GLY J 101 -26.73 -13.24 -17.64
CA GLY J 101 -27.76 -12.44 -18.26
C GLY J 101 -28.55 -13.21 -19.31
N ALA J 102 -27.89 -14.04 -20.10
CA ALA J 102 -28.54 -14.84 -21.16
C ALA J 102 -29.49 -15.87 -20.59
N LEU J 103 -29.12 -16.42 -19.45
CA LEU J 103 -29.97 -17.35 -18.76
C LEU J 103 -31.31 -16.65 -18.49
N LEU J 104 -31.23 -15.44 -17.93
CA LEU J 104 -32.44 -14.67 -17.59
C LEU J 104 -33.23 -14.22 -18.82
N LEU J 105 -32.51 -13.77 -19.85
CA LEU J 105 -33.11 -13.46 -21.15
C LEU J 105 -33.91 -14.64 -21.71
N ALA J 106 -33.31 -15.83 -21.70
CA ALA J 106 -33.98 -16.98 -22.29
C ALA J 106 -35.09 -17.51 -21.41
N GLY J 107 -35.04 -17.16 -20.13
CA GLY J 107 -36.03 -17.60 -19.15
C GLY J 107 -37.26 -16.70 -19.04
N GLY J 108 -37.33 -15.66 -19.88
CA GLY J 108 -38.53 -14.86 -19.95
C GLY J 108 -39.73 -15.66 -20.41
N ALA J 109 -40.92 -15.06 -20.36
CA ALA J 109 -42.13 -15.76 -20.76
C ALA J 109 -42.19 -16.03 -22.26
N LYS J 110 -42.75 -17.18 -22.63
CA LYS J 110 -42.88 -17.59 -24.02
C LYS J 110 -43.46 -16.49 -24.87
N GLY J 111 -42.78 -16.14 -25.97
CA GLY J 111 -43.24 -15.10 -26.88
C GLY J 111 -42.78 -13.71 -26.49
N LYS J 112 -42.20 -13.57 -25.30
CA LYS J 112 -41.93 -12.25 -24.75
C LYS J 112 -40.46 -12.01 -24.42
N ARG J 113 -39.59 -12.52 -25.27
CA ARG J 113 -38.16 -12.38 -25.07
C ARG J 113 -37.56 -11.76 -26.34
N HIS J 114 -36.80 -10.69 -26.18
CA HIS J 114 -36.40 -9.85 -27.31
C HIS J 114 -35.01 -9.27 -27.17
N CYS J 115 -34.46 -8.78 -28.27
CA CYS J 115 -33.28 -7.94 -28.15
C CYS J 115 -33.33 -6.82 -29.17
N LEU J 116 -32.28 -6.01 -29.18
CA LEU J 116 -32.19 -4.90 -30.11
C LEU J 116 -31.19 -5.31 -31.16
N PRO J 117 -31.16 -4.58 -32.28
CA PRO J 117 -30.39 -5.05 -33.45
C PRO J 117 -28.89 -5.22 -33.23
N HIS J 118 -28.26 -4.45 -32.33
CA HIS J 118 -26.82 -4.66 -32.08
C HIS J 118 -26.49 -5.33 -30.74
N SER J 119 -27.51 -5.92 -30.11
CA SER J 119 -27.31 -6.66 -28.87
C SER J 119 -26.29 -7.76 -29.07
N SER J 120 -25.57 -8.10 -28.02
CA SER J 120 -24.64 -9.20 -28.09
C SER J 120 -25.03 -10.21 -27.02
N VAL J 121 -25.34 -11.42 -27.46
CA VAL J 121 -25.66 -12.51 -26.56
C VAL J 121 -24.55 -13.54 -26.59
N ILE J 123 -23.33 -17.36 -24.42
CA ILE J 123 -23.51 -18.36 -23.36
C ILE J 123 -22.22 -19.15 -23.19
N HIS J 124 -21.99 -19.63 -21.97
CA HIS J 124 -20.87 -20.52 -21.66
C HIS J 124 -21.17 -21.33 -20.39
N GLN J 125 -20.43 -22.40 -20.18
CA GLN J 125 -20.66 -23.29 -19.03
C GLN J 125 -20.31 -22.57 -17.76
N VAL J 126 -20.78 -23.08 -16.62
CA VAL J 126 -20.51 -22.43 -15.34
C VAL J 126 -19.02 -22.43 -14.97
N LEU J 127 -18.62 -21.39 -14.26
CA LEU J 127 -17.28 -21.29 -13.69
C LEU J 127 -17.37 -21.50 -12.19
N GLY J 128 -16.27 -21.88 -11.58
CA GLY J 128 -16.21 -21.92 -10.13
C GLY J 128 -14.81 -22.23 -9.66
N GLY J 129 -14.71 -22.68 -8.42
CA GLY J 129 -13.41 -22.98 -7.86
C GLY J 129 -13.51 -23.29 -6.40
N TYR J 130 -12.52 -24.04 -5.93
CA TYR J 130 -12.43 -24.37 -4.53
C TYR J 130 -10.97 -24.57 -4.20
N GLN J 131 -10.65 -24.57 -2.91
CA GLN J 131 -9.31 -24.79 -2.43
C GLN J 131 -9.43 -25.43 -1.05
N GLY J 132 -8.64 -26.46 -0.78
CA GLY J 132 -8.72 -27.14 0.50
C GLY J 132 -8.34 -28.61 0.40
N GLN J 133 -8.87 -29.43 1.30
CA GLN J 133 -8.56 -30.87 1.27
C GLN J 133 -9.19 -31.55 0.07
N GLY J 134 -8.52 -32.60 -0.40
CA GLY J 134 -9.00 -33.41 -1.51
C GLY J 134 -10.45 -33.81 -1.34
N THR J 135 -10.77 -34.38 -0.18
CA THR J 135 -12.16 -34.77 0.11
C THR J 135 -13.14 -33.65 -0.21
N ASP J 136 -12.79 -32.42 0.17
CA ASP J 136 -13.68 -31.29 0.00
C ASP J 136 -13.70 -30.81 -1.45
N ILE J 137 -12.58 -30.96 -2.12
CA ILE J 137 -12.49 -30.62 -3.54
C ILE J 137 -13.44 -31.49 -4.36
N GLN J 138 -13.53 -32.77 -4.01
CA GLN J 138 -14.43 -33.66 -4.73
C GLN J 138 -15.87 -33.30 -4.43
N ILE J 139 -16.13 -32.95 -3.17
CA ILE J 139 -17.48 -32.59 -2.74
C ILE J 139 -17.96 -31.39 -3.52
N HIS J 140 -17.09 -30.40 -3.64
CA HIS J 140 -17.42 -29.18 -4.38
C HIS J 140 -17.40 -29.37 -5.90
N ALA J 141 -16.49 -30.18 -6.43
CA ALA J 141 -16.53 -30.51 -7.86
C ALA J 141 -17.85 -31.13 -8.25
N LYS J 142 -18.36 -32.06 -7.42
CA LYS J 142 -19.68 -32.67 -7.68
C LYS J 142 -20.79 -31.63 -7.79
N GLN J 143 -20.81 -30.70 -6.83
CA GLN J 143 -21.84 -29.68 -6.77
C GLN J 143 -21.73 -28.75 -7.98
N THR J 144 -20.50 -28.46 -8.38
CA THR J 144 -20.27 -27.63 -9.55
C THR J 144 -20.84 -28.32 -10.76
N GLN J 145 -20.79 -29.64 -10.77
CA GLN J 145 -21.31 -30.42 -11.89
C GLN J 145 -22.82 -30.33 -11.94
N ARG J 146 -23.46 -30.37 -10.77
CA ARG J 146 -24.91 -30.27 -10.71
C ARG J 146 -25.37 -28.92 -11.23
N VAL J 147 -24.70 -27.87 -10.80
CA VAL J 147 -25.04 -26.52 -11.22
C VAL J 147 -24.94 -26.39 -12.74
N SER J 148 -23.88 -26.97 -13.28
CA SER J 148 -23.60 -26.94 -14.70
C SER J 148 -24.73 -27.66 -15.44
N ASP J 149 -25.13 -28.81 -14.92
CA ASP J 149 -26.26 -29.56 -15.47
C ASP J 149 -27.54 -28.73 -15.45
N GLN J 150 -27.78 -28.03 -14.33
CA GLN J 150 -28.95 -27.18 -14.21
C GLN J 150 -28.99 -26.06 -15.24
N LEU J 151 -27.86 -25.43 -15.51
CA LEU J 151 -27.83 -24.39 -16.54
C LEU J 151 -28.20 -24.98 -17.89
N ASN J 152 -27.71 -26.19 -18.19
CA ASN J 152 -28.09 -26.87 -19.43
C ASN J 152 -29.59 -27.20 -19.51
N GLN J 153 -30.17 -27.72 -18.42
CA GLN J 153 -31.58 -28.06 -18.45
C GLN J 153 -32.38 -26.80 -18.69
N ILE J 154 -32.12 -25.77 -17.88
CA ILE J 154 -32.84 -24.51 -18.04
C ILE J 154 -32.74 -23.96 -19.46
N LEU J 155 -31.55 -23.90 -20.03
CA LEU J 155 -31.44 -23.43 -21.41
C LEU J 155 -32.15 -24.36 -22.41
N ALA J 156 -32.08 -25.67 -22.17
CA ALA J 156 -32.77 -26.63 -23.03
C ALA J 156 -34.29 -26.39 -23.05
N LYS J 157 -34.87 -26.33 -21.85
CA LYS J 157 -36.29 -26.12 -21.68
C LYS J 157 -36.78 -24.85 -22.40
N HIS J 158 -36.05 -23.76 -22.28
CA HIS J 158 -36.51 -22.51 -22.87
C HIS J 158 -36.23 -22.36 -24.36
N THR J 159 -35.21 -23.07 -24.85
CA THR J 159 -34.80 -22.96 -26.25
C THR J 159 -35.41 -24.07 -27.11
N GLY J 160 -35.75 -25.20 -26.49
CA GLY J 160 -36.21 -26.35 -27.25
C GLY J 160 -35.07 -27.21 -27.79
N LYS J 161 -33.84 -26.84 -27.49
CA LYS J 161 -32.68 -27.64 -27.91
C LYS J 161 -32.50 -28.84 -26.99
N ASP J 162 -31.69 -29.82 -27.39
CA ASP J 162 -31.40 -30.96 -26.51
C ASP J 162 -30.36 -30.57 -25.49
N ILE J 163 -30.49 -31.10 -24.27
CA ILE J 163 -29.49 -30.87 -23.22
C ILE J 163 -28.05 -31.15 -23.67
N GLU J 164 -27.84 -32.26 -24.37
CA GLU J 164 -26.52 -32.59 -24.89
C GLU J 164 -26.06 -31.53 -25.87
N ARG J 165 -26.99 -31.01 -26.67
CA ARG J 165 -26.69 -29.98 -27.64
C ARG J 165 -26.32 -28.67 -26.93
N VAL J 166 -27.04 -28.29 -25.88
CA VAL J 166 -26.71 -27.08 -25.17
C VAL J 166 -25.36 -27.23 -24.48
N GLU J 167 -25.13 -28.42 -23.92
CA GLU J 167 -23.88 -28.71 -23.25
C GLU J 167 -22.67 -28.55 -24.17
N LYS J 168 -22.73 -29.17 -25.35
CA LYS J 168 -21.67 -29.02 -26.34
C LYS J 168 -21.45 -27.57 -26.77
N ASP J 169 -22.54 -26.83 -26.97
CA ASP J 169 -22.48 -25.44 -27.41
C ASP J 169 -21.92 -24.50 -26.35
N THR J 170 -22.11 -24.83 -25.08
CA THR J 170 -21.65 -23.95 -24.01
C THR J 170 -20.28 -24.33 -23.48
N ASN J 171 -19.63 -25.28 -24.14
CA ASN J 171 -18.31 -25.71 -23.69
C ASN J 171 -17.34 -24.54 -23.63
N ARG J 172 -17.36 -23.70 -24.66
CA ARG J 172 -16.59 -22.46 -24.66
C ARG J 172 -17.50 -21.26 -24.92
N ASP J 173 -16.97 -20.06 -24.72
CA ASP J 173 -17.77 -18.85 -24.95
C ASP J 173 -18.39 -18.96 -26.34
N TYR J 174 -19.71 -18.79 -26.40
CA TYR J 174 -20.46 -18.97 -27.64
C TYR J 174 -21.29 -17.71 -27.89
N PHE J 175 -20.86 -16.92 -28.89
CA PHE J 175 -21.51 -15.65 -29.23
C PHE J 175 -22.61 -15.85 -30.24
N LEU J 176 -23.73 -15.17 -30.04
CA LEU J 176 -24.86 -15.27 -30.95
C LEU J 176 -25.30 -13.90 -31.41
N THR J 177 -25.39 -13.71 -32.72
CA THR J 177 -26.01 -12.49 -33.24
C THR J 177 -27.49 -12.52 -32.82
N PRO J 178 -28.17 -11.37 -32.92
CA PRO J 178 -29.62 -11.43 -32.68
C PRO J 178 -30.34 -12.47 -33.56
N GLU J 179 -29.99 -12.56 -34.84
CA GLU J 179 -30.67 -13.49 -35.73
C GLU J 179 -30.40 -14.92 -35.29
N GLU J 180 -29.14 -15.21 -34.93
CA GLU J 180 -28.78 -16.52 -34.45
C GLU J 180 -29.50 -16.84 -33.13
N ALA J 181 -29.68 -15.82 -32.30
CA ALA J 181 -30.36 -15.98 -31.03
C ALA J 181 -31.84 -16.34 -31.21
N VAL J 182 -32.49 -15.70 -32.18
CA VAL J 182 -33.86 -16.07 -32.50
C VAL J 182 -33.87 -17.51 -32.98
N GLU J 183 -32.95 -17.82 -33.90
CA GLU J 183 -32.86 -19.17 -34.48
C GLU J 183 -32.53 -20.27 -33.44
N TYR J 184 -31.73 -19.92 -32.43
CA TYR J 184 -31.37 -20.85 -31.38
C TYR J 184 -32.52 -21.11 -30.39
N GLY J 185 -33.42 -20.15 -30.24
CA GLY J 185 -34.52 -20.28 -29.31
C GLY J 185 -34.35 -19.50 -28.01
N LEU J 186 -33.29 -18.71 -27.92
CA LEU J 186 -33.00 -17.91 -26.72
C LEU J 186 -33.91 -16.69 -26.64
N ILE J 187 -34.25 -16.12 -27.78
CA ILE J 187 -35.22 -15.03 -27.83
C ILE J 187 -36.28 -15.39 -28.87
N ASP J 188 -37.35 -14.61 -28.90
CA ASP J 188 -38.43 -14.85 -29.84
C ASP J 188 -38.39 -13.89 -31.03
N SER J 189 -37.90 -12.68 -30.79
CA SER J 189 -37.86 -11.70 -31.86
C SER J 189 -36.96 -10.51 -31.58
N ILE J 190 -36.60 -9.81 -32.65
CA ILE J 190 -35.75 -8.63 -32.57
C ILE J 190 -36.58 -7.38 -32.89
N PHE J 191 -36.37 -6.31 -32.15
CA PHE J 191 -37.05 -5.07 -32.44
C PHE J 191 -36.13 -4.10 -33.11
N LYS J 192 -36.43 -3.64 -34.30
CA LYS J 192 -35.67 -2.51 -34.80
C LYS J 192 -36.04 -1.25 -34.02
N GLU J 193 -37.34 -0.99 -33.94
CA GLU J 193 -37.89 0.12 -33.17
C GLU J 193 -39.05 -0.46 -32.44
N ARG J 194 -39.57 0.29 -31.48
CA ARG J 194 -40.58 -0.24 -30.59
C ARG J 194 -41.75 -0.75 -31.41
N PRO J 195 -42.19 -1.95 -31.07
CA PRO J 195 -43.31 -2.59 -31.78
C PRO J 195 -44.58 -1.77 -31.66
N VAL K 3 45.25 -17.47 3.67
CA VAL K 3 44.76 -16.14 3.97
C VAL K 3 43.75 -15.70 2.93
N LEU K 4 43.34 -16.65 2.09
CA LEU K 4 42.38 -16.35 1.04
C LEU K 4 41.09 -15.72 1.56
N VAL K 5 40.55 -16.21 2.67
CA VAL K 5 39.18 -15.86 3.10
C VAL K 5 39.01 -14.51 3.80
N PRO K 6 38.18 -13.62 3.22
CA PRO K 6 37.98 -12.25 3.69
C PRO K 6 37.31 -12.15 5.06
N VAL K 8 35.02 -10.11 7.86
CA VAL K 8 34.01 -9.08 8.13
C VAL K 8 33.43 -9.25 9.53
N VAL K 9 32.95 -8.17 10.11
CA VAL K 9 32.30 -8.28 11.39
C VAL K 9 30.89 -8.82 11.21
N GLU K 10 30.24 -8.35 10.15
CA GLU K 10 28.85 -8.73 9.91
C GLU K 10 28.61 -9.19 8.48
N GLN K 11 27.93 -10.32 8.36
CA GLN K 11 27.55 -10.84 7.06
C GLN K 11 26.45 -9.97 6.46
N THR K 12 26.49 -9.79 5.13
CA THR K 12 25.49 -9.00 4.44
C THR K 12 25.47 -7.57 4.97
N ARG K 17 30.23 -16.76 1.34
CA ARG K 17 30.35 -15.40 1.86
C ARG K 17 31.63 -15.27 2.70
N ALA K 18 31.71 -14.20 3.48
CA ALA K 18 32.89 -13.88 4.28
C ALA K 18 32.94 -14.62 5.61
N TYR K 19 34.09 -14.52 6.26
CA TYR K 19 34.33 -15.11 7.57
C TYR K 19 33.95 -14.07 8.60
N ASP K 20 32.82 -14.28 9.25
CA ASP K 20 32.25 -13.29 10.14
C ASP K 20 32.57 -13.60 11.57
N ILE K 21 32.31 -12.65 12.47
CA ILE K 21 32.70 -12.78 13.85
C ILE K 21 32.05 -13.99 14.51
N TYR K 22 30.77 -14.24 14.23
CA TYR K 22 30.12 -15.46 14.72
C TYR K 22 30.82 -16.74 14.29
N SER K 23 31.17 -16.82 13.02
CA SER K 23 31.91 -17.96 12.51
C SER K 23 33.26 -18.16 13.19
N ARG K 24 33.90 -17.07 13.57
CA ARG K 24 35.18 -17.15 14.25
C ARG K 24 35.04 -17.68 15.67
N LEU K 25 33.95 -17.33 16.33
CA LEU K 25 33.64 -17.89 17.64
C LEU K 25 33.26 -19.39 17.57
N LEU K 26 32.78 -19.82 16.41
CA LEU K 26 32.44 -21.23 16.22
C LEU K 26 33.70 -22.11 16.30
N LYS K 27 34.82 -21.56 15.82
CA LYS K 27 36.12 -22.19 15.96
C LYS K 27 36.45 -22.47 17.43
N ASP K 28 36.01 -21.61 18.35
CA ASP K 28 36.20 -21.86 19.79
C ASP K 28 35.03 -22.62 20.40
N ARG K 29 34.25 -23.29 19.55
CA ARG K 29 33.08 -24.05 19.99
C ARG K 29 32.04 -23.20 20.74
N VAL K 30 31.84 -21.98 20.25
CA VAL K 30 30.82 -21.09 20.79
C VAL K 30 29.70 -20.87 19.77
N ILE K 31 28.47 -21.15 20.20
CA ILE K 31 27.30 -20.90 19.37
C ILE K 31 26.45 -19.78 19.96
N PHE K 32 26.07 -18.81 19.13
CA PHE K 32 25.15 -17.78 19.58
C PHE K 32 23.70 -18.10 19.23
N LEU K 33 22.85 -18.08 20.23
CA LEU K 33 21.42 -18.25 20.03
C LEU K 33 20.73 -16.93 20.37
N VAL K 34 20.51 -16.10 19.36
CA VAL K 34 20.01 -14.74 19.60
C VAL K 34 18.80 -14.34 18.75
N GLY K 35 18.04 -13.38 19.25
CA GLY K 35 16.86 -12.93 18.53
C GLY K 35 15.69 -13.82 18.84
N GLN K 36 14.68 -13.81 17.97
CA GLN K 36 13.51 -14.66 18.17
C GLN K 36 13.89 -16.10 17.92
N VAL K 37 13.41 -16.99 18.78
CA VAL K 37 13.60 -18.39 18.50
C VAL K 37 12.54 -18.87 17.51
N GLU K 38 12.99 -19.18 16.30
CA GLU K 38 12.09 -19.66 15.25
C GLU K 38 12.84 -20.67 14.39
N ASP K 39 12.11 -21.35 13.50
CA ASP K 39 12.68 -22.49 12.76
C ASP K 39 14.01 -22.19 12.05
N HIS K 40 14.04 -21.13 11.27
CA HIS K 40 15.24 -20.85 10.49
C HIS K 40 16.49 -20.82 11.36
N ALA K 42 16.80 -21.88 14.36
CA ALA K 42 16.86 -23.11 15.14
C ALA K 42 17.65 -24.17 14.39
N ASN K 43 17.40 -24.27 13.08
CA ASN K 43 18.07 -25.28 12.27
C ASN K 43 19.53 -24.96 12.08
N LEU K 44 19.84 -23.66 12.00
CA LEU K 44 21.22 -23.19 11.96
C LEU K 44 21.94 -23.53 13.25
N ALA K 45 21.25 -23.38 14.37
CA ALA K 45 21.87 -23.67 15.64
C ALA K 45 22.10 -25.18 15.79
N ILE K 46 21.11 -25.97 15.38
CA ILE K 46 21.23 -27.44 15.38
C ILE K 46 22.37 -27.89 14.46
N ALA K 47 22.48 -27.26 13.30
CA ALA K 47 23.55 -27.55 12.36
C ALA K 47 24.91 -27.24 12.96
N GLN K 48 25.03 -26.14 13.69
CA GLN K 48 26.31 -25.83 14.31
C GLN K 48 26.67 -26.89 15.33
N LEU K 50 25.77 -30.16 15.35
CA LEU K 50 26.23 -31.34 14.62
C LEU K 50 27.67 -31.19 14.10
N PHE K 51 27.98 -30.03 13.53
CA PHE K 51 29.35 -29.73 13.11
C PHE K 51 30.36 -29.78 14.26
N LEU K 52 30.04 -29.14 15.38
CA LEU K 52 30.97 -29.16 16.52
C LEU K 52 31.20 -30.58 17.05
N GLU K 53 30.15 -31.39 17.04
CA GLU K 53 30.26 -32.77 17.47
C GLU K 53 31.12 -33.56 16.49
N SER K 54 30.94 -33.29 15.23
CA SER K 54 31.72 -33.90 14.20
C SER K 54 33.21 -33.55 14.38
N GLU K 55 33.51 -32.31 14.71
CA GLU K 55 34.88 -31.89 14.95
C GLU K 55 35.56 -32.50 16.16
N ASN K 56 34.85 -32.61 17.26
CA ASN K 56 35.35 -33.23 18.45
C ASN K 56 34.19 -33.70 19.28
N PRO K 57 33.96 -34.99 19.36
CA PRO K 57 32.84 -35.50 20.12
C PRO K 57 32.95 -35.30 21.59
N ASN K 58 34.15 -35.10 22.09
CA ASN K 58 34.30 -34.96 23.53
C ASN K 58 34.53 -33.58 24.16
N LYS K 59 34.79 -32.54 23.39
CA LYS K 59 34.91 -31.20 23.97
C LYS K 59 33.55 -30.53 24.12
N ASP K 60 33.37 -29.82 25.22
CA ASP K 60 32.14 -29.07 25.44
C ASP K 60 31.73 -28.19 24.26
N ILE K 61 30.43 -27.97 24.15
CA ILE K 61 29.86 -26.97 23.26
C ILE K 61 29.32 -25.85 24.15
N ASN K 62 29.67 -24.62 23.82
CA ASN K 62 29.16 -23.47 24.57
C ASN K 62 28.06 -22.74 23.83
N LEU K 63 26.92 -22.64 24.48
CA LEU K 63 25.76 -22.01 23.89
C LEU K 63 25.44 -20.71 24.63
N TYR K 64 25.75 -19.59 24.01
CA TYR K 64 25.41 -18.28 24.57
C TYR K 64 24.04 -17.81 24.08
N ILE K 65 23.17 -17.50 25.04
CA ILE K 65 21.76 -17.22 24.76
C ILE K 65 21.36 -15.77 25.08
N ASN K 66 20.77 -15.11 24.10
CA ASN K 66 20.21 -13.78 24.29
C ASN K 66 18.96 -13.63 23.43
N SER K 67 17.85 -14.14 23.95
CA SER K 67 16.62 -14.23 23.16
C SER K 67 15.43 -13.75 23.99
N PRO K 68 14.76 -12.70 23.50
CA PRO K 68 13.62 -12.07 24.17
C PRO K 68 12.33 -12.76 23.84
N GLY K 69 12.35 -13.73 22.96
CA GLY K 69 11.13 -14.48 22.71
C GLY K 69 11.24 -15.54 21.65
N GLY K 70 10.09 -16.09 21.26
CA GLY K 70 10.04 -17.09 20.22
C GLY K 70 9.19 -18.27 20.61
N ALA K 71 9.04 -19.21 19.70
CA ALA K 71 8.11 -20.32 19.89
C ALA K 71 8.80 -21.48 20.55
N VAL K 72 8.15 -22.03 21.56
CA VAL K 72 8.63 -23.24 22.24
C VAL K 72 8.80 -24.43 21.27
N THR K 73 7.87 -24.64 20.36
CA THR K 73 8.00 -25.75 19.40
C THR K 73 9.31 -25.71 18.62
N SER K 74 9.78 -24.51 18.27
CA SER K 74 11.05 -24.40 17.55
C SER K 74 12.21 -24.65 18.51
N ALA K 75 12.02 -24.30 19.78
CA ALA K 75 13.07 -24.52 20.75
C ALA K 75 13.19 -26.01 21.00
N ALA K 77 13.21 -28.53 19.08
CA ALA K 77 14.15 -29.18 18.19
C ALA K 77 15.59 -28.95 18.67
N ILE K 78 15.88 -27.72 19.07
CA ILE K 78 17.19 -27.37 19.55
C ILE K 78 17.50 -28.14 20.83
N TYR K 79 16.53 -28.16 21.74
CA TYR K 79 16.65 -28.93 22.97
C TYR K 79 16.96 -30.40 22.70
N ASP K 80 16.24 -31.03 21.78
CA ASP K 80 16.50 -32.44 21.49
C ASP K 80 17.89 -32.64 20.90
N THR K 81 18.29 -31.76 19.99
CA THR K 81 19.63 -31.77 19.44
C THR K 81 20.67 -31.73 20.55
N GLN K 83 20.52 -32.78 23.65
CA GLN K 83 20.65 -34.05 24.34
C GLN K 83 21.18 -35.13 23.41
N PHE K 84 21.02 -34.91 22.11
CA PHE K 84 21.36 -35.91 21.12
C PHE K 84 22.86 -35.91 20.89
N VAL K 85 23.48 -34.74 20.78
CA VAL K 85 24.91 -34.72 20.51
C VAL K 85 25.69 -35.15 21.74
N LYS K 86 26.87 -35.71 21.50
CA LYS K 86 27.68 -36.29 22.55
C LYS K 86 28.32 -35.27 23.48
N PRO K 87 28.81 -34.14 22.93
CA PRO K 87 29.43 -33.15 23.82
C PRO K 87 28.45 -32.58 24.84
N ASP K 88 28.93 -32.31 26.04
CA ASP K 88 28.19 -31.56 27.03
C ASP K 88 27.93 -30.18 26.46
N VAL K 89 26.69 -29.69 26.54
CA VAL K 89 26.38 -28.31 26.12
C VAL K 89 26.30 -27.38 27.34
N ARG K 90 27.29 -26.49 27.48
CA ARG K 90 27.24 -25.46 28.52
C ARG K 90 26.35 -24.31 28.06
N THR K 91 25.43 -23.87 28.90
CA THR K 91 24.60 -22.72 28.52
C THR K 91 24.90 -21.51 29.36
N LEU K 92 25.02 -20.37 28.70
CA LEU K 92 25.14 -19.11 29.38
C LEU K 92 24.17 -18.10 28.80
N CYS K 93 23.38 -17.48 29.68
CA CYS K 93 22.50 -16.42 29.26
C CYS K 93 23.20 -15.09 29.45
N ILE K 94 23.60 -14.50 28.33
CA ILE K 94 24.19 -13.17 28.33
C ILE K 94 23.23 -12.02 28.64
N GLY K 95 22.02 -12.06 28.13
CA GLY K 95 21.07 -11.00 28.42
C GLY K 95 19.66 -11.43 28.76
N GLN K 96 18.95 -11.92 27.76
CA GLN K 96 17.58 -12.30 27.91
C GLN K 96 17.39 -13.76 27.63
N ALA K 97 16.53 -14.39 28.40
CA ALA K 97 16.13 -15.75 28.16
C ALA K 97 14.63 -15.89 28.37
N ALA K 98 13.86 -15.58 27.35
CA ALA K 98 12.41 -15.61 27.39
C ALA K 98 12.10 -17.05 27.39
N SER K 99 10.85 -17.43 27.32
CA SER K 99 10.50 -18.82 27.51
C SER K 99 11.11 -19.85 26.60
N ALA K 100 11.17 -19.61 25.31
CA ALA K 100 11.82 -20.55 24.43
C ALA K 100 13.32 -20.61 24.74
N GLY K 101 13.92 -19.46 25.03
CA GLY K 101 15.31 -19.41 25.42
C GLY K 101 15.56 -20.11 26.74
N ALA K 102 14.67 -19.93 27.69
CA ALA K 102 14.86 -20.44 29.05
C ALA K 102 14.86 -21.97 29.06
N LEU K 103 14.03 -22.56 28.21
CA LEU K 103 14.00 -23.99 28.06
C LEU K 103 15.40 -24.50 27.68
N LEU K 104 16.04 -23.82 26.73
CA LEU K 104 17.38 -24.20 26.26
C LEU K 104 18.43 -23.95 27.34
N LEU K 105 18.37 -22.78 27.96
CA LEU K 105 19.22 -22.46 29.10
C LEU K 105 19.17 -23.54 30.21
N ALA K 106 17.97 -24.00 30.53
CA ALA K 106 17.77 -24.94 31.64
C ALA K 106 18.14 -26.35 31.23
N GLY K 107 18.17 -26.60 29.92
CA GLY K 107 18.42 -27.93 29.39
C GLY K 107 19.86 -28.20 29.04
N GLY K 108 20.73 -27.27 29.42
CA GLY K 108 22.16 -27.48 29.28
C GLY K 108 22.62 -28.57 30.23
N ALA K 109 23.87 -28.98 30.11
CA ALA K 109 24.40 -30.06 30.93
C ALA K 109 24.45 -29.70 32.43
N LYS K 110 24.16 -30.67 33.28
CA LYS K 110 24.23 -30.50 34.73
C LYS K 110 25.48 -29.77 35.22
N GLY K 111 25.27 -28.71 36.01
CA GLY K 111 26.37 -27.92 36.54
C GLY K 111 26.98 -26.92 35.58
N LYS K 112 26.47 -26.86 34.35
CA LYS K 112 27.07 -25.99 33.33
C LYS K 112 26.07 -25.02 32.70
N ARG K 113 25.21 -24.46 33.53
CA ARG K 113 24.19 -23.54 33.12
C ARG K 113 24.34 -22.29 33.96
N HIS K 114 24.44 -21.15 33.29
CA HIS K 114 24.77 -19.91 34.00
C HIS K 114 24.07 -18.68 33.41
N CYS K 115 24.12 -17.58 34.16
CA CYS K 115 23.77 -16.28 33.61
C CYS K 115 24.64 -15.20 34.22
N LEU K 116 24.54 -14.00 33.66
CA LEU K 116 25.25 -12.82 34.12
C LEU K 116 24.33 -12.07 35.09
N PRO K 117 24.89 -11.14 35.88
CA PRO K 117 24.12 -10.55 36.99
C PRO K 117 22.87 -9.73 36.61
N HIS K 118 22.80 -9.19 35.40
CA HIS K 118 21.60 -8.44 35.00
C HIS K 118 20.78 -9.18 33.95
N SER K 119 21.06 -10.46 33.78
CA SER K 119 20.26 -11.30 32.92
C SER K 119 18.82 -11.27 33.37
N SER K 120 17.94 -11.45 32.41
CA SER K 120 16.53 -11.55 32.71
C SER K 120 16.08 -12.91 32.20
N VAL K 121 15.62 -13.76 33.11
CA VAL K 121 15.05 -15.04 32.72
C VAL K 121 13.53 -15.03 32.90
N ILE K 123 9.86 -17.49 32.11
CA ILE K 123 9.22 -18.69 31.59
C ILE K 123 7.70 -18.52 31.52
N HIS K 124 7.06 -19.22 30.58
CA HIS K 124 5.61 -19.17 30.46
C HIS K 124 5.08 -20.35 29.64
N GLN K 125 3.78 -20.64 29.74
CA GLN K 125 3.20 -21.79 29.03
C GLN K 125 3.26 -21.62 27.51
N VAL K 126 3.13 -22.70 26.75
CA VAL K 126 3.15 -22.57 25.29
C VAL K 126 2.02 -21.68 24.77
N LEU K 127 2.24 -21.14 23.56
CA LEU K 127 1.25 -20.37 22.86
C LEU K 127 1.00 -21.10 21.57
N GLY K 128 -0.18 -20.89 21.00
CA GLY K 128 -0.51 -21.52 19.73
C GLY K 128 -1.81 -20.96 19.18
N GLY K 129 -2.37 -21.66 18.20
CA GLY K 129 -3.61 -21.19 17.62
C GLY K 129 -3.95 -21.99 16.39
N TYR K 130 -5.25 -22.15 16.15
CA TYR K 130 -5.73 -22.78 14.95
C TYR K 130 -7.06 -22.16 14.49
N GLN K 131 -7.38 -22.37 13.21
CA GLN K 131 -8.61 -21.85 12.65
C GLN K 131 -9.19 -22.84 11.64
N GLY K 132 -10.45 -23.19 11.80
CA GLY K 132 -11.10 -24.11 10.88
C GLY K 132 -12.28 -24.80 11.50
N GLN K 133 -12.61 -25.96 10.97
CA GLN K 133 -13.73 -26.74 11.48
C GLN K 133 -13.54 -27.18 12.93
N GLY K 134 -14.64 -27.30 13.66
CA GLY K 134 -14.62 -27.77 15.03
C GLY K 134 -13.82 -29.03 15.29
N THR K 135 -14.05 -30.06 14.48
CA THR K 135 -13.29 -31.29 14.58
C THR K 135 -11.78 -31.05 14.60
N ASP K 136 -11.32 -30.19 13.70
CA ASP K 136 -9.89 -29.88 13.55
C ASP K 136 -9.38 -29.03 14.71
N ILE K 137 -10.23 -28.13 15.19
CA ILE K 137 -9.90 -27.32 16.35
C ILE K 137 -9.65 -28.23 17.54
N GLN K 138 -10.45 -29.27 17.69
CA GLN K 138 -10.24 -30.21 18.79
C GLN K 138 -8.94 -30.98 18.60
N ILE K 139 -8.58 -31.27 17.35
CA ILE K 139 -7.39 -32.06 17.10
C ILE K 139 -6.16 -31.24 17.46
N HIS K 140 -6.16 -29.98 17.04
CA HIS K 140 -5.02 -29.12 17.31
C HIS K 140 -4.92 -28.68 18.77
N ALA K 141 -6.06 -28.57 19.44
CA ALA K 141 -6.11 -28.22 20.86
C ALA K 141 -5.51 -29.33 21.70
N LYS K 142 -5.72 -30.58 21.29
CA LYS K 142 -5.15 -31.72 21.99
C LYS K 142 -3.65 -31.77 21.80
N GLN K 143 -3.20 -31.38 20.61
CA GLN K 143 -1.78 -31.36 20.31
C GLN K 143 -1.09 -30.22 21.06
N THR K 144 -1.78 -29.10 21.23
CA THR K 144 -1.24 -28.02 22.05
C THR K 144 -1.12 -28.45 23.51
N GLN K 145 -2.12 -29.17 24.01
CA GLN K 145 -2.06 -29.65 25.39
C GLN K 145 -0.84 -30.56 25.56
N ARG K 146 -0.60 -31.41 24.58
CA ARG K 146 0.57 -32.29 24.64
C ARG K 146 1.88 -31.50 24.66
N VAL K 147 2.04 -30.57 23.72
CA VAL K 147 3.23 -29.72 23.74
C VAL K 147 3.38 -29.00 25.07
N SER K 148 2.28 -28.45 25.58
CA SER K 148 2.27 -27.81 26.89
C SER K 148 2.77 -28.75 27.99
N ASP K 149 2.31 -30.00 27.97
CA ASP K 149 2.79 -30.98 28.95
C ASP K 149 4.29 -31.26 28.79
N GLN K 150 4.74 -31.46 27.56
CA GLN K 150 6.15 -31.68 27.27
C GLN K 150 7.04 -30.60 27.84
N LEU K 151 6.59 -29.34 27.76
CA LEU K 151 7.35 -28.22 28.30
C LEU K 151 7.42 -28.26 29.82
N ASN K 152 6.31 -28.55 30.47
CA ASN K 152 6.31 -28.68 31.92
C ASN K 152 7.24 -29.84 32.36
N GLN K 153 7.20 -30.93 31.60
CA GLN K 153 8.02 -32.11 31.90
C GLN K 153 9.51 -31.82 31.80
N ILE K 154 9.90 -31.12 30.75
CA ILE K 154 11.28 -30.76 30.52
C ILE K 154 11.81 -29.83 31.61
N LEU K 155 11.05 -28.80 31.94
CA LEU K 155 11.49 -27.89 32.99
C LEU K 155 11.55 -28.62 34.34
N ALA K 156 10.58 -29.47 34.62
CA ALA K 156 10.59 -30.27 35.86
C ALA K 156 11.87 -31.09 35.96
N LYS K 157 12.14 -31.86 34.91
CA LYS K 157 13.32 -32.69 34.83
C LYS K 157 14.60 -31.94 35.18
N HIS K 158 14.79 -30.76 34.58
CA HIS K 158 16.05 -30.05 34.69
C HIS K 158 16.17 -29.17 35.92
N THR K 159 15.06 -28.83 36.53
CA THR K 159 15.12 -27.93 37.68
C THR K 159 14.99 -28.70 38.99
N GLY K 160 14.38 -29.88 38.92
CA GLY K 160 14.05 -30.63 40.12
C GLY K 160 12.69 -30.31 40.72
N LYS K 161 11.95 -29.38 40.10
CA LYS K 161 10.61 -29.03 40.56
C LYS K 161 9.58 -30.07 40.13
N ASP K 162 8.43 -30.10 40.80
CA ASP K 162 7.30 -30.96 40.38
C ASP K 162 6.68 -30.42 39.09
N ILE K 163 6.11 -31.31 38.28
CA ILE K 163 5.40 -30.89 37.07
C ILE K 163 4.23 -29.96 37.39
N GLU K 164 3.51 -30.26 38.48
CA GLU K 164 2.37 -29.44 38.88
C GLU K 164 2.81 -28.04 39.34
N ARG K 165 4.06 -27.93 39.79
CA ARG K 165 4.58 -26.66 40.29
C ARG K 165 5.04 -25.83 39.12
N VAL K 166 5.66 -26.49 38.15
CA VAL K 166 6.09 -25.83 36.94
C VAL K 166 4.85 -25.36 36.18
N GLU K 167 3.81 -26.19 36.14
CA GLU K 167 2.58 -25.83 35.43
C GLU K 167 1.95 -24.55 35.97
N LYS K 168 1.86 -24.50 37.30
CA LYS K 168 1.30 -23.33 37.98
C LYS K 168 2.17 -22.08 37.74
N ASP K 169 3.49 -22.23 37.84
CA ASP K 169 4.39 -21.10 37.72
C ASP K 169 4.38 -20.51 36.31
N THR K 170 4.22 -21.35 35.29
CA THR K 170 4.23 -20.86 33.92
C THR K 170 2.86 -20.47 33.40
N ASN K 171 1.84 -20.51 34.25
CA ASN K 171 0.51 -20.11 33.82
C ASN K 171 0.51 -18.71 33.18
N ARG K 172 1.27 -17.80 33.79
CA ARG K 172 1.46 -16.47 33.24
C ARG K 172 2.95 -16.18 33.20
N ASP K 173 3.33 -15.09 32.54
CA ASP K 173 4.73 -14.68 32.47
C ASP K 173 5.33 -14.62 33.85
N TYR K 174 6.45 -15.29 34.03
CA TYR K 174 7.04 -15.45 35.34
C TYR K 174 8.52 -15.08 35.25
N PHE K 175 8.86 -13.91 35.76
CA PHE K 175 10.22 -13.43 35.69
C PHE K 175 11.02 -13.90 36.87
N LEU K 176 12.27 -14.26 36.64
CA LEU K 176 13.16 -14.65 37.71
C LEU K 176 14.40 -13.80 37.64
N THR K 177 14.82 -13.31 38.78
CA THR K 177 16.17 -12.74 38.88
C THR K 177 17.20 -13.87 38.78
N PRO K 178 18.44 -13.55 38.39
CA PRO K 178 19.47 -14.59 38.40
C PRO K 178 19.50 -15.37 39.70
N GLU K 179 19.28 -14.72 40.85
CA GLU K 179 19.32 -15.41 42.12
C GLU K 179 18.13 -16.35 42.28
N GLU K 180 16.98 -15.92 41.77
CA GLU K 180 15.76 -16.71 41.88
C GLU K 180 15.87 -17.88 40.92
N ALA K 181 16.60 -17.66 39.84
CA ALA K 181 16.74 -18.68 38.81
C ALA K 181 17.65 -19.81 39.30
N VAL K 182 18.74 -19.46 39.98
CA VAL K 182 19.55 -20.46 40.65
C VAL K 182 18.71 -21.23 41.69
N GLU K 183 17.96 -20.49 42.48
CA GLU K 183 17.11 -21.08 43.49
C GLU K 183 16.04 -22.00 42.89
N TYR K 184 15.57 -21.64 41.70
CA TYR K 184 14.52 -22.40 41.03
C TYR K 184 15.10 -23.65 40.41
N GLY K 185 16.37 -23.60 40.05
CA GLY K 185 17.04 -24.73 39.45
C GLY K 185 17.14 -24.61 37.94
N LEU K 186 16.80 -23.45 37.38
CA LEU K 186 16.97 -23.21 35.94
C LEU K 186 18.42 -23.08 35.57
N ILE K 187 19.22 -22.53 36.49
CA ILE K 187 20.64 -22.42 36.26
C ILE K 187 21.42 -22.88 37.48
N ASP K 188 22.70 -23.13 37.29
CA ASP K 188 23.53 -23.61 38.39
C ASP K 188 24.26 -22.48 39.10
N SER K 189 24.62 -21.43 38.36
CA SER K 189 25.32 -20.30 38.99
C SER K 189 25.30 -19.03 38.18
N ILE K 190 25.71 -17.95 38.84
CA ILE K 190 25.86 -16.64 38.23
C ILE K 190 27.33 -16.25 38.20
N PHE K 191 27.80 -15.68 37.09
CA PHE K 191 29.13 -15.10 37.07
C PHE K 191 29.07 -13.58 37.06
N LYS K 192 29.67 -12.95 38.05
CA LYS K 192 29.91 -11.52 37.98
C LYS K 192 30.98 -11.24 36.91
N GLU K 193 32.04 -12.03 36.93
CA GLU K 193 33.17 -11.92 35.99
C GLU K 193 33.62 -13.33 35.64
N ARG K 194 34.35 -13.48 34.54
CA ARG K 194 34.70 -14.82 34.11
C ARG K 194 35.53 -15.55 35.14
N PRO K 195 35.13 -16.79 35.40
CA PRO K 195 35.85 -17.69 36.30
C PRO K 195 37.08 -18.27 35.63
N LEU L 4 -28.21 2.80 -4.87
CA LEU L 4 -28.51 1.73 -5.81
C LEU L 4 -29.77 0.97 -5.39
N VAL L 5 -30.27 1.28 -4.20
CA VAL L 5 -31.53 0.70 -3.75
C VAL L 5 -32.69 1.58 -4.17
N PRO L 6 -33.67 1.00 -4.88
CA PRO L 6 -34.82 1.71 -5.48
C PRO L 6 -35.86 2.13 -4.44
N VAL L 8 -39.96 3.62 -3.55
CA VAL L 8 -41.34 3.52 -3.94
C VAL L 8 -42.13 4.58 -3.18
N VAL L 9 -43.02 5.29 -3.88
CA VAL L 9 -43.86 6.29 -3.25
C VAL L 9 -45.29 5.79 -3.18
N GLU L 10 -45.82 5.71 -1.96
CA GLU L 10 -47.15 5.17 -1.73
C GLU L 10 -48.12 6.26 -1.26
N GLN L 11 -49.40 6.09 -1.54
CA GLN L 11 -50.42 7.00 -1.01
C GLN L 11 -50.97 6.54 0.33
N THR L 12 -50.39 7.07 1.40
CA THR L 12 -50.81 6.81 2.78
C THR L 12 -52.13 7.53 3.02
N SER L 13 -52.85 7.19 4.07
CA SER L 13 -54.06 7.93 4.38
C SER L 13 -53.65 9.34 4.87
N ARG L 14 -52.39 9.46 5.25
CA ARG L 14 -51.78 10.75 5.66
C ARG L 14 -50.93 11.42 4.57
N GLY L 15 -51.06 10.98 3.32
CA GLY L 15 -50.28 11.55 2.23
C GLY L 15 -49.19 10.63 1.68
N GLU L 16 -48.40 11.13 0.75
CA GLU L 16 -47.43 10.29 0.06
C GLU L 16 -46.15 10.03 0.88
N ARG L 17 -45.72 8.78 0.91
CA ARG L 17 -44.53 8.39 1.66
C ARG L 17 -43.60 7.60 0.76
N ALA L 18 -42.31 7.84 0.93
CA ALA L 18 -41.29 7.12 0.18
C ALA L 18 -40.76 5.92 0.98
N TYR L 19 -40.58 4.79 0.31
CA TYR L 19 -40.05 3.60 0.96
C TYR L 19 -38.88 3.09 0.13
N ASP L 20 -37.83 2.60 0.80
CA ASP L 20 -36.87 1.80 0.05
C ASP L 20 -37.61 0.49 -0.30
N ILE L 21 -37.15 -0.20 -1.33
CA ILE L 21 -37.86 -1.37 -1.78
C ILE L 21 -38.10 -2.36 -0.62
N TYR L 22 -37.10 -2.52 0.25
CA TYR L 22 -37.21 -3.43 1.38
C TYR L 22 -38.24 -3.01 2.44
N SER L 23 -38.32 -1.71 2.75
CA SER L 23 -39.35 -1.20 3.67
C SER L 23 -40.74 -1.37 3.10
N ARG L 24 -40.89 -1.19 1.80
CA ARG L 24 -42.15 -1.46 1.13
C ARG L 24 -42.54 -2.94 1.29
N LEU L 25 -41.60 -3.84 1.07
CA LEU L 25 -41.89 -5.26 1.25
C LEU L 25 -42.13 -5.60 2.72
N LEU L 26 -41.52 -4.83 3.60
CA LEU L 26 -41.78 -4.94 5.03
C LEU L 26 -43.27 -4.74 5.34
N LYS L 27 -43.92 -3.90 4.55
CA LYS L 27 -45.35 -3.63 4.70
C LYS L 27 -46.17 -4.89 4.43
N ASP L 28 -45.58 -5.84 3.72
CA ASP L 28 -46.24 -7.12 3.44
C ASP L 28 -45.67 -8.23 4.31
N ARG L 29 -44.95 -7.84 5.35
CA ARG L 29 -44.35 -8.78 6.29
C ARG L 29 -43.32 -9.69 5.62
N VAL L 30 -42.56 -9.11 4.70
CA VAL L 30 -41.47 -9.86 4.08
C VAL L 30 -40.13 -9.28 4.51
N ILE L 31 -39.27 -10.16 5.03
CA ILE L 31 -37.90 -9.77 5.39
C ILE L 31 -36.90 -10.49 4.49
N PHE L 32 -35.90 -9.77 4.00
CA PHE L 32 -34.85 -10.43 3.19
C PHE L 32 -33.66 -10.76 4.07
N LEU L 33 -33.22 -12.02 4.03
CA LEU L 33 -31.94 -12.40 4.65
C LEU L 33 -30.98 -12.81 3.54
N VAL L 34 -30.03 -11.94 3.21
CA VAL L 34 -29.16 -12.18 2.05
C VAL L 34 -27.69 -11.80 2.25
N GLY L 35 -26.82 -12.36 1.42
CA GLY L 35 -25.39 -12.14 1.54
C GLY L 35 -24.81 -12.99 2.66
N GLN L 36 -23.56 -12.73 3.02
CA GLN L 36 -22.98 -13.38 4.19
C GLN L 36 -23.77 -13.07 5.45
N VAL L 37 -24.03 -14.09 6.24
CA VAL L 37 -24.59 -13.88 7.57
C VAL L 37 -23.47 -13.39 8.45
N GLU L 38 -23.64 -12.21 9.00
CA GLU L 38 -22.71 -11.68 9.98
C GLU L 38 -23.49 -10.72 10.86
N ASP L 39 -22.87 -10.22 11.93
CA ASP L 39 -23.62 -9.53 12.97
C ASP L 39 -24.45 -8.37 12.44
N HIS L 40 -23.83 -7.52 11.63
CA HIS L 40 -24.52 -6.34 11.14
C HIS L 40 -25.85 -6.66 10.46
N ALA L 42 -27.40 -9.53 10.62
CA ALA L 42 -28.19 -10.36 11.52
C ALA L 42 -29.04 -9.48 12.43
N ASN L 43 -28.41 -8.47 13.01
CA ASN L 43 -29.13 -7.52 13.85
C ASN L 43 -30.21 -6.72 13.13
N LEU L 44 -29.95 -6.41 11.87
CA LEU L 44 -30.94 -5.72 11.04
C LEU L 44 -32.17 -6.60 10.81
N ALA L 45 -31.95 -7.90 10.64
CA ALA L 45 -33.07 -8.82 10.41
C ALA L 45 -33.84 -9.06 11.71
N ILE L 46 -33.12 -9.12 12.82
CA ILE L 46 -33.77 -9.31 14.11
C ILE L 46 -34.65 -8.09 14.44
N ALA L 47 -34.13 -6.89 14.20
CA ALA L 47 -34.92 -5.68 14.39
C ALA L 47 -36.21 -5.71 13.56
N GLN L 48 -36.10 -6.20 12.33
CA GLN L 48 -37.25 -6.29 11.44
C GLN L 48 -38.28 -7.25 11.96
N LEU L 50 -38.65 -8.02 15.25
CA LEU L 50 -39.20 -7.32 16.41
C LEU L 50 -40.22 -6.28 15.98
N PHE L 51 -39.92 -5.53 14.92
CA PHE L 51 -40.85 -4.53 14.42
C PHE L 51 -42.16 -5.13 13.86
N LEU L 52 -42.07 -6.22 13.11
CA LEU L 52 -43.27 -6.88 12.60
C LEU L 52 -44.13 -7.44 13.72
N GLU L 53 -43.50 -8.01 14.74
CA GLU L 53 -44.25 -8.49 15.91
C GLU L 53 -45.00 -7.34 16.54
N SER L 54 -44.33 -6.21 16.68
CA SER L 54 -44.92 -5.02 17.25
C SER L 54 -46.15 -4.52 16.46
N GLU L 55 -46.06 -4.60 15.13
CA GLU L 55 -47.15 -4.19 14.26
C GLU L 55 -48.32 -5.14 14.39
N ASN L 56 -48.03 -6.43 14.37
CA ASN L 56 -49.06 -7.45 14.44
C ASN L 56 -48.46 -8.75 14.91
N PRO L 57 -48.71 -9.14 16.16
CA PRO L 57 -48.09 -10.33 16.72
C PRO L 57 -48.69 -11.66 16.24
N ASN L 58 -49.72 -11.65 15.41
CA ASN L 58 -50.34 -12.92 15.04
C ASN L 58 -50.16 -13.30 13.59
N LYS L 59 -50.02 -12.30 12.73
CA LYS L 59 -49.74 -12.56 11.34
C LYS L 59 -48.34 -13.18 11.12
N ASP L 60 -48.22 -14.05 10.13
CA ASP L 60 -46.95 -14.66 9.79
C ASP L 60 -45.93 -13.63 9.33
N ILE L 61 -44.68 -13.93 9.61
CA ILE L 61 -43.57 -13.15 9.12
C ILE L 61 -42.99 -14.00 7.98
N ASN L 62 -42.67 -13.37 6.85
CA ASN L 62 -42.08 -14.12 5.75
C ASN L 62 -40.61 -13.80 5.59
N LEU L 63 -39.78 -14.81 5.84
CA LEU L 63 -38.32 -14.68 5.78
C LEU L 63 -37.77 -15.29 4.49
N TYR L 64 -37.32 -14.44 3.57
CA TYR L 64 -36.80 -14.90 2.27
C TYR L 64 -35.27 -14.96 2.32
N ILE L 65 -34.74 -16.17 2.14
CA ILE L 65 -33.33 -16.44 2.38
C ILE L 65 -32.54 -16.65 1.11
N ASN L 66 -31.43 -15.93 0.98
CA ASN L 66 -30.45 -16.16 -0.11
C ASN L 66 -29.04 -15.87 0.40
N SER L 67 -28.47 -16.81 1.14
CA SER L 67 -27.16 -16.59 1.76
C SER L 67 -26.20 -17.72 1.45
N PRO L 68 -25.07 -17.39 0.80
CA PRO L 68 -24.06 -18.36 0.34
C PRO L 68 -23.05 -18.70 1.42
N GLY L 69 -23.12 -18.07 2.58
CA GLY L 69 -22.16 -18.31 3.65
C GLY L 69 -22.28 -17.41 4.85
N GLY L 70 -21.38 -17.60 5.81
CA GLY L 70 -21.39 -16.85 7.04
C GLY L 70 -21.33 -17.69 8.31
N ALA L 71 -21.11 -17.03 9.42
CA ALA L 71 -20.86 -17.70 10.69
C ALA L 71 -22.12 -18.16 11.38
N VAL L 72 -22.09 -19.40 11.86
CA VAL L 72 -23.22 -19.97 12.58
C VAL L 72 -23.55 -19.22 13.87
N THR L 73 -22.52 -18.78 14.60
CA THR L 73 -22.73 -17.93 15.77
C THR L 73 -23.57 -16.68 15.51
N SER L 74 -23.39 -16.05 14.34
CA SER L 74 -24.22 -14.91 13.93
C SER L 74 -25.66 -15.32 13.69
N ALA L 75 -25.85 -16.43 12.99
CA ALA L 75 -27.16 -16.94 12.68
C ALA L 75 -27.95 -17.27 13.96
N ALA L 77 -28.31 -15.77 16.79
CA ALA L 77 -29.12 -14.69 17.31
C ALA L 77 -30.42 -14.60 16.51
N ILE L 78 -30.35 -14.78 15.20
CA ILE L 78 -31.53 -14.70 14.36
C ILE L 78 -32.51 -15.85 14.66
N TYR L 79 -31.95 -17.05 14.79
CA TYR L 79 -32.73 -18.25 15.07
C TYR L 79 -33.49 -18.10 16.39
N ASP L 80 -32.82 -17.62 17.44
CA ASP L 80 -33.50 -17.40 18.71
C ASP L 80 -34.59 -16.33 18.58
N THR L 81 -34.29 -15.28 17.83
CA THR L 81 -35.27 -14.22 17.60
C THR L 81 -36.53 -14.81 16.97
N GLN L 83 -37.68 -17.85 17.26
CA GLN L 83 -38.48 -18.64 18.20
C GLN L 83 -39.13 -17.72 19.23
N PHE L 84 -38.46 -16.62 19.52
CA PHE L 84 -38.93 -15.65 20.52
C PHE L 84 -40.18 -14.85 20.09
N VAL L 85 -40.17 -14.28 18.88
CA VAL L 85 -41.29 -13.46 18.47
C VAL L 85 -42.50 -14.34 18.31
N LYS L 86 -43.69 -13.78 18.53
CA LYS L 86 -44.92 -14.54 18.58
C LYS L 86 -45.39 -15.07 17.22
N PRO L 87 -45.24 -14.27 16.14
CA PRO L 87 -45.68 -14.76 14.82
C PRO L 87 -44.92 -15.99 14.33
N ASP L 88 -45.61 -16.88 13.64
CA ASP L 88 -44.97 -17.93 12.88
C ASP L 88 -44.07 -17.29 11.84
N VAL L 89 -42.85 -17.77 11.72
CA VAL L 89 -41.98 -17.31 10.66
C VAL L 89 -41.93 -18.33 9.53
N ARG L 90 -42.56 -18.03 8.40
CA ARG L 90 -42.40 -18.84 7.20
C ARG L 90 -41.06 -18.56 6.50
N THR L 91 -40.34 -19.62 6.16
CA THR L 91 -39.06 -19.46 5.48
C THR L 91 -39.07 -19.97 4.07
N LEU L 92 -38.55 -19.17 3.16
CA LEU L 92 -38.38 -19.58 1.78
C LEU L 92 -36.95 -19.33 1.35
N CYS L 93 -36.32 -20.35 0.78
CA CYS L 93 -35.01 -20.17 0.21
C CYS L 93 -35.20 -19.83 -1.26
N ILE L 94 -34.93 -18.60 -1.61
CA ILE L 94 -34.93 -18.18 -3.01
C ILE L 94 -33.79 -18.71 -3.87
N GLY L 95 -32.59 -18.77 -3.31
CA GLY L 95 -31.46 -19.29 -4.06
C GLY L 95 -30.51 -20.22 -3.34
N GLN L 96 -29.74 -19.66 -2.42
CA GLN L 96 -28.74 -20.40 -1.68
C GLN L 96 -29.05 -20.33 -0.21
N ALA L 97 -28.90 -21.43 0.49
CA ALA L 97 -28.77 -21.40 1.93
C ALA L 97 -27.59 -22.26 2.35
N ALA L 98 -26.49 -21.62 2.73
CA ALA L 98 -25.31 -22.29 3.22
C ALA L 98 -25.55 -22.51 4.69
N SER L 99 -24.55 -22.95 5.42
CA SER L 99 -24.83 -23.53 6.70
C SER L 99 -25.57 -22.60 7.64
N ALA L 100 -25.15 -21.36 7.73
CA ALA L 100 -25.85 -20.42 8.59
C ALA L 100 -27.26 -20.13 8.09
N GLY L 101 -27.39 -19.95 6.80
CA GLY L 101 -28.67 -19.74 6.16
C GLY L 101 -29.58 -20.94 6.29
N ALA L 102 -28.99 -22.12 6.19
CA ALA L 102 -29.69 -23.39 6.33
C ALA L 102 -30.30 -23.54 7.71
N LEU L 103 -29.58 -23.07 8.72
CA LEU L 103 -30.06 -23.14 10.09
C LEU L 103 -31.34 -22.35 10.24
N LEU L 104 -31.41 -21.18 9.63
CA LEU L 104 -32.62 -20.36 9.69
C LEU L 104 -33.74 -20.91 8.83
N LEU L 105 -33.40 -21.39 7.64
CA LEU L 105 -34.37 -22.08 6.81
C LEU L 105 -35.06 -23.21 7.57
N ALA L 106 -34.26 -24.07 8.20
CA ALA L 106 -34.81 -25.27 8.86
C ALA L 106 -35.54 -24.87 10.13
N GLY L 107 -35.17 -23.72 10.67
CA GLY L 107 -35.78 -23.24 11.91
C GLY L 107 -37.07 -22.44 11.73
N GLY L 108 -37.60 -22.41 10.51
CA GLY L 108 -38.89 -21.79 10.31
C GLY L 108 -40.02 -22.59 10.96
N ALA L 109 -41.21 -22.01 10.99
CA ALA L 109 -42.36 -22.69 11.59
C ALA L 109 -42.71 -24.00 10.90
N LYS L 110 -43.17 -24.97 11.68
CA LYS L 110 -43.57 -26.27 11.15
C LYS L 110 -44.51 -26.19 9.95
N GLY L 111 -44.12 -26.81 8.85
CA GLY L 111 -44.96 -26.83 7.67
C GLY L 111 -44.79 -25.59 6.81
N LYS L 112 -44.00 -24.64 7.28
CA LYS L 112 -43.88 -23.37 6.57
C LYS L 112 -42.46 -23.08 6.09
N ARG L 113 -41.71 -24.13 5.81
CA ARG L 113 -40.35 -23.98 5.32
C ARG L 113 -40.30 -24.49 3.89
N HIS L 114 -39.76 -23.70 2.97
CA HIS L 114 -39.81 -24.03 1.56
C HIS L 114 -38.57 -23.61 0.79
N CYS L 115 -38.43 -24.10 -0.42
CA CYS L 115 -37.45 -23.52 -1.34
C CYS L 115 -37.97 -23.57 -2.75
N LEU L 116 -37.21 -22.98 -3.67
CA LEU L 116 -37.56 -22.96 -5.08
C LEU L 116 -36.79 -24.08 -5.81
N PRO L 117 -37.12 -24.36 -7.08
CA PRO L 117 -36.64 -25.59 -7.71
C PRO L 117 -35.12 -25.68 -7.94
N HIS L 118 -34.43 -24.55 -8.09
CA HIS L 118 -32.98 -24.56 -8.32
C HIS L 118 -32.19 -24.01 -7.14
N SER L 119 -32.84 -23.98 -5.98
CA SER L 119 -32.19 -23.62 -4.73
C SER L 119 -31.06 -24.60 -4.35
N SER L 120 -30.08 -24.11 -3.62
CA SER L 120 -29.02 -24.95 -3.13
C SER L 120 -29.00 -24.84 -1.61
N VAL L 121 -29.22 -25.96 -0.93
CA VAL L 121 -29.08 -26.03 0.51
C VAL L 121 -27.82 -26.81 0.91
N ILE L 123 -25.40 -27.84 4.53
CA ILE L 123 -25.11 -27.74 5.96
C ILE L 123 -23.67 -28.19 6.26
N HIS L 124 -23.11 -27.70 7.37
CA HIS L 124 -21.80 -28.12 7.82
C HIS L 124 -21.54 -27.71 9.26
N GLN L 125 -20.62 -28.39 9.93
CA GLN L 125 -20.30 -28.10 11.32
C GLN L 125 -19.72 -26.69 11.50
N VAL L 126 -19.77 -26.17 12.71
CA VAL L 126 -19.29 -24.82 12.94
C VAL L 126 -17.79 -24.71 12.67
N LEU L 127 -17.39 -23.53 12.22
CA LEU L 127 -15.99 -23.20 12.10
C LEU L 127 -15.67 -22.22 13.20
N GLY L 128 -14.42 -22.18 13.62
CA GLY L 128 -14.00 -21.16 14.56
C GLY L 128 -12.50 -21.02 14.57
N GLY L 129 -11.98 -20.60 15.70
CA GLY L 129 -10.54 -20.42 15.81
C GLY L 129 -10.17 -19.47 16.91
N TYR L 130 -8.95 -19.65 17.42
CA TYR L 130 -8.46 -18.81 18.48
C TYR L 130 -6.95 -18.78 18.46
N GLN L 131 -6.37 -17.70 18.95
CA GLN L 131 -4.92 -17.59 19.05
C GLN L 131 -4.55 -17.08 20.43
N GLY L 132 -3.62 -17.75 21.11
CA GLY L 132 -3.19 -17.33 22.43
C GLY L 132 -2.50 -18.36 23.30
N GLN L 133 -2.57 -18.20 24.61
CA GLN L 133 -2.01 -19.18 25.53
C GLN L 133 -2.76 -20.51 25.47
N GLY L 134 -2.07 -21.60 25.81
CA GLY L 134 -2.66 -22.92 25.83
C GLY L 134 -3.92 -23.02 26.68
N THR L 135 -3.87 -22.52 27.89
CA THR L 135 -5.04 -22.49 28.76
C THR L 135 -6.24 -21.83 28.04
N ASP L 136 -5.98 -20.71 27.39
CA ASP L 136 -7.05 -19.99 26.69
C ASP L 136 -7.54 -20.75 25.46
N ILE L 137 -6.63 -21.48 24.81
CA ILE L 137 -6.97 -22.31 23.68
C ILE L 137 -7.97 -23.40 24.10
N GLN L 138 -7.71 -24.03 25.25
CA GLN L 138 -8.61 -25.07 25.77
C GLN L 138 -9.97 -24.47 26.08
N ILE L 139 -9.98 -23.28 26.69
CA ILE L 139 -11.22 -22.59 27.01
C ILE L 139 -12.11 -22.34 25.76
N HIS L 140 -11.52 -21.76 24.72
CA HIS L 140 -12.26 -21.49 23.48
C HIS L 140 -12.62 -22.75 22.70
N ALA L 141 -11.75 -23.74 22.77
CA ALA L 141 -12.07 -25.05 22.23
C ALA L 141 -13.30 -25.69 22.89
N LYS L 142 -13.40 -25.65 24.22
CA LYS L 142 -14.62 -26.17 24.86
C LYS L 142 -15.86 -25.44 24.40
N GLN L 143 -15.74 -24.13 24.23
CA GLN L 143 -16.89 -23.32 23.85
C GLN L 143 -17.30 -23.66 22.42
N THR L 144 -16.30 -23.88 21.57
CA THR L 144 -16.56 -24.26 20.18
C THR L 144 -17.27 -25.60 20.13
N GLN L 145 -16.85 -26.53 20.98
CA GLN L 145 -17.53 -27.79 21.06
C GLN L 145 -18.99 -27.56 21.44
N ARG L 146 -19.23 -26.73 22.44
CA ARG L 146 -20.60 -26.49 22.91
C ARG L 146 -21.50 -25.94 21.79
N VAL L 147 -21.00 -24.92 21.07
CA VAL L 147 -21.70 -24.36 19.92
C VAL L 147 -21.94 -25.40 18.83
N SER L 148 -20.97 -26.29 18.66
CA SER L 148 -21.09 -27.35 17.67
C SER L 148 -22.25 -28.26 18.08
N ASP L 149 -22.34 -28.60 19.36
CA ASP L 149 -23.44 -29.44 19.83
C ASP L 149 -24.78 -28.73 19.72
N GLN L 150 -24.80 -27.43 20.02
CA GLN L 150 -26.04 -26.68 19.87
C GLN L 150 -26.56 -26.77 18.45
N LEU L 151 -25.67 -26.61 17.48
CA LEU L 151 -26.09 -26.62 16.09
C LEU L 151 -26.72 -27.96 15.72
N ASN L 152 -26.11 -29.06 16.16
CA ASN L 152 -26.66 -30.39 15.94
C ASN L 152 -28.02 -30.56 16.60
N GLN L 153 -28.14 -30.16 17.84
CA GLN L 153 -29.40 -30.25 18.56
C GLN L 153 -30.51 -29.44 17.90
N ILE L 154 -30.19 -28.25 17.39
CA ILE L 154 -31.20 -27.47 16.69
C ILE L 154 -31.65 -28.13 15.38
N LEU L 155 -30.68 -28.62 14.60
CA LEU L 155 -31.02 -29.26 13.34
C LEU L 155 -31.77 -30.58 13.59
N ALA L 156 -31.34 -31.33 14.59
CA ALA L 156 -32.07 -32.54 14.97
C ALA L 156 -33.52 -32.22 15.30
N LYS L 157 -33.73 -31.29 16.23
CA LYS L 157 -35.07 -30.89 16.61
C LYS L 157 -35.99 -30.58 15.43
N HIS L 158 -35.51 -29.74 14.51
CA HIS L 158 -36.32 -29.27 13.40
C HIS L 158 -36.45 -30.27 12.25
N THR L 159 -35.46 -31.14 12.06
CA THR L 159 -35.57 -32.14 11.00
C THR L 159 -36.23 -33.44 11.42
N GLY L 160 -36.08 -33.80 12.69
CA GLY L 160 -36.56 -35.08 13.17
C GLY L 160 -35.46 -36.15 13.17
N LYS L 161 -34.30 -35.81 12.63
CA LYS L 161 -33.15 -36.71 12.62
C LYS L 161 -32.53 -36.81 14.02
N ASP L 162 -31.80 -37.91 14.26
CA ASP L 162 -30.99 -38.04 15.48
C ASP L 162 -29.80 -37.11 15.44
N ILE L 163 -29.45 -36.58 16.60
CA ILE L 163 -28.25 -35.78 16.76
C ILE L 163 -26.97 -36.42 16.21
N GLU L 164 -26.86 -37.74 16.35
CA GLU L 164 -25.61 -38.38 15.94
C GLU L 164 -25.55 -38.42 14.44
N ARG L 165 -26.71 -38.62 13.82
CA ARG L 165 -26.82 -38.62 12.36
C ARG L 165 -26.52 -37.24 11.77
N VAL L 166 -27.02 -36.21 12.44
CA VAL L 166 -26.79 -34.84 12.00
C VAL L 166 -25.32 -34.50 12.14
N GLU L 167 -24.74 -34.92 13.26
CA GLU L 167 -23.33 -34.67 13.54
C GLU L 167 -22.44 -35.30 12.47
N LYS L 168 -22.79 -36.51 12.06
CA LYS L 168 -22.11 -37.24 11.02
C LYS L 168 -22.23 -36.53 9.67
N ASP L 169 -23.45 -36.17 9.32
CA ASP L 169 -23.74 -35.55 8.03
C ASP L 169 -23.09 -34.20 7.88
N THR L 170 -22.94 -33.47 8.97
CA THR L 170 -22.39 -32.12 8.88
C THR L 170 -20.87 -32.10 9.05
N ASN L 171 -20.27 -33.27 9.23
CA ASN L 171 -18.83 -33.33 9.37
C ASN L 171 -18.11 -32.63 8.24
N ARG L 172 -18.61 -32.83 7.03
CA ARG L 172 -18.10 -32.09 5.90
C ARG L 172 -19.23 -31.36 5.19
N ASP L 173 -18.88 -30.43 4.33
CA ASP L 173 -19.91 -29.77 3.53
C ASP L 173 -20.84 -30.82 2.97
N TYR L 174 -22.13 -30.61 3.21
CA TYR L 174 -23.16 -31.55 2.81
C TYR L 174 -24.24 -30.80 2.01
N PHE L 175 -24.20 -30.91 0.68
CA PHE L 175 -25.16 -30.25 -0.19
C PHE L 175 -26.42 -31.09 -0.37
N LEU L 176 -27.57 -30.43 -0.32
CA LEU L 176 -28.85 -31.09 -0.57
C LEU L 176 -29.60 -30.44 -1.70
N THR L 177 -30.07 -31.26 -2.64
CA THR L 177 -31.09 -30.81 -3.57
C THR L 177 -32.36 -30.49 -2.77
N PRO L 178 -33.23 -29.65 -3.33
CA PRO L 178 -34.57 -29.42 -2.76
C PRO L 178 -35.25 -30.73 -2.34
N GLU L 179 -35.36 -31.69 -3.26
CA GLU L 179 -36.01 -32.97 -2.95
C GLU L 179 -35.34 -33.66 -1.77
N GLU L 180 -34.01 -33.63 -1.76
CA GLU L 180 -33.28 -34.23 -0.67
C GLU L 180 -33.55 -33.49 0.62
N ALA L 181 -33.74 -32.18 0.51
CA ALA L 181 -33.98 -31.37 1.70
C ALA L 181 -35.37 -31.60 2.29
N VAL L 182 -36.35 -31.85 1.43
CA VAL L 182 -37.68 -32.27 1.87
C VAL L 182 -37.54 -33.58 2.60
N GLU L 183 -36.84 -34.52 1.97
CA GLU L 183 -36.69 -35.86 2.52
C GLU L 183 -35.94 -35.83 3.85
N TYR L 184 -34.96 -34.94 3.97
CA TYR L 184 -34.14 -34.82 5.16
C TYR L 184 -34.86 -34.11 6.30
N GLY L 185 -35.83 -33.27 5.95
CA GLY L 185 -36.62 -32.56 6.96
C GLY L 185 -36.15 -31.13 7.22
N LEU L 186 -35.33 -30.57 6.33
CA LEU L 186 -34.87 -29.18 6.46
C LEU L 186 -35.95 -28.25 5.97
N ILE L 187 -36.74 -28.71 5.01
CA ILE L 187 -37.87 -27.95 4.52
C ILE L 187 -39.07 -28.88 4.36
N ASP L 188 -40.22 -28.28 4.10
CA ASP L 188 -41.45 -29.05 3.97
C ASP L 188 -41.90 -29.26 2.54
N SER L 189 -41.63 -28.30 1.68
CA SER L 189 -42.11 -28.36 0.31
C SER L 189 -41.30 -27.50 -0.63
N ILE L 190 -41.48 -27.76 -1.92
CA ILE L 190 -40.87 -26.96 -2.98
C ILE L 190 -41.97 -26.31 -3.81
N PHE L 191 -41.79 -25.02 -4.12
CA PHE L 191 -42.67 -24.30 -5.00
C PHE L 191 -41.97 -24.04 -6.31
N LYS L 192 -42.61 -24.31 -7.44
CA LYS L 192 -42.09 -23.77 -8.69
C LYS L 192 -42.70 -22.41 -8.99
N GLU L 193 -44.02 -22.37 -9.00
CA GLU L 193 -44.75 -21.14 -9.26
C GLU L 193 -45.52 -20.92 -7.99
N ARG L 194 -45.74 -19.67 -7.63
CA ARG L 194 -46.40 -19.43 -6.37
C ARG L 194 -47.81 -19.96 -6.40
N PRO L 195 -48.22 -20.56 -5.30
CA PRO L 195 -49.57 -21.09 -5.10
C PRO L 195 -50.52 -20.01 -4.56
N LEU M 4 27.85 1.26 2.17
CA LEU M 4 28.99 1.10 1.28
C LEU M 4 30.27 0.89 2.09
N VAL M 5 30.42 -0.30 2.69
CA VAL M 5 31.57 -0.59 3.56
C VAL M 5 32.85 -0.86 2.77
N PRO M 6 33.89 -0.07 3.03
CA PRO M 6 35.16 -0.23 2.32
C PRO M 6 35.97 -1.39 2.89
N VAL M 8 39.85 -3.40 3.27
CA VAL M 8 41.28 -3.16 3.32
C VAL M 8 41.96 -4.49 3.00
N VAL M 9 42.96 -4.47 2.13
CA VAL M 9 43.74 -5.67 1.90
C VAL M 9 45.04 -5.58 2.69
N GLU M 10 45.27 -6.53 3.56
CA GLU M 10 46.52 -6.57 4.32
C GLU M 10 47.45 -7.65 3.77
N GLN M 11 48.76 -7.43 3.90
CA GLN M 11 49.71 -8.47 3.50
C GLN M 11 50.02 -9.30 4.72
N THR M 12 49.42 -10.47 4.77
CA THR M 12 49.58 -11.41 5.86
C THR M 12 50.83 -12.24 5.61
N SER M 13 51.38 -12.82 6.67
CA SER M 13 52.47 -13.77 6.51
C SER M 13 52.06 -14.89 5.55
N ARG M 14 50.78 -15.29 5.60
CA ARG M 14 50.27 -16.36 4.76
C ARG M 14 49.77 -15.87 3.41
N GLY M 15 49.69 -14.55 3.22
CA GLY M 15 49.27 -13.99 1.96
C GLY M 15 48.35 -12.78 2.07
N GLU M 16 47.77 -12.38 0.96
CA GLU M 16 46.90 -11.22 0.92
C GLU M 16 45.49 -11.53 1.45
N ARG M 17 45.04 -10.73 2.41
CA ARG M 17 43.74 -10.93 3.03
C ARG M 17 42.91 -9.65 3.05
N ALA M 18 41.64 -9.76 2.66
CA ALA M 18 40.73 -8.62 2.68
C ALA M 18 40.01 -8.52 4.04
N TYR M 19 39.78 -7.29 4.48
CA TYR M 19 39.13 -6.99 5.72
C TYR M 19 38.12 -5.88 5.47
N ASP M 20 36.96 -5.95 6.09
CA ASP M 20 36.11 -4.77 6.07
C ASP M 20 36.75 -3.83 7.08
N ILE M 21 36.49 -2.54 6.93
CA ILE M 21 37.13 -1.54 7.76
C ILE M 21 37.04 -1.89 9.23
N TYR M 22 35.89 -2.37 9.66
CA TYR M 22 35.70 -2.74 11.05
C TYR M 22 36.49 -3.98 11.48
N SER M 23 36.65 -4.95 10.59
CA SER M 23 37.50 -6.08 10.89
C SER M 23 38.95 -5.65 11.04
N ARG M 24 39.37 -4.71 10.19
CA ARG M 24 40.71 -4.17 10.26
C ARG M 24 40.95 -3.45 11.58
N LEU M 25 39.99 -2.65 12.03
CA LEU M 25 40.17 -1.93 13.28
C LEU M 25 40.08 -2.87 14.46
N LEU M 26 39.47 -4.02 14.23
CA LEU M 26 39.32 -5.05 15.24
C LEU M 26 40.70 -5.63 15.49
N LYS M 27 41.50 -5.65 14.43
CA LYS M 27 42.91 -6.03 14.52
C LYS M 27 43.69 -5.10 15.46
N ASP M 28 43.13 -3.94 15.78
CA ASP M 28 43.73 -3.02 16.74
C ASP M 28 42.93 -2.99 18.04
N ARG M 29 42.04 -3.98 18.18
CA ARG M 29 41.18 -4.08 19.36
C ARG M 29 40.24 -2.88 19.53
N VAL M 30 39.81 -2.30 18.42
CA VAL M 30 38.79 -1.28 18.44
C VAL M 30 37.44 -1.87 18.01
N ILE M 31 36.41 -1.64 18.83
CA ILE M 31 35.05 -2.05 18.49
C ILE M 31 34.14 -0.83 18.32
N PHE M 32 33.40 -0.75 17.21
CA PHE M 32 32.46 0.35 17.04
C PHE M 32 31.07 -0.01 17.53
N LEU M 33 30.53 0.82 18.39
CA LEU M 33 29.16 0.66 18.85
C LEU M 33 28.35 1.88 18.41
N VAL M 34 27.60 1.72 17.32
CA VAL M 34 27.00 2.87 16.65
C VAL M 34 25.53 2.66 16.23
N GLY M 35 24.85 3.75 15.92
CA GLY M 35 23.43 3.71 15.63
C GLY M 35 22.61 3.42 16.87
N GLN M 36 21.38 2.98 16.65
CA GLN M 36 20.47 2.61 17.72
C GLN M 36 20.93 1.33 18.40
N VAL M 37 21.00 1.37 19.73
CA VAL M 37 21.29 0.17 20.50
C VAL M 37 20.06 -0.72 20.51
N GLU M 38 20.14 -1.84 19.82
CA GLU M 38 19.06 -2.81 19.78
C GLU M 38 19.71 -4.22 19.72
N ASP M 39 18.92 -5.29 19.76
CA ASP M 39 19.50 -6.62 19.96
C ASP M 39 20.54 -7.02 18.90
N HIS M 40 20.25 -6.77 17.64
CA HIS M 40 21.11 -7.28 16.57
C HIS M 40 22.52 -6.70 16.67
N ALA M 42 23.70 -5.21 19.41
CA ALA M 42 24.18 -5.55 20.75
C ALA M 42 24.99 -6.84 20.70
N ASN M 43 24.42 -7.86 20.06
CA ASN M 43 25.02 -9.18 20.00
C ASN M 43 26.32 -9.22 19.20
N LEU M 44 26.37 -8.45 18.12
CA LEU M 44 27.57 -8.31 17.33
C LEU M 44 28.68 -7.69 18.15
N ALA M 45 28.34 -6.72 18.99
CA ALA M 45 29.34 -6.04 19.81
C ALA M 45 29.84 -6.99 20.87
N ILE M 46 28.93 -7.80 21.40
CA ILE M 46 29.29 -8.76 22.42
C ILE M 46 30.18 -9.83 21.83
N ALA M 47 29.87 -10.29 20.63
CA ALA M 47 30.62 -11.34 19.99
C ALA M 47 32.02 -10.84 19.70
N GLN M 48 32.12 -9.57 19.35
CA GLN M 48 33.39 -8.94 19.13
C GLN M 48 34.22 -8.89 20.41
N LEU M 50 34.02 -11.01 23.03
CA LEU M 50 34.46 -12.38 23.29
C LEU M 50 35.56 -12.82 22.31
N PHE M 51 35.49 -12.40 21.05
CA PHE M 51 36.56 -12.68 20.13
C PHE M 51 37.87 -12.04 20.57
N LEU M 52 37.83 -10.78 20.98
CA LEU M 52 39.05 -10.09 21.39
C LEU M 52 39.65 -10.69 22.65
N GLU M 53 38.80 -11.13 23.55
CA GLU M 53 39.21 -11.83 24.76
C GLU M 53 39.88 -13.15 24.43
N SER M 54 39.34 -13.87 23.45
CA SER M 54 39.97 -15.09 23.00
C SER M 54 41.35 -14.86 22.33
N GLU M 55 41.47 -13.82 21.52
CA GLU M 55 42.77 -13.47 20.94
C GLU M 55 43.80 -13.04 21.98
N ASN M 56 43.39 -12.18 22.89
CA ASN M 56 44.24 -11.79 24.00
C ASN M 56 43.41 -11.45 25.22
N PRO M 57 43.54 -12.23 26.27
CA PRO M 57 42.76 -12.05 27.49
C PRO M 57 43.23 -10.83 28.28
N ASN M 58 44.37 -10.27 27.91
CA ASN M 58 45.02 -9.25 28.72
C ASN M 58 45.10 -7.85 28.15
N LYS M 59 45.21 -7.74 26.83
CA LYS M 59 45.21 -6.41 26.19
C LYS M 59 43.84 -5.70 26.31
N ASP M 60 43.86 -4.39 26.51
CA ASP M 60 42.62 -3.59 26.58
C ASP M 60 41.74 -3.75 25.34
N ILE M 61 40.43 -3.64 25.54
CA ILE M 61 39.49 -3.52 24.43
C ILE M 61 39.10 -2.06 24.35
N ASN M 62 39.03 -1.51 23.14
CA ASN M 62 38.59 -0.13 22.95
C ASN M 62 37.23 -0.06 22.27
N LEU M 63 36.26 0.46 22.99
CA LEU M 63 34.89 0.48 22.54
C LEU M 63 34.50 1.92 22.17
N TYR M 64 34.41 2.20 20.86
CA TYR M 64 34.03 3.53 20.38
C TYR M 64 32.51 3.67 20.23
N ILE M 65 31.96 4.69 20.86
CA ILE M 65 30.52 4.80 20.99
C ILE M 65 29.97 6.04 20.29
N ASN M 66 28.96 5.83 19.45
CA ASN M 66 28.25 6.93 18.79
C ASN M 66 26.80 6.53 18.55
N SER M 67 25.99 6.64 19.60
CA SER M 67 24.65 6.12 19.60
C SER M 67 23.64 7.16 20.09
N PRO M 68 22.71 7.59 19.23
CA PRO M 68 21.73 8.62 19.58
C PRO M 68 20.47 8.06 20.25
N GLY M 69 20.34 6.75 20.32
CA GLY M 69 19.18 6.16 21.01
C GLY M 69 19.21 4.65 21.23
N GLY M 70 18.04 4.09 21.52
CA GLY M 70 17.94 2.65 21.73
C GLY M 70 17.54 2.24 23.13
N ALA M 71 17.24 0.96 23.29
CA ALA M 71 16.69 0.46 24.53
C ALA M 71 17.74 0.04 25.55
N VAL M 72 17.45 0.35 26.80
CA VAL M 72 18.32 -0.01 27.91
C VAL M 72 18.44 -1.52 28.12
N THR M 73 17.34 -2.25 27.95
CA THR M 73 17.42 -3.71 28.07
C THR M 73 18.44 -4.34 27.10
N SER M 74 18.52 -3.80 25.87
CA SER M 74 19.53 -4.24 24.90
C SER M 74 20.92 -3.90 25.38
N ALA M 75 21.07 -2.74 26.00
CA ALA M 75 22.38 -2.30 26.42
C ALA M 75 22.83 -3.16 27.58
N ALA M 77 22.79 -6.44 28.10
CA ALA M 77 23.63 -7.57 27.74
C ALA M 77 25.07 -7.10 27.48
N ILE M 78 25.22 -5.96 26.83
CA ILE M 78 26.53 -5.46 26.49
C ILE M 78 27.28 -5.05 27.76
N TYR M 79 26.59 -4.29 28.60
CA TYR M 79 27.19 -3.89 29.85
C TYR M 79 27.71 -5.13 30.59
N ASP M 80 26.86 -6.13 30.75
CA ASP M 80 27.26 -7.35 31.42
C ASP M 80 28.47 -8.01 30.74
N THR M 81 28.47 -8.06 29.43
CA THR M 81 29.59 -8.63 28.68
C THR M 81 30.89 -7.91 29.02
N GLN M 83 31.77 -6.51 31.77
CA GLN M 83 32.30 -6.82 33.09
C GLN M 83 32.76 -8.28 33.10
N PHE M 84 32.07 -9.11 32.32
CA PHE M 84 32.41 -10.52 32.18
C PHE M 84 33.80 -10.75 31.60
N VAL M 85 34.10 -10.08 30.48
CA VAL M 85 35.36 -10.37 29.78
C VAL M 85 36.55 -9.91 30.60
N LYS M 86 37.69 -10.58 30.42
CA LYS M 86 38.83 -10.28 31.26
C LYS M 86 39.45 -8.89 30.97
N PRO M 87 39.61 -8.53 29.70
CA PRO M 87 40.23 -7.26 29.33
C PRO M 87 39.49 -6.06 29.89
N ASP M 88 40.23 -5.06 30.36
CA ASP M 88 39.67 -3.75 30.62
C ASP M 88 39.02 -3.24 29.35
N VAL M 89 37.82 -2.68 29.48
CA VAL M 89 37.18 -2.06 28.35
C VAL M 89 37.29 -0.55 28.44
N ARG M 90 38.15 0.04 27.63
CA ARG M 90 38.21 1.49 27.52
C ARG M 90 37.04 2.00 26.67
N THR M 91 36.36 3.03 27.13
CA THR M 91 35.23 3.59 26.39
C THR M 91 35.44 5.02 25.94
N LEU M 92 35.22 5.27 24.67
CA LEU M 92 35.32 6.61 24.13
C LEU M 92 34.07 6.98 23.36
N CYS M 93 33.46 8.10 23.71
CA CYS M 93 32.33 8.58 22.97
C CYS M 93 32.79 9.57 21.92
N ILE M 94 32.76 9.15 20.67
CA ILE M 94 33.08 10.03 19.57
C ILE M 94 32.05 11.12 19.25
N GLY M 95 30.78 10.79 19.36
CA GLY M 95 29.76 11.78 19.08
C GLY M 95 28.58 11.84 20.02
N GLN M 96 27.72 10.85 19.95
CA GLN M 96 26.53 10.82 20.75
C GLN M 96 26.56 9.64 21.67
N ALA M 97 26.00 9.81 22.83
CA ALA M 97 25.74 8.68 23.71
C ALA M 97 24.47 8.93 24.51
N ALA M 98 23.31 8.61 23.91
CA ALA M 98 22.02 8.69 24.60
C ALA M 98 21.92 7.56 25.61
N SER M 99 20.76 7.44 26.27
CA SER M 99 20.70 6.62 27.48
C SER M 99 21.43 5.27 27.45
N ALA M 100 21.01 4.40 26.55
CA ALA M 100 21.66 3.10 26.41
C ALA M 100 23.16 3.25 26.17
N GLY M 101 23.54 4.19 25.30
CA GLY M 101 24.93 4.45 25.02
C GLY M 101 25.66 4.94 26.24
N ALA M 102 25.03 5.85 26.98
CA ALA M 102 25.62 6.41 28.18
C ALA M 102 25.88 5.29 29.19
N LEU M 103 24.98 4.33 29.31
CA LEU M 103 25.21 3.20 30.21
C LEU M 103 26.54 2.50 29.89
N LEU M 104 26.77 2.21 28.62
CA LEU M 104 27.98 1.54 28.21
C LEU M 104 29.21 2.41 28.49
N LEU M 105 29.14 3.66 28.08
CA LEU M 105 30.22 4.61 28.28
C LEU M 105 30.64 4.63 29.73
N ALA M 106 29.67 4.80 30.62
CA ALA M 106 29.93 4.96 32.05
C ALA M 106 30.44 3.66 32.66
N GLY M 107 30.11 2.55 32.03
CA GLY M 107 30.49 1.26 32.58
C GLY M 107 31.84 0.79 32.08
N GLY M 108 32.61 1.70 31.49
CA GLY M 108 33.96 1.37 31.12
C GLY M 108 34.83 1.15 32.35
N ALA M 109 36.06 0.70 32.12
CA ALA M 109 36.99 0.45 33.22
C ALA M 109 37.38 1.76 33.88
N LYS M 110 37.45 1.76 35.21
CA LYS M 110 37.80 2.95 35.98
C LYS M 110 39.00 3.67 35.38
N GLY M 111 38.83 4.97 35.11
CA GLY M 111 39.93 5.79 34.62
C GLY M 111 40.11 5.70 33.12
N LYS M 112 39.28 4.90 32.47
CA LYS M 112 39.38 4.72 31.04
C LYS M 112 38.08 5.03 30.30
N ARG M 113 37.34 6.03 30.77
CA ARG M 113 36.11 6.44 30.11
C ARG M 113 36.33 7.85 29.59
N HIS M 114 36.02 8.09 28.32
CA HIS M 114 36.33 9.38 27.72
C HIS M 114 35.29 9.85 26.70
N CYS M 115 35.32 11.14 26.38
CA CYS M 115 34.62 11.62 25.19
C CYS M 115 35.46 12.70 24.51
N LEU M 116 34.97 13.17 23.37
CA LEU M 116 35.58 14.28 22.64
C LEU M 116 34.84 15.59 22.97
N PRO M 117 35.41 16.74 22.57
CA PRO M 117 34.92 18.06 22.99
C PRO M 117 33.47 18.40 22.63
N HIS M 118 32.95 17.88 21.52
CA HIS M 118 31.57 18.19 21.15
C HIS M 118 30.64 16.99 21.29
N SER M 119 31.08 15.99 22.04
CA SER M 119 30.23 14.86 22.32
C SER M 119 28.98 15.30 23.07
N SER M 120 27.89 14.58 22.87
CA SER M 120 26.67 14.89 23.56
C SER M 120 26.28 13.66 24.37
N VAL M 121 26.22 13.80 25.69
CA VAL M 121 25.83 12.69 26.53
C VAL M 121 24.49 12.96 27.17
N ILE M 123 21.34 10.95 29.61
CA ILE M 123 20.75 9.83 30.34
C ILE M 123 19.25 10.04 30.65
N HIS M 124 18.45 8.98 30.59
CA HIS M 124 17.06 9.05 31.03
C HIS M 124 16.61 7.69 31.54
N GLN M 125 15.49 7.66 32.26
CA GLN M 125 14.94 6.41 32.78
C GLN M 125 14.51 5.49 31.65
N VAL M 126 14.33 4.21 31.96
CA VAL M 126 13.94 3.21 30.97
C VAL M 126 12.56 3.46 30.41
N LEU M 127 12.35 3.01 29.19
CA LEU M 127 11.07 3.10 28.53
C LEU M 127 10.61 1.68 28.34
N GLY M 128 9.31 1.50 28.19
CA GLY M 128 8.77 0.20 27.92
C GLY M 128 7.31 0.28 27.61
N GLY M 129 6.64 -0.86 27.70
CA GLY M 129 5.21 -0.89 27.50
C GLY M 129 4.71 -2.29 27.28
N TYR M 130 3.43 -2.49 27.52
CA TYR M 130 2.83 -3.79 27.31
C TYR M 130 1.35 -3.63 27.03
N GLN M 131 0.75 -4.63 26.41
CA GLN M 131 -0.66 -4.60 26.11
C GLN M 131 -1.26 -5.96 26.37
N GLY M 132 -2.36 -6.02 27.10
CA GLY M 132 -3.00 -7.29 27.39
C GLY M 132 -3.87 -7.22 28.61
N GLN M 133 -4.09 -8.34 29.28
CA GLN M 133 -4.90 -8.34 30.47
C GLN M 133 -4.22 -7.60 31.61
N GLY M 134 -5.03 -7.03 32.48
CA GLY M 134 -4.59 -6.29 33.64
C GLY M 134 -3.56 -7.04 34.46
N THR M 135 -3.82 -8.33 34.69
CA THR M 135 -2.90 -9.17 35.45
C THR M 135 -1.52 -9.17 34.81
N ASP M 136 -1.48 -9.33 33.50
CA ASP M 136 -0.20 -9.28 32.76
C ASP M 136 0.41 -7.87 32.75
N ILE M 137 -0.42 -6.84 32.66
CA ILE M 137 0.06 -5.48 32.75
C ILE M 137 0.80 -5.27 34.08
N GLN M 138 0.20 -5.75 35.18
CA GLN M 138 0.84 -5.66 36.49
C GLN M 138 2.20 -6.39 36.52
N ILE M 139 2.25 -7.59 35.95
CA ILE M 139 3.49 -8.38 35.91
C ILE M 139 4.58 -7.66 35.14
N HIS M 140 4.20 -7.11 33.99
CA HIS M 140 5.19 -6.42 33.19
C HIS M 140 5.56 -5.05 33.77
N ALA M 141 4.63 -4.40 34.45
CA ALA M 141 4.99 -3.17 35.13
C ALA M 141 6.05 -3.41 36.23
N LYS M 142 5.89 -4.49 36.99
CA LYS M 142 6.86 -4.82 38.05
C LYS M 142 8.25 -5.08 37.49
N GLN M 143 8.33 -5.78 36.36
CA GLN M 143 9.62 -6.06 35.73
C GLN M 143 10.23 -4.79 35.19
N THR M 144 9.39 -3.87 34.71
CA THR M 144 9.89 -2.60 34.22
C THR M 144 10.48 -1.80 35.39
N GLN M 145 9.81 -1.87 36.53
CA GLN M 145 10.29 -1.21 37.73
C GLN M 145 11.66 -1.72 38.12
N ARG M 146 11.86 -3.02 37.98
CA ARG M 146 13.13 -3.65 38.32
C ARG M 146 14.27 -3.22 37.38
N VAL M 147 13.99 -3.21 36.07
CA VAL M 147 14.98 -2.81 35.09
C VAL M 147 15.38 -1.36 35.35
N SER M 148 14.39 -0.56 35.73
CA SER M 148 14.60 0.82 36.12
C SER M 148 15.58 0.93 37.28
N ASP M 149 15.28 0.26 38.38
CA ASP M 149 16.19 0.21 39.52
C ASP M 149 17.61 -0.28 39.11
N GLN M 150 17.67 -1.32 38.28
CA GLN M 150 18.98 -1.76 37.80
C GLN M 150 19.73 -0.60 37.13
N LEU M 151 19.07 0.15 36.26
CA LEU M 151 19.75 1.24 35.56
C LEU M 151 20.32 2.23 36.56
N ASN M 152 19.53 2.58 37.59
CA ASN M 152 19.99 3.48 38.63
C ASN M 152 21.17 2.92 39.42
N GLN M 153 21.08 1.66 39.86
CA GLN M 153 22.20 1.02 40.53
C GLN M 153 23.48 1.06 39.70
N ILE M 154 23.40 0.74 38.41
CA ILE M 154 24.59 0.73 37.56
C ILE M 154 25.22 2.10 37.38
N LEU M 155 24.42 3.12 37.19
CA LEU M 155 24.94 4.49 37.07
C LEU M 155 25.48 4.98 38.40
N ALA M 156 24.82 4.64 39.48
CA ALA M 156 25.27 5.06 40.79
C ALA M 156 26.66 4.47 41.01
N LYS M 157 26.76 3.17 40.81
CA LYS M 157 28.00 2.44 41.04
C LYS M 157 29.17 3.07 40.30
N HIS M 158 28.97 3.39 39.03
CA HIS M 158 30.08 3.83 38.19
C HIS M 158 30.35 5.33 38.29
N THR M 159 29.36 6.09 38.73
CA THR M 159 29.55 7.54 38.78
C THR M 159 29.91 8.01 40.18
N GLY M 160 29.62 7.20 41.18
CA GLY M 160 29.87 7.57 42.57
C GLY M 160 28.69 8.27 43.22
N LYS M 161 27.66 8.59 42.44
CA LYS M 161 26.47 9.27 42.94
C LYS M 161 25.56 8.32 43.71
N ASP M 162 24.65 8.88 44.52
CA ASP M 162 23.60 8.10 45.18
C ASP M 162 22.55 7.62 44.18
N ILE M 163 21.95 6.48 44.47
CA ILE M 163 20.86 5.95 43.64
C ILE M 163 19.69 6.93 43.52
N GLU M 164 19.31 7.53 44.64
CA GLU M 164 18.24 8.52 44.65
C GLU M 164 18.57 9.73 43.78
N ARG M 165 19.81 10.20 43.86
CA ARG M 165 20.27 11.28 43.01
C ARG M 165 20.14 10.92 41.52
N VAL M 166 20.58 9.71 41.18
CA VAL M 166 20.51 9.26 39.79
C VAL M 166 19.05 9.13 39.34
N GLU M 167 18.20 8.57 40.21
CA GLU M 167 16.78 8.42 39.92
C GLU M 167 16.14 9.78 39.58
N LYS M 168 16.38 10.76 40.43
CA LYS M 168 15.92 12.11 40.19
C LYS M 168 16.43 12.69 38.86
N ASP M 169 17.71 12.50 38.55
CA ASP M 169 18.26 13.14 37.35
C ASP M 169 17.79 12.48 36.06
N THR M 170 17.48 11.19 36.11
CA THR M 170 17.01 10.49 34.91
C THR M 170 15.51 10.54 34.72
N ASN M 171 14.80 11.15 35.66
CA ASN M 171 13.37 11.20 35.55
C ASN M 171 12.96 11.75 34.18
N ARG M 172 13.66 12.78 33.72
CA ARG M 172 13.46 13.27 32.35
C ARG M 172 14.77 13.33 31.61
N ASP M 173 14.71 13.47 30.29
CA ASP M 173 15.92 13.55 29.48
C ASP M 173 16.89 14.52 30.11
N TYR M 174 18.11 14.08 30.35
CA TYR M 174 19.11 14.86 31.07
C TYR M 174 20.39 14.94 30.24
N PHE M 175 20.59 16.08 29.57
CA PHE M 175 21.79 16.29 28.75
C PHE M 175 22.94 16.83 29.56
N LEU M 176 24.14 16.31 29.28
CA LEU M 176 25.34 16.71 29.95
C LEU M 176 26.38 17.10 28.92
N THR M 177 26.97 18.29 29.05
CA THR M 177 28.17 18.59 28.27
C THR M 177 29.29 17.62 28.68
N PRO M 178 30.32 17.50 27.83
CA PRO M 178 31.52 16.74 28.23
C PRO M 178 32.02 17.10 29.63
N GLU M 179 32.18 18.40 29.92
CA GLU M 179 32.63 18.84 31.24
C GLU M 179 31.70 18.37 32.32
N GLU M 180 30.41 18.57 32.12
CA GLU M 180 29.41 18.15 33.09
C GLU M 180 29.43 16.63 33.33
N ALA M 181 29.78 15.86 32.30
CA ALA M 181 29.79 14.41 32.38
C ALA M 181 30.98 13.90 33.21
N VAL M 182 32.10 14.63 33.11
CA VAL M 182 33.27 14.39 33.95
C VAL M 182 32.94 14.67 35.40
N GLU M 183 32.31 15.82 35.62
CA GLU M 183 31.90 16.24 36.95
C GLU M 183 30.88 15.26 37.50
N TYR M 184 30.01 14.76 36.63
CA TYR M 184 28.98 13.83 37.07
C TYR M 184 29.58 12.48 37.43
N GLY M 185 30.69 12.12 36.80
CA GLY M 185 31.32 10.83 37.01
C GLY M 185 30.96 9.79 35.96
N LEU M 186 30.31 10.24 34.87
CA LEU M 186 29.99 9.34 33.76
C LEU M 186 31.24 9.02 32.97
N ILE M 187 32.16 9.98 32.89
CA ILE M 187 33.43 9.75 32.20
C ILE M 187 34.55 10.29 33.07
N ASP M 188 35.80 10.00 32.70
CA ASP M 188 36.96 10.39 33.50
C ASP M 188 37.71 11.61 32.96
N SER M 189 37.76 11.76 31.64
CA SER M 189 38.41 12.92 31.03
C SER M 189 37.96 13.11 29.59
N ILE M 190 38.30 14.25 29.03
CA ILE M 190 37.98 14.59 27.68
C ILE M 190 39.27 14.71 26.93
N PHE M 191 39.27 14.30 25.67
CA PHE M 191 40.43 14.43 24.85
C PHE M 191 40.15 15.41 23.77
N LYS M 192 40.88 16.50 23.68
CA LYS M 192 40.65 17.34 22.53
C LYS M 192 41.26 16.66 21.31
N GLU M 193 42.51 16.30 21.45
CA GLU M 193 43.30 15.68 20.41
C GLU M 193 43.87 14.47 21.09
N ARG M 194 44.34 13.53 20.31
CA ARG M 194 44.79 12.26 20.87
C ARG M 194 45.95 12.42 21.84
N PRO M 195 45.82 11.82 23.02
CA PRO M 195 46.86 11.88 24.05
C PRO M 195 48.16 11.28 23.55
N VAL N 3 -45.66 16.77 4.28
CA VAL N 3 -44.40 16.04 4.30
C VAL N 3 -44.43 14.84 5.23
N LEU N 4 -44.02 13.69 4.72
CA LEU N 4 -43.80 12.50 5.55
C LEU N 4 -42.36 11.99 5.40
N VAL N 5 -41.81 11.47 6.50
CA VAL N 5 -40.45 10.95 6.52
C VAL N 5 -40.40 9.58 5.84
N PRO N 6 -39.42 9.38 4.94
CA PRO N 6 -39.17 8.17 4.14
C PRO N 6 -38.74 6.97 4.99
N VAL N 8 -36.74 3.42 5.52
CA VAL N 8 -35.69 2.53 5.08
C VAL N 8 -35.49 1.45 6.12
N VAL N 9 -35.05 0.28 5.68
CA VAL N 9 -34.65 -0.74 6.63
C VAL N 9 -33.31 -0.29 7.18
N GLU N 10 -32.41 0.07 6.27
CA GLU N 10 -31.05 0.43 6.66
C GLU N 10 -30.63 1.81 6.14
N GLN N 11 -29.98 2.60 6.99
CA GLN N 11 -29.45 3.89 6.54
C GLN N 11 -28.35 3.76 5.51
N THR N 12 -28.36 4.67 4.55
CA THR N 12 -27.36 4.69 3.49
C THR N 12 -26.05 5.16 4.10
N SER N 13 -24.96 5.04 3.36
CA SER N 13 -23.66 5.28 3.94
C SER N 13 -23.64 6.67 4.53
N ARG N 14 -24.22 7.63 3.83
CA ARG N 14 -24.47 8.92 4.45
C ARG N 14 -25.59 8.59 5.43
N GLY N 15 -25.56 9.18 6.63
CA GLY N 15 -26.60 8.88 7.58
C GLY N 15 -27.79 9.74 7.25
N GLU N 16 -28.43 9.43 6.13
CA GLU N 16 -29.53 10.23 5.66
C GLU N 16 -30.57 10.19 6.73
N ARG N 17 -31.26 11.30 6.91
CA ARG N 17 -32.25 11.35 7.96
C ARG N 17 -33.53 10.71 7.47
N ALA N 18 -33.44 9.40 7.29
CA ALA N 18 -34.54 8.57 6.87
C ALA N 18 -34.89 7.71 8.07
N TYR N 19 -36.13 7.25 8.12
CA TYR N 19 -36.62 6.53 9.29
C TYR N 19 -36.25 5.05 9.23
N ASP N 20 -35.09 4.73 9.79
CA ASP N 20 -34.57 3.36 9.81
C ASP N 20 -35.24 2.49 10.86
N ILE N 21 -35.10 1.18 10.71
CA ILE N 21 -35.76 0.21 11.57
C ILE N 21 -35.42 0.36 13.05
N TYR N 22 -34.16 0.62 13.38
CA TYR N 22 -33.81 0.89 14.78
C TYR N 22 -34.52 2.09 15.37
N SER N 23 -34.67 3.13 14.58
CA SER N 23 -35.35 4.31 15.02
C SER N 23 -36.83 4.04 15.25
N ARG N 24 -37.42 3.14 14.48
CA ARG N 24 -38.82 2.77 14.70
C ARG N 24 -38.97 1.95 15.97
N LEU N 25 -37.95 1.19 16.32
CA LEU N 25 -37.99 0.45 17.58
C LEU N 25 -37.78 1.38 18.78
N LEU N 26 -37.10 2.50 18.56
CA LEU N 26 -36.81 3.45 19.61
C LEU N 26 -38.15 4.03 20.08
N LYS N 27 -39.08 4.15 19.14
CA LYS N 27 -40.42 4.64 19.44
C LYS N 27 -41.14 3.74 20.45
N ASP N 28 -40.79 2.45 20.50
CA ASP N 28 -41.33 1.55 21.53
C ASP N 28 -40.37 1.40 22.70
N ARG N 29 -39.43 2.33 22.83
CA ARG N 29 -38.48 2.36 23.93
C ARG N 29 -37.51 1.15 23.89
N VAL N 30 -37.13 0.75 22.68
CA VAL N 30 -36.13 -0.30 22.51
C VAL N 30 -34.83 0.27 21.97
N ILE N 31 -33.75 0.05 22.71
CA ILE N 31 -32.42 0.45 22.27
C ILE N 31 -31.60 -0.79 21.95
N PHE N 32 -30.94 -0.77 20.81
CA PHE N 32 -30.10 -1.87 20.39
C PHE N 32 -28.64 -1.56 20.67
N LEU N 33 -27.98 -2.45 21.40
CA LEU N 33 -26.57 -2.30 21.68
C LEU N 33 -25.85 -3.42 20.97
N VAL N 34 -25.27 -3.13 19.82
CA VAL N 34 -24.71 -4.19 18.98
C VAL N 34 -23.31 -3.90 18.44
N GLY N 35 -22.61 -4.96 18.04
CA GLY N 35 -21.26 -4.82 17.56
C GLY N 35 -20.30 -4.61 18.73
N GLN N 36 -19.10 -4.17 18.41
CA GLN N 36 -18.11 -3.88 19.43
C GLN N 36 -18.59 -2.75 20.29
N VAL N 37 -18.45 -2.89 21.60
CA VAL N 37 -18.74 -1.76 22.45
C VAL N 37 -17.53 -0.84 22.38
N GLU N 38 -17.73 0.33 21.80
CA GLU N 38 -16.70 1.36 21.77
C GLU N 38 -17.37 2.72 21.91
N ASP N 39 -16.57 3.77 22.15
CA ASP N 39 -17.10 5.10 22.51
C ASP N 39 -18.18 5.60 21.57
N HIS N 40 -17.97 5.48 20.27
CA HIS N 40 -18.94 5.99 19.31
C HIS N 40 -20.35 5.45 19.58
N ALA N 42 -21.33 3.78 22.10
CA ALA N 42 -21.68 3.89 23.51
C ALA N 42 -22.40 5.21 23.73
N ASN N 43 -21.81 6.27 23.21
CA ASN N 43 -22.41 7.59 23.40
C ASN N 43 -23.76 7.72 22.73
N LEU N 44 -23.92 7.09 21.57
CA LEU N 44 -25.23 7.01 20.93
C LEU N 44 -26.23 6.26 21.77
N ALA N 45 -25.78 5.28 22.55
CA ALA N 45 -26.71 4.54 23.40
C ALA N 45 -27.10 5.38 24.60
N ILE N 46 -26.12 6.05 25.18
CA ILE N 46 -26.37 6.96 26.30
C ILE N 46 -27.38 8.02 25.88
N ALA N 47 -27.20 8.60 24.70
CA ALA N 47 -28.11 9.61 24.18
C ALA N 47 -29.51 9.08 23.99
N GLN N 48 -29.67 7.82 23.58
CA GLN N 48 -31.00 7.25 23.42
C GLN N 48 -31.69 7.07 24.75
N LEU N 50 -31.13 8.95 27.46
CA LEU N 50 -31.49 10.31 27.87
C LEU N 50 -32.74 10.78 27.14
N PHE N 51 -32.83 10.45 25.86
CA PHE N 51 -33.98 10.83 25.08
C PHE N 51 -35.22 10.10 25.57
N LEU N 52 -35.08 8.81 25.83
CA LEU N 52 -36.21 8.02 26.30
C LEU N 52 -36.67 8.50 27.67
N GLU N 53 -35.73 8.97 28.48
CA GLU N 53 -36.05 9.43 29.84
C GLU N 53 -36.76 10.77 29.81
N SER N 54 -36.44 11.56 28.79
CA SER N 54 -37.04 12.85 28.54
C SER N 54 -38.49 12.68 28.09
N GLU N 55 -38.76 11.71 27.22
CA GLU N 55 -40.12 11.42 26.81
C GLU N 55 -41.04 10.91 27.91
N ASN N 56 -40.56 9.98 28.72
CA ASN N 56 -41.30 9.44 29.82
C ASN N 56 -40.32 8.89 30.82
N PRO N 57 -40.24 9.47 31.99
CA PRO N 57 -39.25 9.05 32.96
C PRO N 57 -39.74 7.90 33.76
N ASN N 58 -40.95 7.48 33.50
CA ASN N 58 -41.52 6.39 34.29
C ASN N 58 -41.74 5.06 33.58
N LYS N 59 -41.60 5.01 32.26
CA LYS N 59 -41.73 3.74 31.54
C LYS N 59 -40.37 3.08 31.37
N ASP N 60 -40.34 1.74 31.44
CA ASP N 60 -39.12 0.99 31.25
C ASP N 60 -38.46 1.32 29.92
N ILE N 61 -37.13 1.27 29.93
CA ILE N 61 -36.32 1.29 28.73
C ILE N 61 -35.82 -0.13 28.49
N ASN N 62 -35.86 -0.57 27.23
CA ASN N 62 -35.46 -1.92 26.88
C ASN N 62 -34.17 -1.91 26.12
N LEU N 63 -33.13 -2.48 26.74
CA LEU N 63 -31.82 -2.56 26.12
C LEU N 63 -31.57 -3.96 25.56
N TYR N 64 -31.51 -4.07 24.25
CA TYR N 64 -31.29 -5.36 23.60
C TYR N 64 -29.83 -5.50 23.19
N ILE N 65 -29.18 -6.54 23.70
CA ILE N 65 -27.74 -6.63 23.59
C ILE N 65 -27.34 -7.79 22.71
N ASN N 66 -26.44 -7.49 21.78
CA ASN N 66 -25.78 -8.49 20.95
C ASN N 66 -24.39 -7.97 20.62
N SER N 67 -23.45 -8.18 21.51
CA SER N 67 -22.10 -7.66 21.35
C SER N 67 -21.05 -8.73 21.63
N PRO N 68 -20.27 -9.07 20.60
CA PRO N 68 -19.19 -10.07 20.72
C PRO N 68 -17.90 -9.50 21.31
N GLY N 69 -17.84 -8.21 21.56
CA GLY N 69 -16.59 -7.69 22.08
C GLY N 69 -16.58 -6.23 22.45
N GLY N 70 -15.41 -5.72 22.81
CA GLY N 70 -15.29 -4.31 23.11
C GLY N 70 -14.73 -4.00 24.49
N ALA N 71 -14.49 -2.71 24.73
CA ALA N 71 -13.80 -2.24 25.92
C ALA N 71 -14.72 -1.96 27.09
N VAL N 72 -14.36 -2.52 28.25
CA VAL N 72 -15.06 -2.27 29.50
C VAL N 72 -15.10 -0.79 29.91
N THR N 73 -14.07 -0.01 29.58
CA THR N 73 -14.08 1.42 29.87
C THR N 73 -15.18 2.14 29.10
N SER N 74 -15.45 1.69 27.86
CA SER N 74 -16.56 2.27 27.11
C SER N 74 -17.88 1.87 27.72
N ALA N 75 -18.02 0.61 28.08
CA ALA N 75 -19.26 0.12 28.66
C ALA N 75 -19.53 0.84 29.97
N ALA N 77 -19.30 3.95 30.88
CA ALA N 77 -20.11 5.13 30.70
C ALA N 77 -21.57 4.72 30.47
N ILE N 78 -21.81 3.63 29.74
CA ILE N 78 -23.19 3.20 29.50
C ILE N 78 -23.80 2.70 30.80
N TYR N 79 -23.06 1.86 31.52
CA TYR N 79 -23.49 1.41 32.83
C TYR N 79 -23.95 2.56 33.73
N ASP N 80 -23.07 3.55 33.94
CA ASP N 80 -23.44 4.73 34.76
C ASP N 80 -24.70 5.43 34.24
N THR N 81 -24.82 5.55 32.93
CA THR N 81 -26.00 6.16 32.31
C THR N 81 -27.25 5.41 32.71
N GLN N 83 -27.76 3.63 35.47
CA GLN N 83 -28.09 3.86 36.87
C GLN N 83 -28.59 5.30 37.07
N PHE N 84 -28.12 6.21 36.21
CA PHE N 84 -28.44 7.62 36.32
C PHE N 84 -29.87 7.97 35.91
N VAL N 85 -30.30 7.50 34.73
CA VAL N 85 -31.65 7.87 34.26
C VAL N 85 -32.75 7.23 35.13
N LYS N 86 -33.92 7.86 35.15
CA LYS N 86 -34.99 7.44 36.06
C LYS N 86 -35.61 6.09 35.71
N PRO N 87 -35.93 5.84 34.43
CA PRO N 87 -36.57 4.57 34.07
C PRO N 87 -35.76 3.33 34.44
N ASP N 88 -36.45 2.26 34.83
CA ASP N 88 -35.84 0.96 34.95
C ASP N 88 -35.31 0.57 33.58
N VAL N 89 -34.11 0.01 33.53
CA VAL N 89 -33.58 -0.45 32.26
C VAL N 89 -33.58 -1.97 32.22
N ARG N 90 -34.49 -2.51 31.41
CA ARG N 90 -34.59 -3.94 31.17
C ARG N 90 -33.48 -4.39 30.20
N THR N 91 -32.78 -5.47 30.53
CA THR N 91 -31.76 -5.97 29.62
C THR N 91 -32.10 -7.34 29.06
N LEU N 92 -31.99 -7.47 27.75
CA LEU N 92 -32.17 -8.74 27.11
C LEU N 92 -31.00 -9.01 26.19
N CYS N 93 -30.36 -10.16 26.35
CA CYS N 93 -29.33 -10.57 25.45
C CYS N 93 -29.93 -11.43 24.36
N ILE N 94 -30.01 -10.87 23.16
CA ILE N 94 -30.45 -11.63 22.01
C ILE N 94 -29.49 -12.71 21.50
N GLY N 95 -28.20 -12.43 21.50
CA GLY N 95 -27.23 -13.41 21.06
C GLY N 95 -25.97 -13.51 21.89
N GLN N 96 -25.14 -12.50 21.81
CA GLN N 96 -23.88 -12.49 22.52
C GLN N 96 -23.76 -11.37 23.50
N ALA N 97 -23.13 -11.66 24.61
CA ALA N 97 -22.80 -10.66 25.58
C ALA N 97 -21.40 -10.97 26.06
N ALA N 98 -20.42 -10.30 25.49
CA ALA N 98 -19.04 -10.48 25.87
C ALA N 98 -18.80 -9.61 27.07
N SER N 99 -17.58 -9.45 27.50
CA SER N 99 -17.36 -8.78 28.74
C SER N 99 -17.89 -7.36 28.87
N ALA N 100 -17.69 -6.51 27.89
CA ALA N 100 -18.30 -5.20 27.94
C ALA N 100 -19.83 -5.36 27.97
N GLY N 101 -20.36 -6.11 27.03
CA GLY N 101 -21.79 -6.31 26.91
C GLY N 101 -22.40 -6.97 28.14
N ALA N 102 -21.67 -7.87 28.81
CA ALA N 102 -22.23 -8.64 29.91
C ALA N 102 -22.36 -7.76 31.15
N LEU N 103 -21.40 -6.84 31.29
CA LEU N 103 -21.49 -5.80 32.30
C LEU N 103 -22.84 -5.07 32.25
N LEU N 104 -23.25 -4.69 31.04
CA LEU N 104 -24.53 -3.97 30.87
C LEU N 104 -25.68 -4.91 31.08
N LEU N 105 -25.58 -6.12 30.57
CA LEU N 105 -26.63 -7.12 30.76
C LEU N 105 -26.89 -7.25 32.26
N ALA N 106 -25.81 -7.42 33.03
CA ALA N 106 -25.88 -7.62 34.46
C ALA N 106 -26.33 -6.36 35.21
N GLY N 107 -26.05 -5.19 34.64
CA GLY N 107 -26.38 -3.93 35.31
C GLY N 107 -27.79 -3.44 35.04
N GLY N 108 -28.62 -4.32 34.50
CA GLY N 108 -30.03 -4.03 34.33
C GLY N 108 -30.75 -3.96 35.66
N ALA N 109 -31.97 -3.42 35.64
CA ALA N 109 -32.79 -3.34 36.84
C ALA N 109 -33.10 -4.74 37.41
N LYS N 110 -33.10 -4.85 38.74
CA LYS N 110 -33.39 -6.13 39.40
C LYS N 110 -34.66 -6.78 38.88
N GLY N 111 -34.52 -8.04 38.47
CA GLY N 111 -35.64 -8.81 37.99
C GLY N 111 -35.87 -8.69 36.50
N LYS N 112 -35.15 -7.78 35.86
CA LYS N 112 -35.47 -7.48 34.47
C LYS N 112 -34.30 -7.70 33.53
N ARG N 113 -33.51 -8.73 33.82
CA ARG N 113 -32.36 -9.10 33.02
C ARG N 113 -32.58 -10.51 32.45
N HIS N 114 -32.48 -10.65 31.15
CA HIS N 114 -32.83 -11.90 30.50
C HIS N 114 -31.90 -12.27 29.35
N CYS N 115 -32.03 -13.50 28.89
CA CYS N 115 -31.43 -13.86 27.62
C CYS N 115 -32.26 -14.94 26.95
N LEU N 116 -31.83 -15.32 25.76
CA LEU N 116 -32.51 -16.31 24.96
C LEU N 116 -31.79 -17.66 25.08
N PRO N 117 -32.43 -18.75 24.66
CA PRO N 117 -31.91 -20.09 24.97
C PRO N 117 -30.51 -20.40 24.42
N HIS N 118 -30.12 -19.77 23.31
CA HIS N 118 -28.79 -20.03 22.76
C HIS N 118 -27.83 -18.87 22.88
N SER N 119 -28.17 -17.93 23.75
CA SER N 119 -27.29 -16.79 23.99
C SER N 119 -25.97 -17.27 24.58
N SER N 120 -24.95 -16.46 24.35
CA SER N 120 -23.64 -16.75 24.87
C SER N 120 -23.22 -15.54 25.69
N VAL N 121 -23.01 -15.76 26.98
CA VAL N 121 -22.50 -14.73 27.87
C VAL N 121 -21.07 -15.09 28.28
N ILE N 123 -17.58 -13.34 30.60
CA ILE N 123 -16.90 -12.25 31.27
C ILE N 123 -15.38 -12.47 31.32
N HIS N 124 -14.62 -11.39 31.40
CA HIS N 124 -13.19 -11.49 31.63
C HIS N 124 -12.71 -10.18 32.19
N GLN N 125 -11.47 -10.18 32.68
CA GLN N 125 -10.91 -9.01 33.33
C GLN N 125 -10.65 -7.92 32.29
N VAL N 126 -10.53 -6.66 32.73
CA VAL N 126 -10.17 -5.56 31.84
C VAL N 126 -8.84 -5.79 31.09
N LEU N 127 -8.80 -5.30 29.87
CA LEU N 127 -7.58 -5.29 29.09
C LEU N 127 -7.14 -3.85 29.00
N GLY N 128 -5.82 -3.62 29.00
CA GLY N 128 -5.29 -2.28 28.76
C GLY N 128 -3.96 -2.28 28.04
N GLY N 129 -3.22 -1.20 28.21
CA GLY N 129 -1.93 -1.08 27.55
C GLY N 129 -1.36 0.31 27.70
N TYR N 130 -0.06 0.40 27.80
CA TYR N 130 0.62 1.69 27.77
C TYR N 130 2.06 1.60 27.28
N GLN N 131 2.53 2.67 26.66
CA GLN N 131 3.91 2.75 26.21
C GLN N 131 4.51 4.10 26.62
N GLY N 132 5.73 4.10 27.14
CA GLY N 132 6.37 5.34 27.54
C GLY N 132 7.35 5.18 28.67
N GLN N 133 7.64 6.27 29.38
CA GLN N 133 8.58 6.19 30.49
C GLN N 133 8.04 5.32 31.61
N GLY N 134 8.95 4.69 32.36
CA GLY N 134 8.59 3.79 33.44
C GLY N 134 7.60 4.42 34.42
N THR N 135 7.93 5.63 34.84
CA THR N 135 7.08 6.41 35.72
C THR N 135 5.65 6.43 35.23
N ASP N 136 5.48 6.62 33.93
CA ASP N 136 4.15 6.72 33.34
C ASP N 136 3.54 5.33 33.27
N ILE N 137 4.36 4.32 33.04
CA ILE N 137 3.86 2.95 33.03
C ILE N 137 3.29 2.61 34.39
N GLN N 138 3.94 3.05 35.45
CA GLN N 138 3.44 2.77 36.79
C GLN N 138 2.12 3.50 37.02
N ILE N 139 2.00 4.73 36.53
CA ILE N 139 0.78 5.53 36.68
C ILE N 139 -0.43 4.89 35.98
N HIS N 140 -0.20 4.42 34.77
CA HIS N 140 -1.28 3.82 33.99
C HIS N 140 -1.64 2.43 34.47
N ALA N 141 -0.64 1.72 34.97
CA ALA N 141 -0.82 0.40 35.57
C ALA N 141 -1.73 0.50 36.81
N LYS N 142 -1.48 1.48 37.67
CA LYS N 142 -2.31 1.66 38.87
C LYS N 142 -3.74 1.95 38.46
N GLN N 143 -3.91 2.78 37.44
CA GLN N 143 -5.24 3.16 37.00
C GLN N 143 -5.95 1.94 36.43
N THR N 144 -5.20 1.05 35.79
CA THR N 144 -5.80 -0.16 35.23
C THR N 144 -6.25 -1.07 36.36
N GLN N 145 -5.44 -1.14 37.41
CA GLN N 145 -5.81 -1.90 38.59
C GLN N 145 -7.12 -1.34 39.16
N ARG N 146 -7.24 -0.01 39.20
CA ARG N 146 -8.46 0.62 39.67
C ARG N 146 -9.67 0.22 38.81
N VAL N 147 -9.52 0.29 37.51
CA VAL N 147 -10.61 -0.08 36.60
C VAL N 147 -11.01 -1.53 36.81
N SER N 148 -10.02 -2.39 36.99
CA SER N 148 -10.23 -3.83 37.20
C SER N 148 -11.03 -4.10 38.48
N ASP N 149 -10.69 -3.37 39.53
CA ASP N 149 -11.43 -3.47 40.78
C ASP N 149 -12.86 -2.97 40.61
N GLN N 150 -13.05 -1.87 39.87
CA GLN N 150 -14.42 -1.38 39.63
C GLN N 150 -15.29 -2.40 38.90
N LEU N 151 -14.72 -3.05 37.89
CA LEU N 151 -15.47 -4.09 37.17
C LEU N 151 -15.85 -5.24 38.11
N ASN N 152 -14.93 -5.65 38.98
CA ASN N 152 -15.25 -6.71 39.93
C ASN N 152 -16.37 -6.28 40.89
N GLN N 153 -16.27 -5.06 41.42
CA GLN N 153 -17.27 -4.54 42.35
C GLN N 153 -18.65 -4.43 41.70
N ILE N 154 -18.71 -3.91 40.49
CA ILE N 154 -19.98 -3.81 39.79
C ILE N 154 -20.62 -5.18 39.60
N LEU N 155 -19.84 -6.15 39.15
CA LEU N 155 -20.36 -7.50 38.91
C LEU N 155 -20.77 -8.17 40.21
N ALA N 156 -19.94 -8.03 41.24
CA ALA N 156 -20.25 -8.53 42.59
C ALA N 156 -21.61 -8.02 43.04
N LYS N 157 -21.82 -6.71 42.90
CA LYS N 157 -23.04 -6.03 43.33
C LYS N 157 -24.34 -6.53 42.69
N HIS N 158 -24.35 -6.65 41.37
CA HIS N 158 -25.55 -7.08 40.67
C HIS N 158 -25.75 -8.60 40.67
N THR N 159 -24.71 -9.38 40.90
CA THR N 159 -24.84 -10.84 40.86
C THR N 159 -25.03 -11.45 42.24
N GLY N 160 -24.54 -10.76 43.26
CA GLY N 160 -24.58 -11.28 44.61
C GLY N 160 -23.33 -12.01 45.04
N LYS N 161 -22.38 -12.15 44.14
CA LYS N 161 -21.11 -12.82 44.44
C LYS N 161 -20.09 -11.97 45.17
N ASP N 162 -19.11 -12.63 45.78
CA ASP N 162 -17.94 -11.97 46.35
C ASP N 162 -17.10 -11.34 45.26
N ILE N 163 -16.46 -10.22 45.57
CA ILE N 163 -15.51 -9.65 44.65
C ILE N 163 -14.34 -10.61 44.44
N GLU N 164 -13.92 -11.27 45.50
CA GLU N 164 -12.86 -12.27 45.37
C GLU N 164 -13.27 -13.37 44.39
N ARG N 165 -14.50 -13.85 44.50
CA ARG N 165 -15.04 -14.85 43.57
C ARG N 165 -15.04 -14.34 42.12
N VAL N 166 -15.48 -13.09 41.92
CA VAL N 166 -15.60 -12.54 40.59
C VAL N 166 -14.22 -12.30 40.00
N GLU N 167 -13.32 -11.77 40.81
CA GLU N 167 -11.94 -11.60 40.43
C GLU N 167 -11.35 -12.92 39.97
N LYS N 168 -11.65 -13.98 40.70
CA LYS N 168 -11.15 -15.30 40.32
C LYS N 168 -11.72 -15.75 38.97
N ASP N 169 -13.03 -15.57 38.78
CA ASP N 169 -13.70 -16.07 37.58
C ASP N 169 -13.34 -15.29 36.33
N THR N 170 -13.04 -14.01 36.48
CA THR N 170 -12.78 -13.17 35.33
C THR N 170 -11.31 -13.17 34.94
N ASN N 171 -10.51 -13.97 35.62
CA ASN N 171 -9.09 -14.01 35.34
C ASN N 171 -8.79 -14.38 33.91
N ARG N 172 -9.57 -15.31 33.38
CA ARG N 172 -9.49 -15.71 31.98
C ARG N 172 -10.91 -15.69 31.43
N ASP N 173 -11.06 -15.87 30.13
CA ASP N 173 -12.41 -15.88 29.55
C ASP N 173 -13.28 -16.90 30.25
N TYR N 174 -14.41 -16.45 30.79
CA TYR N 174 -15.34 -17.29 31.53
C TYR N 174 -16.68 -17.28 30.79
N PHE N 175 -16.99 -18.38 30.10
CA PHE N 175 -18.24 -18.49 29.36
C PHE N 175 -19.31 -19.04 30.27
N LEU N 176 -20.55 -18.60 30.07
CA LEU N 176 -21.68 -19.09 30.81
C LEU N 176 -22.78 -19.41 29.84
N THR N 177 -23.29 -20.63 29.92
CA THR N 177 -24.56 -20.94 29.30
C THR N 177 -25.63 -20.07 29.96
N PRO N 178 -26.76 -19.91 29.29
CA PRO N 178 -27.91 -19.20 29.87
C PRO N 178 -28.26 -19.66 31.29
N GLU N 179 -28.37 -20.98 31.51
CA GLU N 179 -28.66 -21.48 32.86
C GLU N 179 -27.58 -21.09 33.88
N GLU N 180 -26.32 -21.26 33.49
CA GLU N 180 -25.22 -20.87 34.36
C GLU N 180 -25.31 -19.38 34.69
N ALA N 181 -25.80 -18.58 33.74
CA ALA N 181 -25.85 -17.14 33.93
C ALA N 181 -26.96 -16.76 34.92
N VAL N 182 -28.10 -17.44 34.85
CA VAL N 182 -29.12 -17.30 35.88
C VAL N 182 -28.50 -17.69 37.22
N GLU N 183 -27.88 -18.86 37.28
CA GLU N 183 -27.29 -19.37 38.52
C GLU N 183 -26.20 -18.45 39.08
N TYR N 184 -25.47 -17.77 38.19
CA TYR N 184 -24.41 -16.89 38.62
C TYR N 184 -25.00 -15.59 39.17
N GLY N 185 -26.18 -15.22 38.66
CA GLY N 185 -26.82 -13.98 39.04
C GLY N 185 -26.59 -12.85 38.06
N LEU N 186 -26.12 -13.18 36.86
CA LEU N 186 -25.90 -12.16 35.82
C LEU N 186 -27.21 -11.81 35.13
N ILE N 187 -28.12 -12.77 35.09
CA ILE N 187 -29.49 -12.55 34.63
C ILE N 187 -30.49 -13.16 35.58
N ASP N 188 -31.75 -12.80 35.38
CA ASP N 188 -32.84 -13.22 36.27
C ASP N 188 -33.57 -14.44 35.70
N SER N 189 -33.64 -14.50 34.37
CA SER N 189 -34.34 -15.61 33.74
C SER N 189 -34.05 -15.69 32.25
N ILE N 190 -34.38 -16.84 31.68
CA ILE N 190 -34.23 -17.09 30.25
C ILE N 190 -35.62 -17.07 29.65
N PHE N 191 -35.82 -16.32 28.58
CA PHE N 191 -37.11 -16.41 27.90
C PHE N 191 -37.06 -17.68 27.10
N LYS N 192 -37.53 -18.75 27.72
CA LYS N 192 -37.47 -20.08 27.14
C LYS N 192 -38.42 -20.15 25.95
N GLU N 193 -38.18 -21.12 25.07
CA GLU N 193 -39.07 -21.36 23.94
C GLU N 193 -40.48 -21.72 24.48
N ARG N 194 -41.51 -21.05 23.98
CA ARG N 194 -42.86 -21.29 24.49
C ARG N 194 -43.71 -22.17 23.57
#